data_7Y85
#
_entry.id   7Y85
#
_cell.length_a   1.00
_cell.length_b   1.00
_cell.length_c   1.00
_cell.angle_alpha   90.00
_cell.angle_beta   90.00
_cell.angle_gamma   90.00
#
_symmetry.space_group_name_H-M   'P 1'
#
loop_
_entity.id
_entity.type
_entity.pdbx_description
1 polymer 'RAMP superfamily protein'
2 polymer crRNA
3 polymer 'Self RNA target'
4 polymer 'CHAT domain protein'
5 non-polymer 'ZINC ION'
6 non-polymer 'MAGNESIUM ION'
#
loop_
_entity_poly.entity_id
_entity_poly.type
_entity_poly.pdbx_seq_one_letter_code
_entity_poly.pdbx_strand_id
1 'polypeptide(L)'
;MHHHHHHKSNDMNITVELTFFEPYRLVEWFDWDARKKSHSAMRGQAFAQWTWKGKGRTAGKSFITGTLVRSAVIKAVEEL
LSLNNGKWEGVPCCNGSFQTDESKGKKPSFLRKRHTLQWQANNKNICDKEEACPFCILLGRFDNAGKVHERNKDYDIHFS
NFDLDHKQEKNDLRLVDIASGRILNRVDFDTGKAKDYFRTWEADYETYGTYTGRITLRNEHAKKLLLASLGFVDKLCGAL
CRIEVIKKSESPLPSDTKEQSYTKDDTVEVLSEDHNDELRKQAEVIVEAFKQNDKLEKIRILADAIRTLRLHGEGVIEKD
ELPDGKEERDKGHHLWDIKVQGTALRTKLKELWQSNKDIGWRKFTEMLGSNLYLIYKKETGGVSTRFRILGDTEYYSKAH
DSEGSDLFIPVTPPEGIETKEWIIVGRLKAATPFYFGVQQPSDSIPGKEKKSEDSLVINEHTSFNILLDKENRYRIPRSA
LRGALRRDLRTAFGSGCNVSLGGQILCNCKVCIEMRRITLKDSVSDFSEPPEIRYRIAKNPGTATVEDGSLFDIEVGPEG
LTFPFVLRYRGHKFPEQLSSVIRYWEENDGKNGMAWLGGLDSTGKGRFALKDIKIFEWDLNQKINEYIKERGMRGKEKEL
LEMGESSLPDGLIPYKFFEERECLFPYKENLKPQWSEVQYTIEVGSPLLTADTISALTEPGNRDAIAYKKRVYNDGNNAI
EPEPRFAVKSETHRGIFRTAVGRRTGDLGKEDHEDCTCDMCIIFGNEHESSKIRFEDLELINGNEFEKLEKHIDHVAIDR
FTGGALDKAKFDTYPLAGSPKKPLKLKGRFWIKKGFSGDHKLLITTALSDIRDGLYPLGSKGGVGYGWVAGISIDDNVPD
DFKEMINKTEMPLPEEVEESNNGPINNDYVHPGHQSPKQDHKNKNIYYPHYFLDSGSKVYREKDIITHEEFTEELLSGKI
NCKLETLTPLIIPDTSDENGLKLQGNKPGHKNYKFFNINGELMIPGSELRGMLRTHFEALTKSCFAIFGEDSTLSWRMNA
DEKDYKIDSNSIRKMESQRNPKYRIPDELQKELRNSGNGLFNRLYTSERRFWSDVSNKFENSIDYKREILRCAGRPKNYK
GGIIRQRKDSLMAEELKVHRLPLYDNFDIPDSAYKANDHCRKSATCSTSRGCRERFTCGIKVRDKNRVFLNAANNNRQYL
NNIKKSNHDLYLQYLKGEKKIRFNSKVITGSERSPIDVIAELNERGRQTGFIKLSGLNNSNKSQGNTGTTFNSGWDRFEL
NILLDDLETRPSKSDYPRPRLLFTKDQYEYNITKRCERVFEIDKGNKTGYPVDDQIKKNYEDILDSYDGIKDQEVAERFD
TFTRGSKLKVGDLVYFHIDGDNKIDSLIPVRISRKCASKTLGGKLDKALHPCTGLSDGLCPGCHLFGTTDYKGRVKFGFA
KYENGPEWLITRGNNPERSLTLGVLESPRPAFSIPDDESEIPGRKFYLHHNGWRIIRQKQLEIRETVQPERNVTTEVMDK
GNVFSFDVRFENLREWELGLLLQSLDPGKNIAHKLGKGKPYGFGSVKIKIDSLHTFKINSNNDKIKRVPQSDIREYINKG
YQKLIEWSGNNSIQKGNVLPQWHVIPHIDKLYKLLWVPFLNDSKLEPDVRYPVLNEESKGYIEGSDYTYKKLGDKDNLPY
KTRVKGLTTPWSPWNPFQVIAEHEEQEVNVTGSRPSVTDKIERDGKMV
;
A
2 'polyribonucleotide'
;GUUAUGAAACAAGAGAAGGACUUAAUGUCACGGUACCCAAUUUUCUGCCCCGGACUCCACGGCUGUUACUAGAGGUUAUG
AAACAAGAGAAGGACUUAAUGUCACGGUAC
;
B
3 'polyribonucleotide' CUCUAGUAACAGCCGUGGAGUCCGGGGCAGAAAAUUGGGUACCGUGACAUUAAGUC C
4 'polypeptide(L)'
;MNNTEENIDRIQEPTREDIDRKEAERLLDEAFNPRTKPVDRKKIINSALKILIGLYKEKKDDLTSASFISIARAYYLVSI
TILPKGTTIPEKKKEALRKGIEFIDRAINKFNGSILDSQRAFRIKSVLSIEFNRIDREKCDNIKLKNLLNEAVDKGCTDF
DTYEWDIQIAIRLCELGVDMEGHFDNLIKSNKANDLQKAKAYYFIKKDDHKAKEHMDKCTASLKYTPCSHRLWDETVGFI
ERLKGDSSTLWRDFAIKTYRSCRVQEKETGTLRLRWYWSRHRVLYDMAFLAVKEQADDEEPDVNVKQAKIKKLAEISDSL
KSRFSLRLSDMEKMPKSDDESNHEFKKFLDKCVTAYQDGYVINRSEDKEGQGENKSTTSKQPEPRPQAKLLELTQVPEGW
VVVHFYLNKLEGMGNAIVFDKCANSWQYKEFQYKELFEVFLTWQANYNLYKENAAEHLVTLCKKIGETMPFLFCDNFIPN
GKDVLFVPHDFLHRLPLHGSIENKTNGKLFLENHSCCYLPAWSFASEKEASTSDEYVLLKNFDQGHFETLQNNQIWGTQS
VKDGASSDDLENIRNNPRLLTILCHGEANMSNPFRSMLKLANGGITYLEILNSVKGLKGSQVILGACETDLVPPLSDVMD
EHYSVATALLLIGAAGVVGTMWKVRSNKTKSLIEWKLENIEYKLNEWQKETGGAAYKDHPPTFYRSIAFRSIGFPLGGSG
WSHPQFEKGGGSGGGSGGWSHPQFEK
;
D
#
loop_
_chem_comp.id
_chem_comp.type
_chem_comp.name
_chem_comp.formula
A RNA linking ADENOSINE-5'-MONOPHOSPHATE 'C10 H14 N5 O7 P'
C RNA linking CYTIDINE-5'-MONOPHOSPHATE 'C9 H14 N3 O8 P'
G RNA linking GUANOSINE-5'-MONOPHOSPHATE 'C10 H14 N5 O8 P'
MG non-polymer 'MAGNESIUM ION' 'Mg 2'
U RNA linking URIDINE-5'-MONOPHOSPHATE 'C9 H13 N2 O9 P'
ZN non-polymer 'ZINC ION' 'Zn 2'
#
# COMPACT_ATOMS: atom_id res chain seq x y z
N MET A 12 38.46 30.02 26.31
CA MET A 12 38.09 29.78 27.70
C MET A 12 36.58 29.87 27.87
N ASN A 13 35.97 30.84 27.20
CA ASN A 13 34.52 31.09 27.27
C ASN A 13 33.93 31.11 25.88
N ILE A 14 34.22 30.06 25.11
CA ILE A 14 33.81 29.94 23.71
C ILE A 14 32.32 30.17 23.54
N THR A 15 31.96 31.16 22.74
CA THR A 15 30.58 31.38 22.34
C THR A 15 30.42 30.83 20.93
N VAL A 16 29.58 29.80 20.79
CA VAL A 16 29.46 29.09 19.52
C VAL A 16 28.04 29.26 18.99
N GLU A 17 27.93 29.26 17.67
CA GLU A 17 26.65 29.35 16.98
C GLU A 17 26.42 28.07 16.21
N LEU A 18 25.27 27.43 16.43
CA LEU A 18 24.94 26.17 15.80
C LEU A 18 23.84 26.41 14.78
N THR A 19 24.14 26.17 13.51
CA THR A 19 23.23 26.45 12.40
C THR A 19 22.79 25.16 11.75
N PHE A 20 21.50 25.09 11.41
CA PHE A 20 20.92 23.91 10.79
C PHE A 20 20.71 24.15 9.30
N PHE A 21 20.97 23.12 8.51
CA PHE A 21 20.85 23.21 7.06
C PHE A 21 19.75 22.31 6.50
N GLU A 22 18.89 21.78 7.37
CA GLU A 22 17.69 21.08 6.95
C GLU A 22 16.73 21.08 8.13
N PRO A 23 15.43 20.85 7.89
CA PRO A 23 14.45 20.91 8.99
C PRO A 23 14.82 19.99 10.14
N TYR A 24 15.14 20.59 11.28
CA TYR A 24 15.54 19.83 12.45
C TYR A 24 14.31 19.48 13.29
N ARG A 25 14.39 18.34 13.97
CA ARG A 25 13.28 17.88 14.78
C ARG A 25 13.18 18.69 16.06
N LEU A 26 11.95 18.96 16.47
CA LEU A 26 11.66 19.69 17.69
C LEU A 26 10.75 18.83 18.57
N VAL A 27 10.90 18.98 19.88
CA VAL A 27 10.08 18.24 20.84
C VAL A 27 9.77 19.16 22.01
N GLU A 28 8.68 18.85 22.70
CA GLU A 28 8.32 19.61 23.88
C GLU A 28 9.24 19.27 25.03
N TRP A 29 9.61 20.28 25.81
CA TRP A 29 10.52 20.07 26.93
C TRP A 29 9.77 19.52 28.13
N PHE A 30 10.25 18.40 28.66
CA PHE A 30 9.78 17.86 29.92
C PHE A 30 10.98 17.50 30.78
N ASP A 31 10.90 17.79 32.07
CA ASP A 31 11.98 17.48 32.98
C ASP A 31 12.32 15.99 32.92
N TRP A 32 13.53 15.66 33.37
CA TRP A 32 14.03 14.30 33.19
C TRP A 32 13.09 13.27 33.82
N ASP A 33 12.57 13.57 35.00
CA ASP A 33 11.60 12.68 35.63
C ASP A 33 10.23 12.79 34.95
N ALA A 34 9.81 14.00 34.58
CA ALA A 34 8.53 14.19 33.92
C ALA A 34 8.56 13.76 32.46
N ARG A 35 9.74 13.49 31.90
CA ARG A 35 9.83 13.07 30.52
C ARG A 35 9.36 11.63 30.33
N LYS A 36 9.55 10.78 31.35
CA LYS A 36 9.18 9.39 31.23
C LYS A 36 7.68 9.20 31.07
N LYS A 37 6.88 10.15 31.55
CA LYS A 37 5.43 10.05 31.44
C LYS A 37 4.96 10.18 30.00
N SER A 38 5.66 10.96 29.19
CA SER A 38 5.27 11.22 27.81
C SER A 38 6.20 10.48 26.86
N HIS A 39 5.61 9.71 25.94
CA HIS A 39 6.41 8.94 24.99
C HIS A 39 7.05 9.82 23.92
N SER A 40 6.37 10.90 23.53
CA SER A 40 6.90 11.76 22.48
C SER A 40 8.19 12.43 22.91
N ALA A 41 8.26 12.91 24.16
CA ALA A 41 9.46 13.59 24.63
C ALA A 41 10.59 12.64 24.92
N MET A 42 10.28 11.40 25.31
CA MET A 42 11.33 10.40 25.49
C MET A 42 11.96 10.02 24.15
N ARG A 43 11.14 9.92 23.10
CA ARG A 43 11.67 9.70 21.76
C ARG A 43 12.50 10.90 21.30
N GLY A 44 12.04 12.10 21.58
CA GLY A 44 12.76 13.29 21.19
C GLY A 44 13.74 13.78 22.24
N GLN A 45 14.65 12.91 22.68
CA GLN A 45 15.67 13.33 23.63
C GLN A 45 16.90 13.90 22.95
N ALA A 46 17.10 13.60 21.66
CA ALA A 46 18.18 14.15 20.86
C ALA A 46 17.70 15.29 19.98
N PHE A 47 16.51 15.82 20.22
CA PHE A 47 15.92 16.88 19.42
C PHE A 47 16.16 18.22 20.08
N ALA A 48 15.65 19.27 19.44
CA ALA A 48 15.66 20.60 20.02
C ALA A 48 14.45 20.75 20.91
N GLN A 49 14.67 21.10 22.17
CA GLN A 49 13.59 21.14 23.15
C GLN A 49 12.77 22.41 22.99
N TRP A 50 11.46 22.28 23.12
CA TRP A 50 10.53 23.40 23.09
C TRP A 50 9.88 23.53 24.46
N THR A 51 9.98 24.71 25.06
CA THR A 51 9.36 25.00 26.33
C THR A 51 8.34 26.12 26.14
N TRP A 52 7.25 26.03 26.89
CA TRP A 52 6.14 26.98 26.75
C TRP A 52 6.40 28.19 27.64
N LYS A 53 6.54 29.36 27.02
CA LYS A 53 6.72 30.60 27.76
C LYS A 53 5.36 31.24 27.96
N GLY A 54 5.13 31.75 29.17
CA GLY A 54 3.81 32.22 29.52
C GLY A 54 2.86 31.06 29.73
N LYS A 55 1.57 31.33 29.50
CA LYS A 55 0.53 30.34 29.65
C LYS A 55 -0.41 30.39 28.46
N GLY A 56 -1.07 29.27 28.21
CA GLY A 56 -1.99 29.13 27.09
C GLY A 56 -1.52 28.19 26.01
N ARG A 57 -0.30 27.66 26.12
CA ARG A 57 0.25 26.71 25.15
C ARG A 57 0.25 27.28 23.73
N THR A 58 0.60 28.56 23.62
CA THR A 58 0.64 29.23 22.33
C THR A 58 2.06 29.62 21.93
N ALA A 59 2.75 30.38 22.76
CA ALA A 59 4.12 30.80 22.48
C ALA A 59 5.10 30.00 23.33
N GLY A 60 6.38 30.22 23.06
CA GLY A 60 7.41 29.52 23.81
C GLY A 60 8.77 29.87 23.28
N LYS A 61 9.78 29.19 23.82
CA LYS A 61 11.17 29.40 23.45
C LYS A 61 11.78 28.06 23.08
N SER A 62 12.40 27.99 21.90
CA SER A 62 13.10 26.80 21.46
C SER A 62 14.54 26.84 21.94
N PHE A 63 15.05 25.68 22.35
CA PHE A 63 16.43 25.59 22.81
C PHE A 63 16.94 24.17 22.61
N ILE A 64 18.26 24.04 22.68
CA ILE A 64 18.94 22.75 22.58
C ILE A 64 19.76 22.57 23.84
N THR A 65 19.56 21.44 24.52
CA THR A 65 20.27 21.21 25.76
C THR A 65 21.77 21.09 25.51
N GLY A 66 22.55 21.68 26.42
CA GLY A 66 23.99 21.55 26.31
C GLY A 66 24.46 20.12 26.45
N THR A 67 23.69 19.29 27.16
CA THR A 67 23.99 17.86 27.22
C THR A 67 23.86 17.21 25.86
N LEU A 68 22.95 17.71 25.02
CA LEU A 68 22.84 17.17 23.66
C LEU A 68 23.98 17.64 22.78
N VAL A 69 24.37 18.91 22.92
CA VAL A 69 25.55 19.40 22.21
C VAL A 69 26.81 18.71 22.74
N ARG A 70 26.86 18.48 24.07
CA ARG A 70 28.00 17.78 24.64
C ARG A 70 28.07 16.35 24.14
N SER A 71 26.94 15.66 24.07
CA SER A 71 26.93 14.28 23.59
C SER A 71 27.37 14.22 22.14
N ALA A 72 26.96 15.20 21.33
CA ALA A 72 27.40 15.25 19.94
C ALA A 72 28.88 15.62 19.85
N VAL A 73 29.36 16.47 20.75
CA VAL A 73 30.75 16.88 20.72
C VAL A 73 31.65 15.73 21.17
N ILE A 74 31.32 15.10 22.29
CA ILE A 74 32.13 13.98 22.76
C ILE A 74 32.00 12.77 21.84
N LYS A 75 30.94 12.74 21.02
CA LYS A 75 30.88 11.75 19.95
C LYS A 75 31.85 12.11 18.83
N ALA A 76 31.96 13.40 18.52
CA ALA A 76 32.93 13.84 17.51
C ALA A 76 34.36 13.71 18.01
N VAL A 77 34.58 13.89 19.32
CA VAL A 77 35.91 13.66 19.88
C VAL A 77 36.29 12.19 19.76
N GLU A 78 35.33 11.30 19.96
CA GLU A 78 35.58 9.87 19.78
C GLU A 78 36.02 9.58 18.35
N GLU A 79 35.27 10.09 17.37
CA GLU A 79 35.64 9.86 15.97
C GLU A 79 36.94 10.55 15.62
N LEU A 80 37.14 11.78 16.09
CA LEU A 80 38.38 12.49 15.78
C LEU A 80 39.59 11.76 16.35
N LEU A 81 39.48 11.25 17.56
CA LEU A 81 40.60 10.52 18.16
C LEU A 81 40.72 9.12 17.57
N SER A 82 39.60 8.49 17.23
CA SER A 82 39.68 7.19 16.57
C SER A 82 40.33 7.31 15.19
N LEU A 83 40.01 8.37 14.45
CA LEU A 83 40.62 8.57 13.15
C LEU A 83 42.12 8.78 13.26
N ASN A 84 42.56 9.50 14.29
CA ASN A 84 43.98 9.75 14.52
C ASN A 84 44.61 8.73 15.46
N ASN A 85 43.97 7.57 15.64
CA ASN A 85 44.49 6.49 16.47
C ASN A 85 44.74 6.94 17.90
N GLY A 86 43.81 7.72 18.44
CA GLY A 86 43.84 8.10 19.84
C GLY A 86 44.61 9.36 20.16
N LYS A 87 45.29 9.95 19.19
CA LYS A 87 46.01 11.19 19.39
C LYS A 87 45.24 12.34 18.76
N TRP A 88 45.65 13.57 19.08
CA TRP A 88 45.17 14.73 18.35
C TRP A 88 46.24 15.81 18.43
N GLU A 89 46.83 16.12 17.28
CA GLU A 89 47.87 17.15 17.18
C GLU A 89 49.06 16.85 18.09
N GLY A 90 49.35 15.56 18.29
CA GLY A 90 50.55 15.13 18.96
C GLY A 90 50.36 14.66 20.39
N VAL A 91 49.35 15.15 21.10
CA VAL A 91 49.11 14.78 22.48
C VAL A 91 48.24 13.52 22.48
N PRO A 92 48.72 12.40 23.00
CA PRO A 92 47.90 11.18 23.00
C PRO A 92 46.76 11.29 24.00
N CYS A 93 45.67 10.59 23.69
CA CYS A 93 44.49 10.55 24.54
C CYS A 93 44.16 9.10 24.85
N CYS A 94 43.76 8.84 26.09
CA CYS A 94 43.34 7.50 26.46
C CYS A 94 41.94 7.25 25.93
N ASN A 95 41.35 6.12 26.30
CA ASN A 95 40.04 5.77 25.79
C ASN A 95 38.91 6.52 26.49
N GLY A 96 39.21 7.33 27.49
CA GLY A 96 38.17 7.98 28.24
C GLY A 96 37.45 6.98 29.11
N SER A 97 36.29 7.40 29.61
CA SER A 97 35.43 6.53 30.40
C SER A 97 33.99 6.74 29.96
N PHE A 98 33.27 5.63 29.79
CA PHE A 98 31.86 5.69 29.42
C PHE A 98 31.06 4.66 30.20
N GLN A 99 31.48 4.37 31.43
CA GLN A 99 30.79 3.43 32.31
C GLN A 99 30.77 4.02 33.72
N THR A 100 29.58 4.31 34.23
CA THR A 100 29.41 4.73 35.61
C THR A 100 28.80 3.57 36.39
N ASP A 101 29.49 3.13 37.43
CA ASP A 101 28.97 2.07 38.27
C ASP A 101 27.81 2.60 39.10
N GLU A 102 26.71 1.84 39.10
CA GLU A 102 25.53 2.25 39.85
C GLU A 102 25.81 2.27 41.36
N SER A 103 26.73 1.43 41.82
CA SER A 103 27.04 1.39 43.24
C SER A 103 27.76 2.66 43.69
N LYS A 104 28.79 3.07 42.96
CA LYS A 104 29.55 4.25 43.36
C LYS A 104 28.70 5.52 43.25
N GLY A 105 27.96 5.66 42.16
CA GLY A 105 27.15 6.85 41.96
C GLY A 105 26.01 6.57 41.01
N LYS A 106 25.19 7.59 40.79
CA LYS A 106 24.04 7.45 39.92
C LYS A 106 24.46 7.44 38.46
N LYS A 107 23.59 6.86 37.63
CA LYS A 107 23.82 6.80 36.21
C LYS A 107 23.62 8.18 35.58
N PRO A 108 24.17 8.40 34.39
CA PRO A 108 23.88 9.64 33.67
C PRO A 108 22.42 9.70 33.26
N SER A 109 21.96 10.94 32.97
CA SER A 109 20.59 11.10 32.53
C SER A 109 20.32 10.40 31.22
N PHE A 110 21.37 10.16 30.43
CA PHE A 110 21.25 9.46 29.15
C PHE A 110 22.30 8.36 29.11
N LEU A 111 21.86 7.14 28.83
CA LEU A 111 22.74 5.99 28.72
C LEU A 111 23.07 5.74 27.25
N ARG A 112 24.30 5.33 26.98
CA ARG A 112 24.75 5.11 25.61
C ARG A 112 24.44 3.69 25.18
N LYS A 113 23.58 3.57 24.17
CA LYS A 113 23.30 2.28 23.55
C LYS A 113 24.27 1.93 22.45
N ARG A 114 25.07 2.89 21.99
CA ARG A 114 25.87 2.73 20.79
C ARG A 114 27.28 2.24 21.12
N HIS A 115 27.95 1.73 20.10
CA HIS A 115 29.34 1.32 20.23
C HIS A 115 30.22 2.56 20.41
N THR A 116 31.25 2.40 21.24
CA THR A 116 32.19 3.48 21.51
C THR A 116 33.48 3.22 20.75
N LEU A 117 33.89 4.21 19.95
CA LEU A 117 35.17 4.10 19.25
C LEU A 117 36.32 4.18 20.25
N GLN A 118 37.14 3.15 20.29
CA GLN A 118 38.26 3.08 21.20
C GLN A 118 39.54 2.81 20.42
N TRP A 119 40.66 2.90 21.12
CA TRP A 119 41.97 2.77 20.50
C TRP A 119 42.93 2.17 21.51
N GLN A 120 44.12 1.82 21.04
CA GLN A 120 45.19 1.38 21.92
C GLN A 120 45.74 2.62 22.64
N ALA A 121 45.36 2.79 23.90
CA ALA A 121 45.74 3.99 24.63
C ALA A 121 47.25 4.07 24.76
N ASN A 122 47.81 5.24 24.42
CA ASN A 122 49.24 5.47 24.46
C ASN A 122 49.62 6.60 25.41
N ASN A 123 48.70 7.06 26.25
CA ASN A 123 49.03 8.06 27.24
C ASN A 123 50.00 7.47 28.28
N LYS A 124 50.96 8.29 28.70
CA LYS A 124 52.01 7.79 29.59
C LYS A 124 51.44 7.35 30.93
N ASN A 125 50.53 8.13 31.50
CA ASN A 125 49.99 7.86 32.83
C ASN A 125 48.47 7.73 32.77
N ILE A 126 47.92 6.98 33.71
CA ILE A 126 46.48 6.86 33.83
C ILE A 126 45.89 8.22 34.20
N CYS A 127 44.89 8.66 33.45
CA CYS A 127 44.36 10.00 33.63
C CYS A 127 43.68 10.13 34.98
N ASP A 128 43.97 11.23 35.68
CA ASP A 128 43.38 11.51 36.97
C ASP A 128 43.10 13.02 37.04
N LYS A 129 42.76 13.49 38.24
CA LYS A 129 42.43 14.90 38.40
C LYS A 129 43.62 15.80 38.12
N GLU A 130 44.81 15.41 38.57
CA GLU A 130 45.98 16.28 38.42
C GLU A 130 46.39 16.41 36.97
N GLU A 131 46.43 15.29 36.23
CA GLU A 131 46.85 15.31 34.84
C GLU A 131 45.92 14.38 34.05
N ALA A 132 45.18 14.95 33.10
CA ALA A 132 44.24 14.21 32.28
C ALA A 132 44.47 14.54 30.82
N CYS A 133 44.16 13.57 29.95
CA CYS A 133 44.27 13.76 28.53
C CYS A 133 43.16 14.69 28.05
N PRO A 134 43.30 15.27 26.85
CA PRO A 134 42.23 16.14 26.34
C PRO A 134 40.88 15.45 26.24
N PHE A 135 40.86 14.14 26.03
CA PHE A 135 39.58 13.42 26.04
C PHE A 135 38.94 13.45 27.42
N CYS A 136 39.72 13.18 28.47
CA CYS A 136 39.18 13.20 29.82
C CYS A 136 38.81 14.61 30.25
N ILE A 137 39.48 15.62 29.67
CA ILE A 137 39.09 17.00 29.96
C ILE A 137 37.72 17.30 29.37
N LEU A 138 37.51 16.92 28.11
CA LEU A 138 36.25 17.21 27.43
C LEU A 138 35.11 16.39 28.00
N LEU A 139 35.38 15.15 28.44
CA LEU A 139 34.34 14.37 29.08
C LEU A 139 33.92 14.97 30.41
N GLY A 140 34.82 15.72 31.05
CA GLY A 140 34.56 16.18 32.40
C GLY A 140 34.74 15.11 33.45
N ARG A 141 35.63 14.15 33.19
CA ARG A 141 35.80 13.01 34.09
C ARG A 141 36.29 13.45 35.47
N PHE A 142 37.25 14.36 35.51
CA PHE A 142 37.91 14.76 36.75
C PHE A 142 37.76 16.26 36.94
N ASP A 143 36.63 16.65 37.51
CA ASP A 143 36.37 18.04 37.87
C ASP A 143 35.22 18.05 38.87
N ASN A 144 35.05 19.20 39.53
CA ASN A 144 34.08 19.30 40.61
C ASN A 144 32.65 19.10 40.14
N ALA A 145 32.39 19.20 38.84
CA ALA A 145 31.05 19.01 38.31
C ALA A 145 30.72 17.53 38.19
N GLY A 146 29.55 17.14 38.67
CA GLY A 146 29.15 15.76 38.65
C GLY A 146 27.76 15.55 38.06
N LYS A 147 27.13 14.43 38.42
CA LYS A 147 25.81 14.11 37.87
C LYS A 147 24.76 15.12 38.32
N VAL A 148 24.96 15.75 39.48
CA VAL A 148 24.02 16.74 40.01
C VAL A 148 24.68 18.12 39.85
N HIS A 149 24.01 19.01 39.13
CA HIS A 149 24.55 20.33 38.85
C HIS A 149 24.48 21.20 40.09
N GLU A 150 25.59 21.85 40.43
CA GLU A 150 25.65 22.77 41.55
C GLU A 150 25.96 24.19 41.10
N ARG A 151 27.05 24.40 40.38
CA ARG A 151 27.42 25.72 39.90
C ARG A 151 28.20 25.57 38.61
N ASN A 152 28.24 26.66 37.83
CA ASN A 152 28.90 26.63 36.53
C ASN A 152 30.42 26.65 36.66
N LYS A 153 30.95 27.14 37.77
CA LYS A 153 32.40 27.18 37.95
C LYS A 153 32.99 25.80 38.21
N ASP A 154 32.17 24.80 38.54
CA ASP A 154 32.69 23.46 38.80
C ASP A 154 33.12 22.77 37.52
N TYR A 155 32.57 23.19 36.38
CA TYR A 155 32.80 22.49 35.12
C TYR A 155 34.12 22.91 34.51
N ASP A 156 35.04 21.96 34.35
CA ASP A 156 36.24 22.22 33.54
C ASP A 156 35.85 22.47 32.09
N ILE A 157 34.87 21.72 31.59
CA ILE A 157 34.23 21.97 30.30
C ILE A 157 32.73 22.07 30.55
N HIS A 158 32.12 23.15 30.08
CA HIS A 158 30.71 23.38 30.30
C HIS A 158 30.03 23.70 28.97
N PHE A 159 28.92 23.03 28.70
CA PHE A 159 28.08 23.31 27.54
C PHE A 159 26.80 23.94 28.05
N SER A 160 26.63 25.24 27.81
CA SER A 160 25.38 25.88 28.17
C SER A 160 24.29 25.49 27.19
N ASN A 161 23.05 25.81 27.57
CA ASN A 161 21.93 25.58 26.67
C ASN A 161 22.06 26.45 25.43
N PHE A 162 21.57 25.94 24.32
CA PHE A 162 21.68 26.61 23.03
C PHE A 162 20.33 27.22 22.70
N ASP A 163 20.17 28.51 23.00
CA ASP A 163 18.92 29.20 22.75
C ASP A 163 18.83 29.63 21.29
N LEU A 164 17.62 29.52 20.74
CA LEU A 164 17.41 29.85 19.33
C LEU A 164 17.67 31.33 19.08
N ASP A 165 18.40 31.62 18.00
CA ASP A 165 18.73 32.98 17.63
C ASP A 165 17.60 33.54 16.76
N HIS A 166 16.81 34.44 17.34
CA HIS A 166 15.71 35.07 16.62
C HIS A 166 15.24 36.32 17.34
N ASP A 172 5.92 36.25 22.34
CA ASP A 172 7.17 35.56 22.03
C ASP A 172 7.11 34.94 20.64
N LEU A 173 7.51 33.67 20.56
CA LEU A 173 7.55 32.93 19.30
C LEU A 173 6.57 31.77 19.40
N ARG A 174 5.60 31.73 18.49
CA ARG A 174 4.61 30.67 18.49
C ARG A 174 5.22 29.38 17.97
N LEU A 175 4.74 28.25 18.51
CA LEU A 175 5.22 26.96 18.05
C LEU A 175 4.88 26.71 16.59
N VAL A 176 3.67 27.11 16.17
CA VAL A 176 3.26 26.91 14.78
C VAL A 176 4.13 27.72 13.84
N ASP A 177 4.67 28.84 14.31
CA ASP A 177 5.56 29.64 13.47
C ASP A 177 6.87 28.93 13.20
N ILE A 178 7.44 28.29 14.22
CA ILE A 178 8.77 27.69 14.07
C ILE A 178 8.69 26.25 13.58
N ALA A 179 7.76 25.46 14.11
CA ALA A 179 7.70 24.03 13.82
C ALA A 179 6.37 23.68 13.18
N SER A 180 6.40 22.61 12.39
CA SER A 180 5.19 22.02 11.82
C SER A 180 5.17 20.55 12.17
N GLY A 181 4.10 20.11 12.84
CA GLY A 181 3.98 18.71 13.18
C GLY A 181 3.86 17.86 11.93
N ARG A 182 4.67 16.81 11.86
CA ARG A 182 4.62 15.87 10.75
C ARG A 182 4.61 14.46 11.29
N ILE A 183 3.82 13.59 10.66
CA ILE A 183 3.77 12.19 11.00
C ILE A 183 4.83 11.46 10.18
N LEU A 184 5.81 10.88 10.86
CA LEU A 184 6.77 10.02 10.19
C LEU A 184 6.19 8.61 10.16
N ASN A 185 6.98 7.64 9.72
CA ASN A 185 6.41 6.35 9.36
C ASN A 185 7.44 5.26 9.51
N ARG A 186 6.97 4.05 9.80
CA ARG A 186 7.79 2.85 9.74
C ARG A 186 7.10 1.89 8.77
N VAL A 187 7.66 1.74 7.57
CA VAL A 187 7.07 0.92 6.53
C VAL A 187 7.66 -0.47 6.60
N ASP A 188 6.80 -1.48 6.72
CA ASP A 188 7.27 -2.86 6.73
C ASP A 188 7.86 -3.21 5.37
N PHE A 189 9.08 -3.75 5.37
CA PHE A 189 9.74 -4.08 4.12
C PHE A 189 9.02 -5.19 3.38
N ASP A 190 8.59 -6.24 4.10
CA ASP A 190 8.01 -7.40 3.45
C ASP A 190 6.65 -7.10 2.85
N THR A 191 5.84 -6.28 3.52
CA THR A 191 4.50 -5.96 3.05
C THR A 191 4.42 -4.65 2.29
N GLY A 192 5.35 -3.74 2.50
CA GLY A 192 5.29 -2.43 1.88
C GLY A 192 4.33 -1.47 2.54
N LYS A 193 3.67 -1.89 3.61
CA LYS A 193 2.69 -1.08 4.32
C LYS A 193 3.29 -0.60 5.64
N ALA A 194 2.85 0.57 6.08
CA ALA A 194 3.36 1.15 7.32
C ALA A 194 3.05 0.23 8.49
N LYS A 195 4.08 -0.13 9.25
CA LYS A 195 3.86 -0.86 10.48
C LYS A 195 3.19 0.03 11.52
N ASP A 196 3.74 1.22 11.72
CA ASP A 196 3.17 2.21 12.64
C ASP A 196 3.68 3.58 12.21
N TYR A 197 3.50 4.56 13.09
CA TYR A 197 3.94 5.91 12.78
C TYR A 197 4.24 6.64 14.08
N PHE A 198 4.79 7.85 13.94
CA PHE A 198 5.06 8.71 15.08
C PHE A 198 5.15 10.14 14.57
N ARG A 199 4.81 11.09 15.42
CA ARG A 199 4.79 12.49 15.05
C ARG A 199 5.96 13.22 15.69
N THR A 200 6.58 14.10 14.91
CA THR A 200 7.58 15.03 15.43
C THR A 200 7.19 16.44 14.99
N TRP A 201 7.98 17.40 15.44
CA TRP A 201 7.89 18.79 14.98
C TRP A 201 9.14 19.08 14.17
N GLU A 202 8.99 19.24 12.87
CA GLU A 202 10.12 19.61 12.01
C GLU A 202 10.21 21.12 11.99
N ALA A 203 11.15 21.66 12.75
CA ALA A 203 11.28 23.10 12.87
C ALA A 203 11.87 23.71 11.60
N ASP A 204 11.63 24.99 11.42
CA ASP A 204 12.01 25.71 10.20
C ASP A 204 13.46 26.14 10.31
N TYR A 205 14.35 25.47 9.57
CA TYR A 205 15.77 25.80 9.62
C TYR A 205 16.10 27.08 8.87
N GLU A 206 15.26 27.50 7.94
CA GLU A 206 15.58 28.69 7.15
C GLU A 206 15.39 29.96 7.96
N THR A 207 14.42 29.98 8.87
CA THR A 207 14.15 31.14 9.71
C THR A 207 14.59 30.93 11.16
N TYR A 208 14.45 29.72 11.68
CA TYR A 208 14.78 29.44 13.07
C TYR A 208 15.79 28.31 13.17
N GLY A 209 16.83 28.35 12.34
CA GLY A 209 17.84 27.32 12.32
C GLY A 209 19.14 27.65 13.02
N THR A 210 19.28 28.84 13.58
CA THR A 210 20.50 29.27 14.23
C THR A 210 20.30 29.25 15.74
N TYR A 211 21.13 28.45 16.42
CA TYR A 211 21.09 28.33 17.88
C TYR A 211 22.44 28.73 18.44
N THR A 212 22.45 29.66 19.39
CA THR A 212 23.69 30.14 19.98
C THR A 212 23.80 29.67 21.41
N GLY A 213 25.03 29.38 21.83
CA GLY A 213 25.28 28.90 23.18
C GLY A 213 26.73 29.13 23.53
N ARG A 214 27.02 28.98 24.82
CA ARG A 214 28.37 29.23 25.34
C ARG A 214 28.98 27.93 25.81
N ILE A 215 30.17 27.63 25.32
CA ILE A 215 30.97 26.50 25.78
C ILE A 215 32.14 27.07 26.56
N THR A 216 32.15 26.83 27.86
CA THR A 216 33.19 27.37 28.74
C THR A 216 34.17 26.25 29.07
N LEU A 217 35.40 26.38 28.58
CA LEU A 217 36.46 25.40 28.81
C LEU A 217 37.50 26.02 29.72
N ARG A 218 37.72 25.42 30.88
CA ARG A 218 38.67 25.93 31.85
C ARG A 218 39.99 25.16 31.83
N ASN A 219 40.21 24.33 30.83
CA ASN A 219 41.47 23.62 30.63
C ASN A 219 41.86 23.77 29.18
N GLU A 220 42.88 24.60 28.91
CA GLU A 220 43.30 24.87 27.54
C GLU A 220 43.99 23.67 26.89
N HIS A 221 44.29 22.62 27.65
CA HIS A 221 44.93 21.44 27.07
C HIS A 221 44.01 20.76 26.07
N ALA A 222 42.70 20.88 26.23
CA ALA A 222 41.74 20.30 25.30
C ALA A 222 41.12 21.34 24.37
N LYS A 223 41.67 22.55 24.33
CA LYS A 223 41.13 23.59 23.46
C LYS A 223 41.21 23.19 22.00
N LYS A 224 42.36 22.65 21.58
CA LYS A 224 42.54 22.26 20.19
C LYS A 224 41.61 21.12 19.81
N LEU A 225 41.46 20.14 20.71
CA LEU A 225 40.59 19.01 20.42
C LEU A 225 39.12 19.39 20.45
N LEU A 226 38.74 20.29 21.37
CA LEU A 226 37.34 20.71 21.46
C LEU A 226 36.94 21.50 20.22
N LEU A 227 37.75 22.46 19.80
CA LEU A 227 37.41 23.31 18.67
C LEU A 227 37.33 22.50 17.39
N ALA A 228 38.17 21.48 17.24
CA ALA A 228 38.09 20.61 16.07
C ALA A 228 36.83 19.76 16.09
N SER A 229 36.42 19.32 17.28
CA SER A 229 35.23 18.48 17.39
C SER A 229 33.96 19.27 17.08
N LEU A 230 33.97 20.58 17.34
CA LEU A 230 32.82 21.40 16.98
C LEU A 230 32.62 21.43 15.47
N GLY A 231 33.71 21.51 14.71
CA GLY A 231 33.62 21.44 13.26
C GLY A 231 33.40 20.05 12.71
N PHE A 232 33.58 19.02 13.54
CA PHE A 232 33.35 17.66 13.11
C PHE A 232 31.93 17.17 13.41
N VAL A 233 31.21 17.86 14.29
CA VAL A 233 29.82 17.53 14.56
C VAL A 233 29.02 17.75 13.29
N ASP A 234 28.51 16.66 12.70
CA ASP A 234 27.86 16.74 11.41
C ASP A 234 26.37 17.05 11.52
N LYS A 235 25.64 16.28 12.31
CA LYS A 235 24.20 16.45 12.42
C LYS A 235 23.80 16.51 13.88
N LEU A 236 22.77 17.31 14.15
CA LEU A 236 22.20 17.43 15.48
C LEU A 236 20.71 17.68 15.35
N CYS A 237 19.93 17.13 16.28
CA CYS A 237 18.48 17.31 16.31
C CYS A 237 17.82 16.88 15.00
N GLY A 238 18.35 15.81 14.40
CA GLY A 238 17.76 15.28 13.20
C GLY A 238 18.12 15.99 11.92
N ALA A 239 19.04 16.95 11.97
CA ALA A 239 19.37 17.75 10.81
C ALA A 239 20.87 17.94 10.71
N LEU A 240 21.35 18.07 9.49
CA LEU A 240 22.74 18.44 9.26
C LEU A 240 23.00 19.83 9.84
N CYS A 241 24.17 20.02 10.41
CA CYS A 241 24.47 21.27 11.08
C CYS A 241 25.94 21.57 10.99
N ARG A 242 26.29 22.83 11.19
CA ARG A 242 27.68 23.24 11.34
C ARG A 242 27.78 24.11 12.59
N ILE A 243 28.79 23.85 13.41
CA ILE A 243 29.00 24.54 14.68
C ILE A 243 30.16 25.49 14.50
N GLU A 244 29.89 26.78 14.59
CA GLU A 244 30.88 27.82 14.32
C GLU A 244 31.13 28.61 15.59
N VAL A 245 32.40 28.82 15.91
CA VAL A 245 32.78 29.65 17.06
C VAL A 245 32.75 31.11 16.64
N ILE A 246 31.99 31.92 17.36
CA ILE A 246 31.88 33.34 17.05
C ILE A 246 32.48 34.17 18.18
N ASP A 274 -9.59 38.80 10.40
CA ASP A 274 -8.73 37.84 9.72
C ASP A 274 -9.06 37.74 8.24
N HIS A 275 -8.03 37.54 7.42
CA HIS A 275 -8.26 37.27 6.01
C HIS A 275 -9.03 35.97 5.82
N ASN A 276 -8.67 34.94 6.60
CA ASN A 276 -9.36 33.66 6.52
C ASN A 276 -10.82 33.81 6.93
N ASP A 277 -11.10 34.58 7.98
CA ASP A 277 -12.48 34.75 8.42
C ASP A 277 -13.31 35.51 7.40
N GLU A 278 -12.75 36.55 6.79
CA GLU A 278 -13.48 37.28 5.75
C GLU A 278 -13.73 36.39 4.54
N LEU A 279 -12.75 35.58 4.15
CA LEU A 279 -12.95 34.63 3.08
C LEU A 279 -14.04 33.62 3.44
N ARG A 280 -14.09 33.19 4.69
CA ARG A 280 -15.14 32.29 5.14
C ARG A 280 -16.51 32.95 5.06
N LYS A 281 -16.61 34.22 5.45
CA LYS A 281 -17.88 34.92 5.37
C LYS A 281 -18.35 35.04 3.92
N GLN A 282 -17.45 35.39 3.01
CA GLN A 282 -17.92 35.56 1.64
C GLN A 282 -18.15 34.21 0.96
N ALA A 283 -17.48 33.16 1.43
CA ALA A 283 -17.84 31.81 0.98
C ALA A 283 -19.22 31.41 1.50
N GLU A 284 -19.54 31.77 2.75
CA GLU A 284 -20.92 31.68 3.22
C GLU A 284 -21.87 32.38 2.26
N VAL A 285 -21.48 33.55 1.78
CA VAL A 285 -22.31 34.28 0.83
C VAL A 285 -22.51 33.46 -0.44
N ILE A 286 -21.44 32.87 -0.96
CA ILE A 286 -21.54 32.06 -2.18
C ILE A 286 -22.47 30.87 -1.97
N VAL A 287 -22.29 30.15 -0.87
CA VAL A 287 -23.12 28.96 -0.63
C VAL A 287 -24.58 29.34 -0.41
N GLU A 288 -24.82 30.46 0.28
CA GLU A 288 -26.19 30.92 0.45
C GLU A 288 -26.82 31.28 -0.89
N ALA A 289 -26.05 31.93 -1.77
CA ALA A 289 -26.56 32.27 -3.09
C ALA A 289 -26.87 31.02 -3.90
N PHE A 290 -26.00 30.01 -3.84
CA PHE A 290 -26.25 28.77 -4.55
C PHE A 290 -27.48 28.05 -4.00
N LYS A 291 -27.66 28.08 -2.68
CA LYS A 291 -28.85 27.50 -2.08
C LYS A 291 -30.10 28.23 -2.55
N GLN A 292 -30.04 29.56 -2.66
CA GLN A 292 -31.18 30.30 -3.18
C GLN A 292 -31.49 29.91 -4.62
N ASN A 293 -30.48 29.51 -5.39
CA ASN A 293 -30.67 29.04 -6.75
C ASN A 293 -30.88 27.53 -6.82
N ASP A 294 -30.96 26.86 -5.67
CA ASP A 294 -31.18 25.41 -5.60
C ASP A 294 -30.08 24.65 -6.35
N LYS A 295 -28.83 25.07 -6.13
CA LYS A 295 -27.66 24.43 -6.71
C LYS A 295 -26.62 24.16 -5.63
N LEU A 296 -27.07 23.57 -4.52
CA LEU A 296 -26.16 23.30 -3.41
C LEU A 296 -25.10 22.28 -3.79
N GLU A 297 -25.46 21.25 -4.55
CA GLU A 297 -24.48 20.24 -4.94
C GLU A 297 -23.42 20.80 -5.86
N LYS A 298 -23.68 21.92 -6.53
CA LYS A 298 -22.67 22.56 -7.35
C LYS A 298 -21.59 23.24 -6.52
N ILE A 299 -21.83 23.45 -5.22
CA ILE A 299 -20.85 24.14 -4.38
C ILE A 299 -19.60 23.28 -4.21
N ARG A 300 -19.77 21.96 -4.10
CA ARG A 300 -18.62 21.07 -3.98
C ARG A 300 -17.73 21.15 -5.23
N ILE A 301 -18.35 21.11 -6.41
CA ILE A 301 -17.60 21.18 -7.66
C ILE A 301 -16.96 22.56 -7.81
N LEU A 302 -17.67 23.62 -7.39
CA LEU A 302 -17.09 24.95 -7.42
C LEU A 302 -15.90 25.06 -6.49
N ALA A 303 -15.97 24.44 -5.31
CA ALA A 303 -14.85 24.44 -4.38
C ALA A 303 -13.65 23.72 -4.98
N ASP A 304 -13.89 22.58 -5.63
CA ASP A 304 -12.80 21.89 -6.30
C ASP A 304 -12.20 22.73 -7.42
N ALA A 305 -13.05 23.43 -8.18
CA ALA A 305 -12.55 24.27 -9.27
C ALA A 305 -11.76 25.46 -8.75
N ILE A 306 -12.19 26.03 -7.63
CA ILE A 306 -11.50 27.20 -7.07
C ILE A 306 -10.12 26.81 -6.54
N ARG A 307 -10.04 25.68 -5.84
CA ARG A 307 -8.74 25.21 -5.38
C ARG A 307 -7.84 24.87 -6.55
N THR A 308 -8.42 24.42 -7.66
CA THR A 308 -7.64 24.17 -8.87
C THR A 308 -7.16 25.48 -9.49
N LEU A 309 -7.88 26.58 -9.25
CA LEU A 309 -7.55 27.85 -9.87
C LEU A 309 -6.18 28.38 -9.47
N ARG A 310 -5.58 27.85 -8.40
CA ARG A 310 -4.22 28.25 -8.04
C ARG A 310 -3.24 27.90 -9.13
N LEU A 311 -3.52 26.85 -9.91
CA LEU A 311 -2.63 26.47 -11.00
C LEU A 311 -2.64 27.50 -12.12
N HIS A 312 -3.82 28.08 -12.41
CA HIS A 312 -3.93 28.99 -13.54
C HIS A 312 -3.25 30.32 -13.28
N GLY A 313 -3.45 30.88 -12.09
CA GLY A 313 -2.81 32.12 -11.72
C GLY A 313 -3.78 33.29 -11.69
N GLU A 314 -3.20 34.46 -11.43
CA GLU A 314 -3.99 35.68 -11.29
C GLU A 314 -4.73 36.06 -12.56
N GLY A 315 -4.13 35.78 -13.72
CA GLY A 315 -4.72 36.16 -14.99
C GLY A 315 -6.01 35.46 -15.34
N VAL A 316 -6.30 34.31 -14.71
CA VAL A 316 -7.54 33.60 -14.98
C VAL A 316 -8.76 34.27 -14.35
N ILE A 317 -8.55 35.22 -13.44
CA ILE A 317 -9.63 36.02 -12.88
C ILE A 317 -9.51 37.48 -13.29
N GLU A 318 -8.30 38.05 -13.26
CA GLU A 318 -8.19 39.47 -13.54
C GLU A 318 -8.27 39.80 -15.03
N LYS A 319 -8.11 38.80 -15.91
CA LYS A 319 -8.33 38.99 -17.33
C LYS A 319 -9.62 38.35 -17.81
N ASP A 320 -10.46 37.89 -16.89
CA ASP A 320 -11.71 37.20 -17.23
C ASP A 320 -11.47 36.04 -18.19
N GLU A 321 -10.46 35.24 -17.87
CA GLU A 321 -10.10 34.09 -18.70
C GLU A 321 -10.96 32.87 -18.42
N LEU A 322 -11.87 32.94 -17.45
CA LEU A 322 -12.80 31.84 -17.22
C LEU A 322 -13.72 31.69 -18.43
N PRO A 323 -14.16 30.47 -18.73
CA PRO A 323 -15.06 30.27 -19.87
C PRO A 323 -16.34 31.08 -19.70
N ASP A 324 -16.79 31.68 -20.79
CA ASP A 324 -17.91 32.62 -20.76
C ASP A 324 -19.25 31.95 -21.04
N GLY A 325 -19.28 30.63 -21.15
CA GLY A 325 -20.51 29.95 -21.47
C GLY A 325 -20.80 29.98 -22.96
N LYS A 326 -22.04 29.61 -23.29
CA LYS A 326 -22.47 29.62 -24.68
C LYS A 326 -22.54 31.05 -25.20
N GLU A 327 -22.41 31.17 -26.53
CA GLU A 327 -22.34 32.49 -27.15
C GLU A 327 -23.65 33.26 -27.01
N GLU A 328 -24.78 32.56 -26.93
CA GLU A 328 -26.09 33.19 -26.89
C GLU A 328 -26.86 32.90 -25.61
N ARG A 329 -26.45 31.90 -24.84
CA ARG A 329 -27.21 31.49 -23.66
C ARG A 329 -27.40 32.65 -22.69
N ASP A 330 -28.64 32.84 -22.25
CA ASP A 330 -28.92 33.91 -21.29
C ASP A 330 -28.24 33.65 -19.96
N LYS A 331 -28.22 32.41 -19.50
CA LYS A 331 -27.57 32.05 -18.24
C LYS A 331 -26.06 32.05 -18.34
N GLY A 332 -25.49 32.16 -19.53
CA GLY A 332 -24.04 32.14 -19.67
C GLY A 332 -23.46 30.83 -19.19
N HIS A 333 -22.40 30.92 -18.38
CA HIS A 333 -21.79 29.73 -17.82
C HIS A 333 -22.68 29.15 -16.72
N HIS A 334 -22.77 27.82 -16.67
CA HIS A 334 -23.63 27.17 -15.69
C HIS A 334 -23.08 27.27 -14.27
N LEU A 335 -21.81 27.60 -14.11
CA LEU A 335 -21.22 27.75 -12.79
C LEU A 335 -20.62 29.12 -12.54
N TRP A 336 -19.89 29.68 -13.50
CA TRP A 336 -19.23 30.96 -13.29
C TRP A 336 -20.15 32.15 -13.49
N ASP A 337 -21.36 31.94 -14.01
CA ASP A 337 -22.31 33.02 -14.21
C ASP A 337 -23.51 32.91 -13.29
N ILE A 338 -23.48 32.01 -12.32
CA ILE A 338 -24.53 31.92 -11.31
C ILE A 338 -24.51 33.20 -10.50
N LYS A 339 -25.57 34.00 -10.61
CA LYS A 339 -25.62 35.29 -9.92
C LYS A 339 -25.67 35.05 -8.41
N VAL A 340 -24.73 35.66 -7.69
CA VAL A 340 -24.63 35.45 -6.25
C VAL A 340 -25.48 36.47 -5.52
N GLN A 341 -25.22 37.75 -5.76
CA GLN A 341 -25.93 38.85 -5.13
C GLN A 341 -26.29 39.89 -6.17
N GLY A 342 -26.85 39.43 -7.30
CA GLY A 342 -27.12 40.29 -8.43
C GLY A 342 -25.98 40.40 -9.42
N THR A 343 -24.83 39.79 -9.14
CA THR A 343 -23.68 39.81 -10.02
C THR A 343 -23.21 38.39 -10.30
N ALA A 344 -22.62 38.19 -11.47
CA ALA A 344 -22.16 36.87 -11.87
C ALA A 344 -21.04 36.40 -10.95
N LEU A 345 -20.88 35.06 -10.87
CA LEU A 345 -19.88 34.49 -9.97
C LEU A 345 -18.47 34.86 -10.40
N ARG A 346 -18.23 35.01 -11.70
CA ARG A 346 -16.90 35.42 -12.14
C ARG A 346 -16.58 36.83 -11.67
N THR A 347 -17.54 37.75 -11.77
CA THR A 347 -17.32 39.11 -11.30
C THR A 347 -17.09 39.15 -9.80
N LYS A 348 -17.86 38.34 -9.05
CA LYS A 348 -17.70 38.35 -7.61
C LYS A 348 -16.38 37.70 -7.20
N LEU A 349 -15.91 36.71 -7.97
CA LEU A 349 -14.57 36.16 -7.74
C LEU A 349 -13.49 37.21 -8.00
N LYS A 350 -13.67 38.02 -9.05
CA LYS A 350 -12.76 39.14 -9.27
C LYS A 350 -12.77 40.10 -8.09
N GLU A 351 -13.96 40.41 -7.58
CA GLU A 351 -14.07 41.30 -6.42
C GLU A 351 -13.40 40.69 -5.18
N LEU A 352 -13.57 39.38 -5.00
CA LEU A 352 -12.95 38.70 -3.86
C LEU A 352 -11.43 38.74 -3.97
N TRP A 353 -10.90 38.51 -5.17
CA TRP A 353 -9.46 38.58 -5.37
C TRP A 353 -8.93 39.98 -5.11
N GLN A 354 -9.68 41.01 -5.54
CA GLN A 354 -9.29 42.38 -5.20
C GLN A 354 -9.32 42.59 -3.70
N SER A 355 -10.32 42.05 -3.02
CA SER A 355 -10.43 42.21 -1.57
C SER A 355 -9.34 41.43 -0.85
N ASN A 356 -9.10 40.19 -1.27
CA ASN A 356 -8.15 39.30 -0.60
C ASN A 356 -6.83 39.19 -1.36
N LYS A 357 -6.39 40.28 -1.96
CA LYS A 357 -5.12 40.27 -2.70
C LYS A 357 -3.92 40.06 -1.79
N ASP A 358 -4.04 40.41 -0.50
CA ASP A 358 -2.89 40.40 0.39
C ASP A 358 -2.34 38.99 0.59
N ILE A 359 -3.22 37.99 0.73
CA ILE A 359 -2.76 36.64 1.02
C ILE A 359 -2.09 35.99 -0.18
N GLY A 360 -2.23 36.58 -1.37
CA GLY A 360 -1.69 36.00 -2.58
C GLY A 360 -2.67 35.08 -3.27
N TRP A 361 -2.40 34.82 -4.55
CA TRP A 361 -3.34 34.05 -5.36
C TRP A 361 -3.48 32.63 -4.83
N ARG A 362 -2.35 31.97 -4.54
CA ARG A 362 -2.40 30.58 -4.13
C ARG A 362 -3.15 30.42 -2.82
N LYS A 363 -2.84 31.26 -1.83
CA LYS A 363 -3.53 31.19 -0.55
C LYS A 363 -5.00 31.58 -0.70
N PHE A 364 -5.29 32.56 -1.54
CA PHE A 364 -6.67 32.99 -1.74
C PHE A 364 -7.52 31.87 -2.33
N THR A 365 -6.99 31.18 -3.34
CA THR A 365 -7.76 30.11 -3.98
C THR A 365 -7.80 28.86 -3.11
N GLU A 366 -6.74 28.58 -2.36
CA GLU A 366 -6.76 27.43 -1.47
C GLU A 366 -7.76 27.64 -0.33
N MET A 367 -7.75 28.83 0.27
CA MET A 367 -8.64 29.10 1.39
C MET A 367 -10.08 29.24 0.93
N LEU A 368 -10.32 30.00 -0.14
CA LEU A 368 -11.68 30.14 -0.66
C LEU A 368 -12.21 28.80 -1.15
N GLY A 369 -11.37 28.02 -1.84
CA GLY A 369 -11.77 26.69 -2.22
C GLY A 369 -12.03 25.79 -1.03
N SER A 370 -11.17 25.86 -0.02
CA SER A 370 -11.40 25.10 1.20
C SER A 370 -12.62 25.62 1.95
N ASN A 371 -12.75 26.95 2.08
CA ASN A 371 -13.88 27.51 2.80
C ASN A 371 -15.20 27.13 2.14
N LEU A 372 -15.25 27.17 0.82
CA LEU A 372 -16.43 26.69 0.11
C LEU A 372 -16.67 25.21 0.39
N TYR A 373 -15.60 24.43 0.47
CA TYR A 373 -15.72 23.03 0.88
C TYR A 373 -16.17 22.91 2.32
N LEU A 374 -15.56 23.69 3.22
CA LEU A 374 -15.87 23.56 4.65
C LEU A 374 -17.33 23.89 4.91
N ILE A 375 -17.84 24.94 4.27
CA ILE A 375 -19.23 25.32 4.45
C ILE A 375 -20.16 24.31 3.80
N TYR A 376 -19.78 23.80 2.62
CA TYR A 376 -20.60 22.79 1.95
C TYR A 376 -20.76 21.55 2.82
N LYS A 377 -19.70 21.16 3.51
CA LYS A 377 -19.77 19.97 4.37
C LYS A 377 -20.74 20.19 5.53
N LYS A 378 -20.71 21.36 6.16
CA LYS A 378 -21.62 21.61 7.27
C LYS A 378 -23.05 21.81 6.79
N GLU A 379 -23.23 22.24 5.54
CA GLU A 379 -24.57 22.34 4.98
C GLU A 379 -25.16 20.96 4.70
N THR A 380 -24.32 20.00 4.33
CA THR A 380 -24.76 18.65 4.03
C THR A 380 -24.54 17.66 5.16
N GLY A 381 -23.50 17.84 5.96
CA GLY A 381 -23.20 16.93 7.05
C GLY A 381 -21.79 16.39 6.93
N GLY A 382 -21.05 16.45 8.03
CA GLY A 382 -19.68 15.97 8.04
C GLY A 382 -18.68 17.03 8.43
N PHE A 387 -13.73 8.92 15.21
CA PHE A 387 -13.37 7.86 16.14
C PHE A 387 -12.83 6.64 15.41
N ARG A 388 -11.72 6.10 15.90
CA ARG A 388 -11.07 4.94 15.32
C ARG A 388 -11.04 3.81 16.34
N ILE A 389 -11.51 2.63 15.94
CA ILE A 389 -11.43 1.46 16.80
C ILE A 389 -9.98 1.04 16.93
N LEU A 390 -9.64 0.46 18.08
CA LEU A 390 -8.30 -0.04 18.42
C LEU A 390 -7.27 1.08 18.50
N GLY A 391 -7.68 2.34 18.48
CA GLY A 391 -6.76 3.45 18.62
C GLY A 391 -5.94 3.71 17.38
N ASP A 392 -5.13 4.76 17.46
CA ASP A 392 -4.23 5.11 16.38
C ASP A 392 -2.88 4.41 16.54
N THR A 393 -2.36 3.88 15.44
CA THR A 393 -1.13 3.10 15.46
C THR A 393 0.09 4.02 15.51
N GLU A 394 0.10 4.92 16.48
CA GLU A 394 1.20 5.83 16.72
C GLU A 394 2.08 5.23 17.82
N TYR A 395 3.26 4.75 17.45
CA TYR A 395 4.12 4.02 18.36
C TYR A 395 5.41 4.81 18.60
N TYR A 396 5.73 5.04 19.86
CA TYR A 396 7.02 5.55 20.28
C TYR A 396 7.75 4.49 21.08
N SER A 397 9.05 4.35 20.81
CA SER A 397 9.86 3.36 21.52
C SER A 397 9.97 3.68 23.01
N SER A 405 19.33 -3.39 30.72
CA SER A 405 20.71 -3.72 31.03
C SER A 405 21.67 -3.10 30.02
N ASP A 406 22.46 -2.13 30.47
CA ASP A 406 23.38 -1.42 29.60
C ASP A 406 24.72 -2.13 29.52
N LEU A 407 25.33 -2.08 28.35
CA LEU A 407 26.64 -2.69 28.11
C LEU A 407 27.51 -1.71 27.35
N PHE A 408 28.79 -1.69 27.71
CA PHE A 408 29.78 -0.90 27.00
C PHE A 408 30.41 -1.76 25.92
N ILE A 409 30.23 -1.36 24.66
CA ILE A 409 30.79 -2.12 23.54
C ILE A 409 31.89 -1.28 22.91
N PRO A 410 33.15 -1.53 23.24
CA PRO A 410 34.25 -0.76 22.65
C PRO A 410 34.56 -1.26 21.25
N VAL A 411 34.45 -0.37 20.27
CA VAL A 411 34.79 -0.68 18.89
C VAL A 411 36.17 -0.08 18.63
N THR A 412 37.12 -0.95 18.30
CA THR A 412 38.50 -0.53 18.08
C THR A 412 38.85 -0.74 16.61
N PRO A 413 38.83 0.31 15.79
CA PRO A 413 39.26 0.17 14.40
C PRO A 413 40.71 -0.26 14.34
N PRO A 414 41.08 -1.09 13.36
CA PRO A 414 42.48 -1.51 13.24
C PRO A 414 43.39 -0.31 13.04
N GLU A 415 44.56 -0.36 13.67
CA GLU A 415 45.55 0.69 13.48
C GLU A 415 46.01 0.69 12.03
N GLY A 416 45.98 1.87 11.40
CA GLY A 416 46.36 1.98 10.02
C GLY A 416 45.23 1.88 9.02
N ILE A 417 44.00 1.60 9.46
CA ILE A 417 42.87 1.61 8.55
C ILE A 417 42.63 3.04 8.08
N GLU A 418 42.24 3.17 6.81
CA GLU A 418 41.99 4.48 6.22
C GLU A 418 40.48 4.67 6.14
N THR A 419 39.98 5.66 6.88
CA THR A 419 38.56 5.96 6.93
C THR A 419 38.29 7.23 6.13
N LYS A 420 37.27 7.18 5.28
CA LYS A 420 36.94 8.29 4.40
C LYS A 420 35.46 8.59 4.51
N GLU A 421 35.10 9.82 4.16
CA GLU A 421 33.71 10.23 4.00
C GLU A 421 33.46 10.52 2.53
N TRP A 422 32.53 9.78 1.93
CA TRP A 422 32.17 9.97 0.54
C TRP A 422 30.89 10.79 0.47
N ILE A 423 30.96 11.92 -0.23
CA ILE A 423 29.80 12.77 -0.51
C ILE A 423 29.33 12.47 -1.93
N ILE A 424 28.07 12.10 -2.05
CA ILE A 424 27.42 11.87 -3.34
C ILE A 424 26.43 13.00 -3.54
N VAL A 425 26.68 13.84 -4.54
CA VAL A 425 25.81 14.98 -4.84
C VAL A 425 25.28 14.80 -6.25
N GLY A 426 23.97 14.84 -6.38
CA GLY A 426 23.33 14.74 -7.67
C GLY A 426 21.99 15.42 -7.59
N ARG A 427 21.08 15.03 -8.47
CA ARG A 427 19.73 15.55 -8.47
C ARG A 427 18.75 14.42 -8.64
N LEU A 428 17.68 14.44 -7.85
CA LEU A 428 16.61 13.44 -7.94
C LEU A 428 15.55 13.98 -8.89
N LYS A 429 15.56 13.50 -10.13
CA LYS A 429 14.57 13.91 -11.12
C LYS A 429 13.35 13.00 -10.99
N ALA A 430 12.19 13.61 -10.78
CA ALA A 430 10.95 12.85 -10.68
C ALA A 430 10.54 12.40 -12.07
N ALA A 431 10.80 11.14 -12.40
CA ALA A 431 10.41 10.61 -13.69
C ALA A 431 8.90 10.45 -13.81
N THR A 432 8.19 10.44 -12.69
CA THR A 432 6.75 10.30 -12.61
C THR A 432 6.21 11.34 -11.64
N PRO A 433 4.92 11.69 -11.73
CA PRO A 433 4.35 12.61 -10.74
C PRO A 433 4.52 12.09 -9.33
N PHE A 434 5.32 12.76 -8.51
CA PHE A 434 5.66 12.24 -7.21
C PHE A 434 4.62 12.65 -6.16
N TYR A 435 4.58 11.88 -5.08
CA TYR A 435 3.69 12.16 -3.96
C TYR A 435 4.42 11.81 -2.68
N PHE A 436 4.65 12.80 -1.83
CA PHE A 436 5.17 12.59 -0.49
C PHE A 436 4.06 12.94 0.48
N GLY A 437 3.48 11.91 1.10
CA GLY A 437 2.29 12.09 1.89
C GLY A 437 2.53 12.93 3.13
N VAL A 438 1.49 13.65 3.52
CA VAL A 438 1.49 14.40 4.77
C VAL A 438 0.06 14.45 5.29
N GLN A 439 -0.10 14.40 6.60
CA GLN A 439 -1.44 14.47 7.17
C GLN A 439 -2.01 15.88 7.01
N GLN A 440 -3.33 15.97 7.19
CA GLN A 440 -4.03 17.20 6.87
C GLN A 440 -3.54 18.35 7.75
N PRO A 441 -3.58 19.58 7.22
CA PRO A 441 -3.06 20.72 8.00
C PRO A 441 -3.74 20.91 9.34
N SER A 442 -5.02 20.58 9.45
CA SER A 442 -5.69 20.62 10.74
C SER A 442 -5.05 19.64 11.72
N ASP A 443 -4.73 18.44 11.24
CA ASP A 443 -4.09 17.45 12.10
C ASP A 443 -2.62 17.80 12.32
N SER A 444 -1.95 18.30 11.28
CA SER A 444 -0.52 18.59 11.35
C SER A 444 -0.25 19.94 12.01
N ILE A 445 -0.81 20.16 13.19
CA ILE A 445 -0.59 21.37 13.96
C ILE A 445 0.22 21.00 15.20
N PRO A 446 1.42 21.55 15.39
CA PRO A 446 2.20 21.19 16.58
C PRO A 446 1.61 21.80 17.84
N GLY A 447 1.65 21.02 18.92
CA GLY A 447 1.16 21.45 20.20
C GLY A 447 -0.31 21.19 20.46
N LYS A 448 -1.06 20.78 19.45
CA LYS A 448 -2.49 20.48 19.58
C LYS A 448 -2.72 19.10 18.97
N GLU A 449 -2.53 18.05 19.76
CA GLU A 449 -2.68 16.68 19.28
C GLU A 449 -3.33 15.79 20.33
N ASN A 459 -12.54 18.36 8.55
CA ASN A 459 -12.87 18.41 7.13
C ASN A 459 -11.63 18.63 6.28
N GLU A 460 -11.55 17.92 5.16
CA GLU A 460 -10.37 17.89 4.31
C GLU A 460 -10.79 18.19 2.87
N HIS A 461 -10.49 19.39 2.38
CA HIS A 461 -10.81 19.70 0.99
C HIS A 461 -10.02 18.81 0.05
N THR A 462 -8.73 18.63 0.32
CA THR A 462 -7.90 17.68 -0.41
C THR A 462 -7.70 16.46 0.48
N SER A 463 -8.11 15.30 -0.01
CA SER A 463 -8.04 14.09 0.80
C SER A 463 -6.59 13.78 1.17
N PHE A 464 -5.68 13.86 0.22
CA PHE A 464 -4.26 13.65 0.44
C PHE A 464 -3.49 14.88 -0.02
N ASN A 465 -2.65 15.41 0.87
CA ASN A 465 -1.82 16.55 0.57
C ASN A 465 -0.37 16.11 0.41
N ILE A 466 0.32 16.71 -0.54
CA ILE A 466 1.75 16.48 -0.71
C ILE A 466 2.50 17.31 0.33
N LEU A 467 3.70 16.85 0.67
CA LEU A 467 4.51 17.58 1.63
C LEU A 467 5.24 18.73 0.95
N LEU A 468 5.22 19.89 1.58
CA LEU A 468 5.86 21.09 1.03
C LEU A 468 6.69 21.80 2.09
N ASP A 469 7.17 22.99 1.77
CA ASP A 469 7.91 23.82 2.70
C ASP A 469 7.02 24.93 3.24
N LYS A 470 7.63 25.80 4.05
CA LYS A 470 6.97 27.07 4.38
C LYS A 470 6.80 27.93 3.14
N GLU A 471 7.71 27.78 2.17
CA GLU A 471 7.66 28.51 0.91
C GLU A 471 6.91 27.73 -0.17
N ASN A 472 6.23 26.65 0.21
CA ASN A 472 5.43 25.81 -0.67
C ASN A 472 6.26 25.05 -1.69
N ARG A 473 7.58 25.03 -1.53
CA ARG A 473 8.43 24.23 -2.40
C ARG A 473 8.23 22.75 -2.10
N TYR A 474 8.23 21.94 -3.15
CA TYR A 474 8.12 20.50 -2.97
C TYR A 474 9.33 19.98 -2.21
N ARG A 475 9.08 19.07 -1.28
CA ARG A 475 10.10 18.60 -0.36
C ARG A 475 10.20 17.09 -0.44
N ILE A 476 11.44 16.60 -0.57
CA ILE A 476 11.75 15.19 -0.34
C ILE A 476 12.34 15.08 1.06
N PRO A 477 11.61 14.57 2.04
CA PRO A 477 12.12 14.52 3.41
C PRO A 477 13.35 13.63 3.51
N ARG A 478 14.23 13.97 4.45
CA ARG A 478 15.34 13.08 4.74
C ARG A 478 14.84 11.73 5.20
N SER A 479 13.76 11.73 5.99
CA SER A 479 13.17 10.47 6.46
C SER A 479 12.67 9.64 5.30
N ALA A 480 11.96 10.25 4.36
CA ALA A 480 11.48 9.52 3.20
C ALA A 480 12.63 9.04 2.32
N LEU A 481 13.65 9.87 2.17
CA LEU A 481 14.82 9.47 1.39
C LEU A 481 15.65 8.43 2.12
N ARG A 482 15.68 8.48 3.46
CA ARG A 482 16.39 7.47 4.22
C ARG A 482 15.62 6.16 4.25
N GLY A 483 14.29 6.23 4.37
CA GLY A 483 13.49 5.02 4.41
C GLY A 483 13.51 4.26 3.10
N ALA A 484 13.51 4.97 1.98
CA ALA A 484 13.60 4.31 0.68
C ALA A 484 15.01 3.79 0.44
N LEU A 485 16.02 4.54 0.89
CA LEU A 485 17.40 4.06 0.77
C LEU A 485 17.63 2.83 1.64
N ARG A 486 17.08 2.82 2.86
CA ARG A 486 17.14 1.62 3.69
C ARG A 486 16.41 0.47 3.03
N ARG A 487 15.27 0.75 2.39
CA ARG A 487 14.54 -0.29 1.68
C ARG A 487 15.36 -0.88 0.54
N ASP A 488 16.01 -0.02 -0.25
CA ASP A 488 16.83 -0.50 -1.35
C ASP A 488 18.17 -1.04 -0.89
N LEU A 489 18.70 -0.54 0.22
CA LEU A 489 19.88 -1.15 0.81
C LEU A 489 19.57 -2.56 1.31
N ARG A 490 18.41 -2.75 1.92
CA ARG A 490 17.99 -4.08 2.33
C ARG A 490 17.78 -4.98 1.12
N THR A 491 17.23 -4.43 0.04
CA THR A 491 17.11 -5.19 -1.20
C THR A 491 18.47 -5.55 -1.75
N ALA A 492 19.40 -4.59 -1.78
CA ALA A 492 20.73 -4.84 -2.32
C ALA A 492 21.47 -5.89 -1.49
N PHE A 493 21.42 -5.77 -0.16
CA PHE A 493 22.01 -6.79 0.69
C PHE A 493 21.27 -8.11 0.59
N GLY A 494 19.96 -8.06 0.35
CA GLY A 494 19.12 -9.23 0.41
C GLY A 494 18.74 -9.64 1.82
N SER A 495 19.33 -9.01 2.83
CA SER A 495 19.09 -9.36 4.21
C SER A 495 19.13 -8.09 5.05
N GLY A 496 18.03 -7.79 5.72
CA GLY A 496 17.96 -6.63 6.58
C GLY A 496 16.96 -6.88 7.68
N CYS A 497 16.87 -5.91 8.58
CA CYS A 497 16.00 -6.02 9.74
C CYS A 497 14.73 -5.22 9.51
N ASN A 498 13.65 -5.67 10.13
CA ASN A 498 12.53 -4.78 10.40
C ASN A 498 12.92 -3.90 11.58
N VAL A 499 12.94 -2.58 11.37
CA VAL A 499 13.65 -1.69 12.27
C VAL A 499 13.01 -1.72 13.65
N SER A 500 13.71 -2.34 14.60
CA SER A 500 13.27 -2.36 15.99
C SER A 500 13.57 -1.03 16.64
N LEU A 501 12.66 -0.58 17.50
CA LEU A 501 12.73 0.74 18.09
C LEU A 501 12.98 0.64 19.58
N GLY A 502 14.03 1.32 20.05
CA GLY A 502 14.35 1.31 21.46
C GLY A 502 15.14 0.11 21.92
N GLY A 503 15.66 -0.69 20.99
CA GLY A 503 16.46 -1.83 21.40
C GLY A 503 17.72 -1.40 22.13
N GLN A 504 18.12 -2.20 23.12
CA GLN A 504 19.29 -1.86 23.91
C GLN A 504 20.58 -2.11 23.14
N ILE A 505 20.55 -3.02 22.17
CA ILE A 505 21.72 -3.39 21.40
C ILE A 505 21.55 -2.84 19.98
N LEU A 506 22.62 -2.22 19.46
CA LEU A 506 22.61 -1.75 18.09
C LEU A 506 22.34 -2.92 17.15
N CYS A 507 21.44 -2.72 16.19
CA CYS A 507 21.20 -3.72 15.18
C CYS A 507 22.42 -3.85 14.30
N ASN A 508 23.09 -4.99 14.36
CA ASN A 508 24.31 -5.22 13.61
C ASN A 508 24.06 -5.86 12.25
N CYS A 509 22.86 -5.73 11.72
CA CYS A 509 22.58 -6.26 10.39
C CYS A 509 23.39 -5.48 9.35
N LYS A 510 23.53 -6.09 8.17
CA LYS A 510 24.32 -5.47 7.11
C LYS A 510 23.73 -4.14 6.66
N VAL A 511 22.43 -3.94 6.84
CA VAL A 511 21.79 -2.68 6.45
C VAL A 511 22.02 -1.61 7.52
N CYS A 512 21.72 -1.95 8.77
CA CYS A 512 21.89 -0.98 9.86
C CYS A 512 23.34 -0.54 10.00
N ILE A 513 24.28 -1.43 9.71
CA ILE A 513 25.69 -1.06 9.79
C ILE A 513 26.01 0.03 8.80
N GLU A 514 25.52 -0.10 7.56
CA GLU A 514 25.77 0.93 6.56
C GLU A 514 24.87 2.14 6.78
N MET A 515 23.63 1.93 7.23
CA MET A 515 22.74 3.05 7.50
C MET A 515 23.27 3.95 8.61
N ARG A 516 24.01 3.37 9.56
CA ARG A 516 24.60 4.20 10.61
C ARG A 516 25.74 5.05 10.09
N ARG A 517 26.36 4.65 8.98
CA ARG A 517 27.39 5.45 8.33
C ARG A 517 26.84 6.37 7.25
N ILE A 518 25.57 6.24 6.90
CA ILE A 518 24.97 6.96 5.78
C ILE A 518 24.19 8.14 6.33
N THR A 519 24.49 9.34 5.83
CA THR A 519 23.76 10.55 6.16
C THR A 519 23.25 11.17 4.87
N LEU A 520 22.00 11.59 4.89
CA LEU A 520 21.35 12.20 3.72
C LEU A 520 20.99 13.65 4.05
N LYS A 521 20.27 14.28 3.14
CA LYS A 521 19.86 15.66 3.30
C LYS A 521 18.39 15.80 2.94
N ASP A 522 17.73 16.78 3.55
CA ASP A 522 16.36 17.11 3.20
C ASP A 522 16.38 17.91 1.92
N SER A 523 16.02 17.26 0.81
CA SER A 523 16.05 17.89 -0.50
C SER A 523 14.75 18.66 -0.73
N VAL A 524 14.89 19.89 -1.20
CA VAL A 524 13.76 20.76 -1.50
C VAL A 524 13.94 21.31 -2.91
N SER A 525 12.90 21.18 -3.74
CA SER A 525 12.97 21.67 -5.10
C SER A 525 12.90 23.19 -5.12
N ASP A 526 13.58 23.78 -6.10
CA ASP A 526 13.47 25.22 -6.37
C ASP A 526 12.28 25.49 -7.28
N PHE A 527 11.11 25.08 -6.79
CA PHE A 527 9.89 25.14 -7.59
C PHE A 527 8.71 25.08 -6.64
N SER A 528 7.91 26.16 -6.59
CA SER A 528 6.88 26.31 -5.58
C SER A 528 5.47 26.37 -6.16
N GLU A 529 5.29 26.05 -7.44
CA GLU A 529 3.97 26.10 -8.02
C GLU A 529 3.08 25.02 -7.40
N PRO A 530 1.76 25.25 -7.36
CA PRO A 530 0.88 24.37 -6.60
C PRO A 530 0.83 22.98 -7.19
N PRO A 531 0.50 21.98 -6.39
CA PRO A 531 0.44 20.61 -6.90
C PRO A 531 -0.83 20.36 -7.69
N GLU A 532 -0.70 19.60 -8.77
CA GLU A 532 -1.86 19.14 -9.51
C GLU A 532 -2.61 18.11 -8.68
N ILE A 533 -3.94 18.13 -8.78
CA ILE A 533 -4.79 17.22 -8.02
C ILE A 533 -5.14 16.03 -8.92
N ARG A 534 -4.94 14.83 -8.40
CA ARG A 534 -5.37 13.61 -9.06
C ARG A 534 -6.60 13.09 -8.33
N TYR A 535 -7.73 13.07 -9.01
CA TYR A 535 -8.92 12.45 -8.46
C TYR A 535 -8.91 10.96 -8.77
N ARG A 536 -9.23 10.15 -7.76
CA ARG A 536 -9.39 8.72 -7.95
C ARG A 536 -10.77 8.30 -7.47
N ILE A 537 -11.33 7.31 -8.17
CA ILE A 537 -12.60 6.71 -7.80
C ILE A 537 -12.36 5.21 -7.66
N ALA A 538 -13.31 4.55 -7.00
CA ALA A 538 -13.36 3.10 -6.96
C ALA A 538 -14.59 2.65 -7.73
N LYS A 539 -14.39 1.83 -8.75
CA LYS A 539 -15.51 1.29 -9.49
C LYS A 539 -16.27 0.28 -8.64
N ASN A 540 -17.59 0.32 -8.72
CA ASN A 540 -18.40 -0.71 -8.13
C ASN A 540 -18.34 -1.94 -9.02
N PRO A 541 -17.78 -3.07 -8.57
CA PRO A 541 -17.64 -4.22 -9.46
C PRO A 541 -18.96 -4.71 -10.02
N GLY A 542 -20.03 -4.72 -9.21
CA GLY A 542 -21.31 -5.21 -9.68
C GLY A 542 -21.92 -4.35 -10.75
N THR A 543 -21.90 -3.03 -10.57
CA THR A 543 -22.57 -2.11 -11.48
C THR A 543 -21.62 -1.39 -12.42
N ALA A 544 -20.31 -1.55 -12.25
CA ALA A 544 -19.29 -0.89 -13.06
C ALA A 544 -19.39 0.63 -13.00
N THR A 545 -20.06 1.16 -11.99
CA THR A 545 -20.15 2.59 -11.73
C THR A 545 -19.29 2.93 -10.53
N VAL A 546 -19.30 4.20 -10.15
CA VAL A 546 -18.52 4.64 -9.00
C VAL A 546 -19.09 4.03 -7.73
N GLU A 547 -18.22 3.45 -6.91
CA GLU A 547 -18.63 3.03 -5.58
C GLU A 547 -19.03 4.24 -4.77
N ASP A 548 -20.10 4.09 -3.98
CA ASP A 548 -20.58 5.20 -3.17
C ASP A 548 -19.51 5.61 -2.17
N GLY A 549 -19.24 6.90 -2.09
CA GLY A 549 -18.25 7.42 -1.17
C GLY A 549 -16.82 7.29 -1.64
N SER A 550 -16.58 6.77 -2.84
CA SER A 550 -15.23 6.53 -3.33
C SER A 550 -14.88 7.62 -4.35
N LEU A 551 -14.43 8.76 -3.82
CA LEU A 551 -13.96 9.86 -4.67
C LEU A 551 -13.04 10.72 -3.83
N PHE A 552 -11.75 10.68 -4.12
CA PHE A 552 -10.76 11.40 -3.33
C PHE A 552 -9.73 12.01 -4.27
N ASP A 553 -9.08 13.07 -3.79
CA ASP A 553 -8.11 13.83 -4.57
C ASP A 553 -6.76 13.79 -3.87
N ILE A 554 -5.69 13.72 -4.66
CA ILE A 554 -4.33 13.64 -4.17
C ILE A 554 -3.52 14.76 -4.82
N GLU A 555 -2.79 15.49 -3.99
CA GLU A 555 -1.84 16.48 -4.49
C GLU A 555 -0.57 15.77 -4.92
N VAL A 556 -0.19 15.91 -6.18
CA VAL A 556 1.01 15.29 -6.72
C VAL A 556 1.89 16.36 -7.33
N GLY A 557 3.19 16.23 -7.12
CA GLY A 557 4.15 17.13 -7.72
C GLY A 557 4.40 16.77 -9.17
N PRO A 558 4.84 17.73 -9.97
CA PRO A 558 5.05 17.46 -11.39
C PRO A 558 6.21 16.50 -11.61
N GLU A 559 6.11 15.73 -12.69
CA GLU A 559 7.21 14.89 -13.10
C GLU A 559 8.29 15.74 -13.78
N GLY A 560 9.53 15.26 -13.72
CA GLY A 560 10.64 16.02 -14.22
C GLY A 560 11.19 17.03 -13.24
N LEU A 561 10.59 17.17 -12.07
CA LEU A 561 11.09 18.10 -11.06
C LEU A 561 12.34 17.52 -10.41
N THR A 562 13.37 18.34 -10.28
CA THR A 562 14.66 17.91 -9.75
C THR A 562 14.84 18.40 -8.32
N PHE A 563 15.34 17.51 -7.47
CA PHE A 563 15.62 17.77 -6.07
C PHE A 563 17.09 17.55 -5.79
N PRO A 564 17.72 18.40 -4.99
CA PRO A 564 19.16 18.23 -4.72
C PRO A 564 19.44 17.02 -3.82
N PHE A 565 19.98 15.96 -4.41
CA PHE A 565 20.29 14.74 -3.67
C PHE A 565 21.67 14.86 -3.04
N VAL A 566 21.75 14.51 -1.75
CA VAL A 566 23.00 14.50 -1.02
C VAL A 566 23.06 13.22 -0.19
N LEU A 567 24.15 12.47 -0.32
CA LEU A 567 24.36 11.27 0.48
C LEU A 567 25.79 11.31 1.00
N ARG A 568 25.95 11.21 2.32
CA ARG A 568 27.26 11.15 2.96
C ARG A 568 27.44 9.76 3.54
N TYR A 569 28.47 9.06 3.09
CA TYR A 569 28.87 7.80 3.68
C TYR A 569 30.24 7.98 4.33
N ARG A 570 30.29 7.83 5.64
CA ARG A 570 31.53 7.95 6.41
C ARG A 570 31.91 6.56 6.87
N GLY A 571 32.94 5.99 6.27
CA GLY A 571 33.37 4.65 6.60
C GLY A 571 34.75 4.38 6.07
N HIS A 572 35.16 3.11 6.20
CA HIS A 572 36.51 2.72 5.80
C HIS A 572 36.56 2.30 4.33
N LYS A 573 35.52 1.65 3.84
CA LYS A 573 35.41 1.33 2.43
C LYS A 573 33.99 1.62 1.97
N PHE A 574 33.85 2.04 0.72
CA PHE A 574 32.53 2.30 0.17
C PHE A 574 31.87 0.98 -0.21
N PRO A 575 30.74 0.63 0.39
CA PRO A 575 30.16 -0.69 0.12
C PRO A 575 29.65 -0.78 -1.31
N GLU A 576 29.75 -2.00 -1.87
CA GLU A 576 29.19 -2.24 -3.19
C GLU A 576 27.67 -2.23 -3.18
N GLN A 577 27.06 -2.41 -2.01
CA GLN A 577 25.61 -2.35 -1.92
C GLN A 577 25.09 -0.93 -2.02
N LEU A 578 25.77 0.02 -1.36
CA LEU A 578 25.42 1.42 -1.52
C LEU A 578 25.72 1.91 -2.92
N SER A 579 26.81 1.41 -3.51
CA SER A 579 27.08 1.71 -4.91
C SER A 579 25.98 1.14 -5.80
N SER A 580 25.51 -0.06 -5.47
CA SER A 580 24.42 -0.66 -6.25
C SER A 580 23.14 0.14 -6.14
N VAL A 581 22.80 0.60 -4.94
CA VAL A 581 21.59 1.39 -4.76
C VAL A 581 21.71 2.71 -5.50
N ILE A 582 22.87 3.35 -5.42
CA ILE A 582 23.09 4.60 -6.16
C ILE A 582 23.01 4.33 -7.65
N ARG A 583 23.62 3.24 -8.12
CA ARG A 583 23.51 2.87 -9.53
C ARG A 583 22.08 2.51 -9.88
N TYR A 584 21.37 1.84 -8.96
CA TYR A 584 19.97 1.53 -9.17
C TYR A 584 19.13 2.79 -9.31
N TRP A 585 19.37 3.78 -8.44
CA TRP A 585 18.64 5.03 -8.50
C TRP A 585 19.07 5.91 -9.66
N GLU A 586 20.26 5.67 -10.21
CA GLU A 586 20.77 6.51 -11.28
C GLU A 586 19.98 6.31 -12.56
N GLU A 587 19.87 7.37 -13.33
CA GLU A 587 19.42 7.31 -14.72
C GLU A 587 20.63 7.61 -15.59
N ASN A 588 20.85 6.78 -16.60
CA ASN A 588 21.92 7.02 -17.57
C ASN A 588 21.65 6.24 -18.86
N ASP A 589 21.50 6.98 -19.95
CA ASP A 589 21.31 6.42 -21.29
C ASP A 589 20.11 5.48 -21.26
N GLY A 590 20.27 4.19 -21.49
CA GLY A 590 19.11 3.30 -21.57
C GLY A 590 18.47 3.01 -20.23
N LYS A 591 19.22 3.18 -19.13
CA LYS A 591 18.69 2.83 -17.82
C LYS A 591 17.63 3.83 -17.38
N ASN A 592 16.63 3.33 -16.66
CA ASN A 592 15.62 4.16 -16.04
C ASN A 592 15.91 4.27 -14.55
N GLY A 593 15.93 5.49 -14.04
CA GLY A 593 16.13 5.69 -12.61
C GLY A 593 15.03 5.03 -11.81
N MET A 594 15.41 4.32 -10.75
CA MET A 594 14.46 3.50 -10.00
C MET A 594 14.48 3.87 -8.52
N ALA A 595 14.45 5.17 -8.24
CA ALA A 595 14.38 5.66 -6.86
C ALA A 595 12.91 5.86 -6.52
N TRP A 596 12.25 4.79 -6.08
CA TRP A 596 10.86 4.88 -5.67
C TRP A 596 10.80 5.57 -4.32
N LEU A 597 10.54 6.87 -4.32
CA LEU A 597 10.50 7.67 -3.12
C LEU A 597 9.07 8.11 -2.84
N GLY A 598 8.69 8.11 -1.57
CA GLY A 598 7.37 8.54 -1.20
C GLY A 598 6.32 7.46 -1.38
N GLY A 599 5.07 7.88 -1.31
CA GLY A 599 3.94 6.97 -1.35
C GLY A 599 3.33 6.84 -2.74
N LEU A 600 2.23 6.10 -2.78
CA LEU A 600 1.47 5.84 -4.01
C LEU A 600 2.37 5.27 -5.09
N ASP A 601 3.29 4.38 -4.70
CA ASP A 601 4.17 3.76 -5.68
C ASP A 601 3.41 2.86 -6.63
N SER A 602 2.35 2.22 -6.15
CA SER A 602 1.57 1.32 -6.98
C SER A 602 0.93 2.07 -8.14
N THR A 603 0.46 3.28 -7.90
CA THR A 603 -0.01 4.16 -8.96
C THR A 603 1.13 4.91 -9.63
N GLY A 604 2.35 4.44 -9.47
CA GLY A 604 3.50 5.02 -10.14
C GLY A 604 3.79 6.46 -9.76
N LYS A 605 3.68 6.78 -8.48
CA LYS A 605 3.95 8.13 -7.98
C LYS A 605 5.26 8.11 -7.22
N GLY A 606 6.26 8.79 -7.75
CA GLY A 606 7.53 8.94 -7.08
C GLY A 606 8.65 8.07 -7.57
N ARG A 607 8.68 7.70 -8.85
CA ARG A 607 9.82 7.01 -9.40
C ARG A 607 10.87 8.05 -9.73
N PHE A 608 11.77 8.30 -8.79
CA PHE A 608 12.80 9.31 -8.98
C PHE A 608 14.00 8.70 -9.69
N ALA A 609 14.78 9.57 -10.32
CA ALA A 609 15.98 9.17 -11.03
C ALA A 609 17.13 10.05 -10.56
N LEU A 610 18.24 9.42 -10.18
CA LEU A 610 19.42 10.17 -9.80
C LEU A 610 20.22 10.55 -11.04
N LYS A 611 20.56 11.83 -11.15
CA LYS A 611 21.30 12.32 -12.30
C LYS A 611 22.33 13.34 -11.84
N ASP A 612 23.31 13.59 -12.70
CA ASP A 612 24.42 14.49 -12.41
C ASP A 612 25.13 14.09 -11.11
N ILE A 613 25.29 12.79 -10.92
CA ILE A 613 25.91 12.28 -9.70
C ILE A 613 27.40 12.52 -9.75
N LYS A 614 27.92 13.21 -8.74
CA LYS A 614 29.35 13.33 -8.51
C LYS A 614 29.64 12.76 -7.12
N ILE A 615 30.51 11.76 -7.06
CA ILE A 615 30.92 11.18 -5.80
C ILE A 615 32.33 11.68 -5.50
N PHE A 616 32.48 12.34 -4.36
CA PHE A 616 33.76 12.85 -3.91
C PHE A 616 34.21 12.09 -2.68
N GLU A 617 35.47 12.28 -2.30
CA GLU A 617 36.08 11.52 -1.23
C GLU A 617 36.80 12.45 -0.27
N TRP A 618 36.49 12.31 1.02
CA TRP A 618 37.18 13.03 2.08
C TRP A 618 38.19 12.09 2.73
N ASP A 619 39.47 12.38 2.57
CA ASP A 619 40.50 11.58 3.23
C ASP A 619 40.55 12.04 4.69
N LEU A 620 39.85 11.32 5.56
CA LEU A 620 39.69 11.75 6.95
C LEU A 620 40.87 11.40 7.83
N ASN A 621 41.83 10.60 7.35
CA ASN A 621 43.00 10.28 8.16
C ASN A 621 44.12 11.29 7.96
N GLN A 622 44.25 11.84 6.76
CA GLN A 622 45.26 12.85 6.47
C GLN A 622 44.66 14.24 6.30
N LYS A 623 43.62 14.36 5.48
CA LYS A 623 43.00 15.66 5.21
C LYS A 623 41.75 15.81 6.07
N ILE A 624 41.97 15.87 7.38
CA ILE A 624 40.88 16.07 8.33
C ILE A 624 40.84 17.50 8.86
N ASN A 625 41.99 18.18 9.00
CA ASN A 625 41.96 19.59 9.34
C ASN A 625 41.24 20.39 8.26
N GLU A 626 41.39 19.97 7.01
CA GLU A 626 40.66 20.60 5.91
C GLU A 626 39.20 20.19 5.91
N TYR A 627 38.90 18.95 6.31
CA TYR A 627 37.52 18.51 6.43
C TYR A 627 36.78 19.32 7.49
N ILE A 628 37.42 19.54 8.63
CA ILE A 628 36.82 20.36 9.68
C ILE A 628 36.74 21.81 9.22
N LYS A 629 37.77 22.29 8.53
CA LYS A 629 37.76 23.67 8.04
C LYS A 629 36.60 23.91 7.09
N GLU A 630 36.36 22.96 6.18
CA GLU A 630 35.22 23.04 5.27
C GLU A 630 33.93 22.57 5.91
N ARG A 631 34.00 22.05 7.14
CA ARG A 631 32.85 21.47 7.83
C ARG A 631 32.20 20.37 7.00
N GLY A 632 33.00 19.61 6.28
CA GLY A 632 32.49 18.50 5.49
C GLY A 632 31.56 18.94 4.37
N MET A 633 31.70 20.17 3.90
CA MET A 633 30.82 20.72 2.86
C MET A 633 29.36 20.64 3.28
N ARG A 634 29.11 20.82 4.57
CA ARG A 634 27.75 20.71 5.11
C ARG A 634 26.99 21.99 4.86
N GLY A 635 25.86 21.88 4.15
CA GLY A 635 25.09 23.05 3.74
C GLY A 635 25.60 23.71 2.49
N LYS A 636 26.81 23.40 2.04
CA LYS A 636 27.35 23.88 0.78
C LYS A 636 27.43 22.75 -0.25
N GLU A 637 26.47 21.84 -0.20
CA GLU A 637 26.45 20.69 -1.10
C GLU A 637 26.00 21.08 -2.50
N LYS A 638 25.07 22.02 -2.63
CA LYS A 638 24.69 22.49 -3.95
C LYS A 638 25.86 23.19 -4.62
N GLU A 639 26.66 23.93 -3.84
CA GLU A 639 27.89 24.49 -4.38
C GLU A 639 28.87 23.40 -4.78
N LEU A 640 28.83 22.25 -4.09
CA LEU A 640 29.70 21.13 -4.46
C LEU A 640 29.29 20.53 -5.79
N LEU A 641 27.99 20.58 -6.11
CA LEU A 641 27.51 19.96 -7.34
C LEU A 641 27.89 20.79 -8.57
N GLU A 642 27.76 22.11 -8.48
CA GLU A 642 28.10 22.95 -9.63
C GLU A 642 29.60 23.12 -9.80
N MET A 643 30.35 23.15 -8.70
CA MET A 643 31.76 23.49 -8.76
C MET A 643 32.56 22.41 -9.48
N GLY A 644 33.60 22.85 -10.18
CA GLY A 644 34.46 21.94 -10.91
C GLY A 644 35.53 21.33 -10.05
N GLU A 645 36.25 20.36 -10.63
CA GLU A 645 37.29 19.66 -9.90
C GLU A 645 38.44 20.57 -9.53
N SER A 646 38.64 21.66 -10.27
CA SER A 646 39.69 22.61 -9.92
C SER A 646 39.31 23.45 -8.70
N SER A 647 38.02 23.71 -8.52
CA SER A 647 37.52 24.52 -7.42
C SER A 647 37.16 23.70 -6.20
N LEU A 648 37.46 22.40 -6.20
CA LEU A 648 37.12 21.54 -5.08
C LEU A 648 37.87 22.00 -3.83
N PRO A 649 37.25 21.87 -2.65
CA PRO A 649 37.95 22.22 -1.40
C PRO A 649 39.15 21.32 -1.20
N ASP A 650 40.16 21.85 -0.51
CA ASP A 650 41.36 21.08 -0.23
C ASP A 650 41.00 19.85 0.60
N GLY A 651 41.54 18.70 0.19
CA GLY A 651 41.24 17.44 0.85
C GLY A 651 40.07 16.67 0.28
N LEU A 652 39.22 17.31 -0.51
CA LEU A 652 38.09 16.66 -1.14
C LEU A 652 38.44 16.34 -2.58
N ILE A 653 38.41 15.06 -2.94
CA ILE A 653 38.83 14.62 -4.26
C ILE A 653 37.70 13.80 -4.87
N PRO A 654 37.54 13.81 -6.20
CA PRO A 654 36.51 12.97 -6.82
C PRO A 654 36.81 11.49 -6.59
N TYR A 655 35.75 10.71 -6.41
CA TYR A 655 35.87 9.27 -6.19
C TYR A 655 35.95 8.61 -7.56
N LYS A 656 37.18 8.29 -7.98
CA LYS A 656 37.40 7.69 -9.29
C LYS A 656 37.10 6.20 -9.32
N PHE A 657 36.93 5.57 -8.16
CA PHE A 657 36.75 4.13 -8.07
C PHE A 657 35.29 3.73 -7.89
N PHE A 658 34.37 4.63 -8.20
CA PHE A 658 32.94 4.31 -8.09
C PHE A 658 32.60 3.17 -9.05
N GLU A 659 32.24 2.02 -8.49
CA GLU A 659 32.01 0.82 -9.29
C GLU A 659 30.91 1.06 -10.31
N GLU A 660 31.12 0.55 -11.52
CA GLU A 660 30.15 0.77 -12.59
C GLU A 660 28.90 -0.06 -12.36
N ARG A 661 27.88 0.20 -13.18
CA ARG A 661 26.58 -0.42 -12.99
C ARG A 661 26.66 -1.93 -13.16
N GLU A 662 27.34 -2.40 -14.19
CA GLU A 662 27.40 -3.82 -14.50
C GLU A 662 28.49 -4.55 -13.73
N CYS A 663 29.34 -3.83 -13.00
CA CYS A 663 30.40 -4.43 -12.20
C CYS A 663 29.99 -4.66 -10.75
N LEU A 664 28.74 -4.33 -10.40
CA LEU A 664 28.27 -4.41 -9.02
C LEU A 664 27.48 -5.70 -8.83
N PHE A 665 27.99 -6.58 -7.96
CA PHE A 665 27.29 -7.83 -7.70
C PHE A 665 25.92 -7.61 -7.06
N PRO A 666 25.76 -6.79 -6.02
CA PRO A 666 24.41 -6.60 -5.47
C PRO A 666 23.42 -6.00 -6.46
N TYR A 667 23.87 -5.12 -7.35
CA TYR A 667 22.95 -4.51 -8.31
C TYR A 667 22.39 -5.54 -9.27
N LYS A 668 23.23 -6.48 -9.74
CA LYS A 668 22.82 -7.35 -10.84
C LYS A 668 21.83 -8.42 -10.42
N GLU A 669 21.93 -8.92 -9.18
CA GLU A 669 21.04 -9.99 -8.74
C GLU A 669 19.92 -9.51 -7.83
N ASN A 670 20.09 -8.39 -7.15
CA ASN A 670 19.16 -7.95 -6.13
C ASN A 670 18.32 -6.75 -6.53
N LEU A 671 18.90 -5.75 -7.20
CA LEU A 671 18.20 -4.54 -7.56
C LEU A 671 17.74 -4.53 -9.01
N LYS A 672 18.62 -4.90 -9.95
CA LYS A 672 18.24 -4.89 -11.37
C LYS A 672 17.03 -5.75 -11.67
N PRO A 673 16.90 -6.99 -11.18
CA PRO A 673 15.70 -7.77 -11.47
C PRO A 673 14.53 -7.51 -10.53
N GLN A 674 14.64 -6.52 -9.64
CA GLN A 674 13.59 -6.31 -8.65
C GLN A 674 12.29 -5.87 -9.29
N TRP A 675 12.34 -4.88 -10.18
CA TRP A 675 11.16 -4.38 -10.89
C TRP A 675 11.41 -4.55 -12.38
N SER A 676 10.54 -5.33 -13.03
CA SER A 676 10.62 -5.54 -14.47
C SER A 676 9.61 -4.64 -15.15
N GLU A 677 10.10 -3.73 -15.99
CA GLU A 677 9.22 -2.82 -16.70
C GLU A 677 8.62 -3.51 -17.91
N VAL A 678 7.34 -3.24 -18.15
CA VAL A 678 6.64 -3.71 -19.33
C VAL A 678 6.08 -2.46 -20.00
N GLN A 679 6.84 -1.91 -20.93
CA GLN A 679 6.43 -0.71 -21.65
C GLN A 679 5.69 -1.11 -22.92
N TYR A 680 4.58 -0.44 -23.18
CA TYR A 680 3.77 -0.75 -24.34
C TYR A 680 3.04 0.51 -24.79
N THR A 681 2.63 0.51 -26.05
CA THR A 681 1.93 1.64 -26.65
C THR A 681 0.47 1.25 -26.84
N ILE A 682 -0.41 1.86 -26.06
CA ILE A 682 -1.84 1.70 -26.27
C ILE A 682 -2.24 2.51 -27.51
N GLU A 683 -2.92 1.86 -28.44
CA GLU A 683 -3.35 2.49 -29.68
C GLU A 683 -4.87 2.63 -29.63
N VAL A 684 -5.35 3.86 -29.51
CA VAL A 684 -6.77 4.14 -29.35
C VAL A 684 -7.29 4.71 -30.67
N GLY A 685 -8.19 3.96 -31.32
CA GLY A 685 -8.76 4.40 -32.57
C GLY A 685 -10.09 5.09 -32.39
N SER A 686 -10.35 5.56 -31.18
CA SER A 686 -11.59 6.22 -30.81
C SER A 686 -11.26 7.52 -30.10
N PRO A 687 -12.20 8.47 -30.05
CA PRO A 687 -11.96 9.68 -29.26
C PRO A 687 -11.85 9.35 -27.79
N LEU A 688 -10.65 9.53 -27.24
CA LEU A 688 -10.35 9.15 -25.87
C LEU A 688 -10.66 10.32 -24.94
N LEU A 689 -11.48 10.07 -23.91
CA LEU A 689 -11.86 11.09 -22.94
C LEU A 689 -11.73 10.51 -21.54
N THR A 690 -10.56 10.71 -20.92
CA THR A 690 -10.41 10.51 -19.48
C THR A 690 -10.79 11.84 -18.85
N ALA A 691 -12.08 11.98 -18.53
CA ALA A 691 -12.65 13.28 -18.21
C ALA A 691 -11.97 13.90 -17.00
N ASP A 692 -11.72 15.20 -17.09
CA ASP A 692 -11.25 16.04 -15.98
C ASP A 692 -12.26 17.16 -15.86
N THR A 693 -13.34 16.91 -15.11
CA THR A 693 -14.43 17.87 -15.02
C THR A 693 -13.99 19.15 -14.33
N ILE A 694 -13.17 19.04 -13.28
CA ILE A 694 -12.75 20.21 -12.54
C ILE A 694 -11.94 21.16 -13.42
N SER A 695 -11.01 20.61 -14.20
CA SER A 695 -10.23 21.45 -15.11
C SER A 695 -11.06 21.94 -16.29
N ALA A 696 -12.18 21.29 -16.59
CA ALA A 696 -13.06 21.76 -17.65
C ALA A 696 -13.75 23.08 -17.26
N LEU A 697 -14.05 23.26 -15.97
CA LEU A 697 -14.72 24.46 -15.53
C LEU A 697 -13.80 25.68 -15.61
N THR A 698 -12.51 25.48 -15.37
CA THR A 698 -11.56 26.57 -15.26
C THR A 698 -10.84 26.88 -16.56
N GLU A 699 -11.17 26.19 -17.65
CA GLU A 699 -10.47 26.46 -18.90
C GLU A 699 -11.41 27.09 -19.92
N PRO A 700 -10.89 27.95 -20.81
CA PRO A 700 -11.77 28.77 -21.66
C PRO A 700 -12.58 27.98 -22.69
N GLY A 701 -12.44 26.66 -22.75
CA GLY A 701 -13.20 25.89 -23.73
C GLY A 701 -14.69 25.89 -23.48
N ASN A 702 -15.10 25.96 -22.21
CA ASN A 702 -16.49 25.83 -21.77
C ASN A 702 -17.06 24.44 -22.05
N ARG A 703 -16.19 23.44 -22.23
CA ARG A 703 -16.65 22.09 -22.46
C ARG A 703 -17.04 21.43 -21.15
N ASP A 704 -18.07 20.58 -21.23
CA ASP A 704 -18.57 19.91 -20.02
C ASP A 704 -17.58 18.86 -19.52
N ALA A 705 -16.92 18.17 -20.45
CA ALA A 705 -15.91 17.19 -20.10
C ALA A 705 -14.72 17.35 -21.03
N ILE A 706 -13.53 17.49 -20.47
CA ILE A 706 -12.31 17.63 -21.25
C ILE A 706 -11.35 16.52 -20.85
N ALA A 707 -10.45 16.19 -21.78
CA ALA A 707 -9.50 15.11 -21.54
C ALA A 707 -8.52 15.50 -20.46
N TYR A 708 -8.14 14.51 -19.64
CA TYR A 708 -7.18 14.76 -18.59
C TYR A 708 -5.81 15.10 -19.17
N LYS A 709 -5.17 16.12 -18.60
CA LYS A 709 -3.81 16.47 -18.95
C LYS A 709 -3.05 16.79 -17.68
N LYS A 710 -1.75 16.52 -17.70
CA LYS A 710 -0.89 16.69 -16.54
C LYS A 710 0.15 17.77 -16.81
N ARG A 711 0.60 18.40 -15.73
CA ARG A 711 1.66 19.39 -15.80
C ARG A 711 3.00 18.70 -15.66
N VAL A 712 3.87 18.87 -16.65
CA VAL A 712 5.18 18.25 -16.68
C VAL A 712 6.23 19.35 -16.50
N TYR A 713 7.11 19.18 -15.53
CA TYR A 713 8.15 20.16 -15.27
C TYR A 713 9.35 19.89 -16.17
N ASN A 714 9.82 20.92 -16.84
CA ASN A 714 11.01 20.84 -17.69
C ASN A 714 12.20 21.37 -16.90
N ASP A 715 13.14 20.49 -16.56
CA ASP A 715 14.31 20.91 -15.82
C ASP A 715 15.19 21.85 -16.65
N GLY A 716 15.22 21.67 -17.97
CA GLY A 716 16.01 22.56 -18.81
C GLY A 716 15.51 23.98 -18.80
N ASN A 717 14.19 24.17 -18.89
CA ASN A 717 13.59 25.49 -18.89
C ASN A 717 13.27 25.99 -17.49
N ASN A 718 13.46 25.14 -16.46
CA ASN A 718 13.21 25.52 -15.07
C ASN A 718 11.79 26.02 -14.87
N ALA A 719 10.84 25.41 -15.56
CA ALA A 719 9.44 25.79 -15.45
C ALA A 719 8.57 24.65 -15.97
N ILE A 720 7.28 24.72 -15.61
CA ILE A 720 6.31 23.77 -16.15
C ILE A 720 6.22 23.97 -17.65
N GLU A 721 6.19 22.87 -18.38
CA GLU A 721 6.13 22.96 -19.84
C GLU A 721 4.85 23.66 -20.26
N PRO A 722 4.92 24.55 -21.27
CA PRO A 722 3.74 25.35 -21.62
C PRO A 722 2.53 24.52 -22.01
N GLU A 723 2.73 23.40 -22.71
CA GLU A 723 1.62 22.58 -23.15
C GLU A 723 1.50 21.38 -22.21
N PRO A 724 0.42 21.25 -21.46
CA PRO A 724 0.28 20.11 -20.55
C PRO A 724 0.24 18.79 -21.32
N ARG A 725 0.85 17.77 -20.72
CA ARG A 725 0.91 16.46 -21.35
C ARG A 725 -0.44 15.75 -21.20
N PHE A 726 -0.98 15.29 -22.32
CA PHE A 726 -2.20 14.51 -22.31
C PHE A 726 -1.87 13.06 -21.99
N ALA A 727 -2.59 12.49 -21.03
CA ALA A 727 -2.30 11.12 -20.61
C ALA A 727 -3.53 10.52 -19.98
N VAL A 728 -3.54 9.19 -19.93
CA VAL A 728 -4.49 8.45 -19.10
C VAL A 728 -3.80 8.21 -17.77
N LYS A 729 -4.45 8.60 -16.68
CA LYS A 729 -3.78 8.56 -15.38
C LYS A 729 -3.36 7.14 -15.04
N SER A 730 -2.24 7.03 -14.33
CA SER A 730 -1.75 5.73 -13.91
C SER A 730 -2.78 5.01 -13.05
N GLU A 731 -3.58 5.76 -12.29
CA GLU A 731 -4.64 5.15 -11.49
C GLU A 731 -5.71 4.51 -12.38
N THR A 732 -6.10 5.21 -13.44
CA THR A 732 -6.98 4.60 -14.43
C THR A 732 -6.29 3.45 -15.15
N HIS A 733 -5.02 3.64 -15.49
CA HIS A 733 -4.23 2.58 -16.09
C HIS A 733 -4.13 1.37 -15.16
N ARG A 734 -3.88 1.62 -13.88
CA ARG A 734 -3.81 0.54 -12.90
C ARG A 734 -5.17 -0.10 -12.69
N GLY A 735 -6.22 0.71 -12.54
CA GLY A 735 -7.54 0.16 -12.26
C GLY A 735 -8.10 -0.69 -13.37
N ILE A 736 -7.78 -0.34 -14.62
CA ILE A 736 -8.23 -1.16 -15.74
C ILE A 736 -7.61 -2.55 -15.65
N PHE A 737 -6.31 -2.61 -15.34
CA PHE A 737 -5.65 -3.90 -15.16
C PHE A 737 -6.24 -4.66 -13.98
N ARG A 738 -6.42 -3.99 -12.84
CA ARG A 738 -6.95 -4.65 -11.66
C ARG A 738 -8.33 -5.20 -11.91
N THR A 739 -9.18 -4.43 -12.59
CA THR A 739 -10.48 -4.95 -13.02
C THR A 739 -10.29 -6.09 -14.02
N ALA A 740 -9.40 -5.90 -15.00
CA ALA A 740 -9.21 -6.93 -16.02
C ALA A 740 -8.74 -8.24 -15.42
N VAL A 741 -7.81 -8.18 -14.47
CA VAL A 741 -7.38 -9.39 -13.77
C VAL A 741 -8.48 -9.88 -12.84
N GLY A 742 -9.15 -8.96 -12.15
CA GLY A 742 -10.16 -9.36 -11.19
C GLY A 742 -11.38 -10.02 -11.82
N ARG A 743 -11.85 -9.49 -12.95
CA ARG A 743 -13.05 -10.05 -13.58
C ARG A 743 -12.78 -11.42 -14.17
N ARG A 744 -11.58 -11.67 -14.67
CA ARG A 744 -11.27 -12.97 -15.24
C ARG A 744 -11.04 -14.03 -14.17
N THR A 745 -10.49 -13.65 -13.03
CA THR A 745 -10.28 -14.58 -11.93
C THR A 745 -11.44 -14.65 -10.96
N GLY A 746 -12.44 -13.78 -11.11
CA GLY A 746 -13.56 -13.76 -10.21
C GLY A 746 -13.29 -13.13 -8.86
N ASP A 747 -12.09 -12.58 -8.66
CA ASP A 747 -11.77 -11.95 -7.38
C ASP A 747 -12.47 -10.62 -7.20
N LEU A 748 -12.84 -9.96 -8.30
CA LEU A 748 -13.56 -8.69 -8.19
C LEU A 748 -14.92 -8.87 -7.52
N GLY A 749 -15.52 -10.05 -7.69
CA GLY A 749 -16.81 -10.33 -7.09
C GLY A 749 -16.79 -10.61 -5.61
N LYS A 750 -15.61 -10.76 -5.01
CA LYS A 750 -15.52 -10.98 -3.58
C LYS A 750 -16.03 -9.76 -2.82
N GLU A 751 -16.80 -10.02 -1.77
CA GLU A 751 -17.42 -8.94 -1.01
C GLU A 751 -16.38 -8.04 -0.37
N ASP A 752 -15.34 -8.64 0.22
CA ASP A 752 -14.28 -7.88 0.86
C ASP A 752 -12.95 -8.58 0.64
N HIS A 753 -11.86 -7.83 0.83
CA HIS A 753 -10.52 -8.33 0.62
C HIS A 753 -9.63 -8.17 1.84
N GLU A 754 -10.22 -8.08 3.03
CA GLU A 754 -9.45 -8.00 4.25
C GLU A 754 -8.86 -9.37 4.58
N ASP A 755 -7.55 -9.40 4.85
CA ASP A 755 -6.83 -10.65 5.11
C ASP A 755 -7.03 -11.65 3.98
N CYS A 756 -6.99 -11.14 2.75
CA CYS A 756 -7.25 -11.95 1.56
C CYS A 756 -5.97 -12.09 0.74
N THR A 757 -5.74 -13.29 0.21
CA THR A 757 -4.57 -13.60 -0.60
C THR A 757 -4.99 -14.12 -1.97
N CYS A 758 -6.02 -13.51 -2.55
CA CYS A 758 -6.49 -13.96 -3.86
C CYS A 758 -5.52 -13.53 -4.94
N ASP A 759 -5.82 -13.94 -6.18
CA ASP A 759 -4.96 -13.56 -7.30
C ASP A 759 -4.90 -12.05 -7.48
N MET A 760 -6.06 -11.38 -7.35
CA MET A 760 -6.09 -9.93 -7.49
C MET A 760 -5.35 -9.25 -6.34
N CYS A 761 -5.52 -9.75 -5.11
CA CYS A 761 -4.89 -9.12 -3.96
C CYS A 761 -3.40 -9.38 -3.93
N ILE A 762 -2.94 -10.51 -4.44
CA ILE A 762 -1.50 -10.78 -4.48
C ILE A 762 -0.83 -9.86 -5.50
N ILE A 763 -1.45 -9.68 -6.66
CA ILE A 763 -0.85 -8.88 -7.72
C ILE A 763 -0.97 -7.39 -7.39
N PHE A 764 -2.18 -6.92 -7.13
CA PHE A 764 -2.45 -5.50 -7.00
C PHE A 764 -2.50 -5.03 -5.56
N GLY A 765 -2.12 -5.89 -4.61
CA GLY A 765 -2.07 -5.49 -3.22
C GLY A 765 -3.44 -5.30 -2.63
N ASN A 766 -3.44 -5.03 -1.33
CA ASN A 766 -4.67 -4.78 -0.59
C ASN A 766 -4.31 -3.91 0.61
N GLU A 767 -5.24 -3.80 1.56
CA GLU A 767 -5.01 -2.97 2.73
C GLU A 767 -3.83 -3.45 3.56
N HIS A 768 -3.41 -4.70 3.40
CA HIS A 768 -2.33 -5.28 4.19
C HIS A 768 -1.01 -5.41 3.43
N GLU A 769 -1.06 -5.76 2.15
CA GLU A 769 0.15 -5.92 1.35
C GLU A 769 0.16 -4.87 0.24
N SER A 770 1.35 -4.34 -0.02
CA SER A 770 1.50 -3.41 -1.14
C SER A 770 1.39 -4.17 -2.46
N SER A 771 1.07 -3.42 -3.52
CA SER A 771 0.93 -4.02 -4.83
C SER A 771 2.26 -4.56 -5.34
N LYS A 772 2.22 -5.74 -5.96
CA LYS A 772 3.39 -6.30 -6.62
C LYS A 772 3.59 -5.73 -8.01
N ILE A 773 2.73 -4.82 -8.45
CA ILE A 773 2.81 -4.22 -9.77
C ILE A 773 2.57 -2.73 -9.63
N ARG A 774 3.46 -1.92 -10.21
CA ARG A 774 3.37 -0.46 -10.14
C ARG A 774 3.07 0.09 -11.53
N PHE A 775 2.03 0.89 -11.63
CA PHE A 775 1.52 1.36 -12.91
C PHE A 775 1.85 2.84 -13.10
N GLU A 776 2.32 3.19 -14.29
CA GLU A 776 2.61 4.57 -14.65
C GLU A 776 1.58 5.07 -15.66
N ASP A 777 1.59 6.38 -15.86
CA ASP A 777 0.59 7.01 -16.73
C ASP A 777 0.77 6.54 -18.17
N LEU A 778 -0.32 6.58 -18.93
CA LEU A 778 -0.30 6.28 -20.35
C LEU A 778 -0.18 7.61 -21.09
N GLU A 779 1.06 8.09 -21.23
CA GLU A 779 1.29 9.37 -21.87
C GLU A 779 1.01 9.31 -23.37
N LEU A 780 0.34 10.33 -23.88
CA LEU A 780 0.04 10.41 -25.31
C LEU A 780 1.29 10.89 -26.04
N ILE A 781 1.85 10.02 -26.88
CA ILE A 781 3.05 10.34 -27.64
C ILE A 781 2.73 10.79 -29.06
N ASN A 782 1.46 11.07 -29.35
CA ASN A 782 1.02 11.43 -30.69
C ASN A 782 0.50 12.85 -30.78
N GLY A 783 0.75 13.69 -29.78
CA GLY A 783 0.14 15.01 -29.75
C GLY A 783 0.52 15.88 -30.93
N ASN A 784 1.78 15.78 -31.38
CA ASN A 784 2.22 16.61 -32.50
C ASN A 784 1.57 16.20 -33.81
N GLU A 785 1.16 14.93 -33.93
CA GLU A 785 0.63 14.44 -35.20
C GLU A 785 -0.70 15.09 -35.54
N PHE A 786 -1.56 15.29 -34.54
CA PHE A 786 -2.93 15.73 -34.80
C PHE A 786 -2.99 17.24 -35.03
N GLU A 787 -3.64 17.63 -36.13
CA GLU A 787 -3.86 19.05 -36.38
C GLU A 787 -4.73 19.67 -35.29
N LYS A 788 -5.81 18.97 -34.91
CA LYS A 788 -6.65 19.35 -33.78
C LYS A 788 -6.69 18.14 -32.85
N LEU A 789 -5.87 18.18 -31.80
CA LEU A 789 -5.75 17.04 -30.89
C LEU A 789 -7.08 16.71 -30.23
N GLU A 790 -7.80 17.73 -29.77
CA GLU A 790 -9.03 17.53 -29.02
C GLU A 790 -10.22 17.80 -29.94
N LYS A 791 -11.08 16.79 -30.10
CA LYS A 791 -12.30 16.93 -30.88
C LYS A 791 -13.43 17.37 -29.95
N HIS A 792 -14.32 18.21 -30.47
CA HIS A 792 -15.50 18.64 -29.74
C HIS A 792 -16.67 17.82 -30.25
N ILE A 793 -17.24 16.98 -29.37
CA ILE A 793 -18.37 16.14 -29.71
C ILE A 793 -19.55 16.56 -28.84
N ASP A 794 -20.60 17.07 -29.49
CA ASP A 794 -21.83 17.39 -28.80
C ASP A 794 -22.69 16.14 -28.64
N HIS A 795 -23.31 16.01 -27.48
CA HIS A 795 -24.21 14.90 -27.21
C HIS A 795 -25.51 15.44 -26.64
N VAL A 796 -26.59 14.68 -26.82
CA VAL A 796 -27.90 15.10 -26.35
C VAL A 796 -28.74 13.86 -26.08
N ALA A 797 -29.67 13.98 -25.15
CA ALA A 797 -30.60 12.91 -24.83
C ALA A 797 -31.94 13.23 -25.46
N ILE A 798 -32.38 12.37 -26.37
CA ILE A 798 -33.63 12.58 -27.09
C ILE A 798 -34.77 11.99 -26.27
N ASP A 799 -35.79 12.81 -26.02
CA ASP A 799 -36.96 12.35 -25.29
C ASP A 799 -37.61 11.19 -26.05
N ARG A 800 -38.00 10.15 -25.29
CA ARG A 800 -38.64 9.00 -25.91
C ARG A 800 -40.01 9.36 -26.47
N PHE A 801 -40.79 10.14 -25.71
CA PHE A 801 -42.12 10.52 -26.15
C PHE A 801 -42.07 11.48 -27.33
N THR A 802 -41.24 12.51 -27.24
CA THR A 802 -41.08 13.49 -28.32
C THR A 802 -39.66 13.40 -28.86
N GLY A 803 -39.53 13.18 -30.16
CA GLY A 803 -38.23 12.95 -30.78
C GLY A 803 -37.22 14.06 -30.62
N GLY A 804 -37.59 15.13 -29.90
CA GLY A 804 -36.69 16.23 -29.66
C GLY A 804 -35.84 16.04 -28.42
N ALA A 805 -35.00 17.04 -28.17
CA ALA A 805 -34.06 16.98 -27.06
C ALA A 805 -34.77 17.16 -25.72
N LEU A 806 -34.15 16.65 -24.66
CA LEU A 806 -34.64 16.88 -23.32
C LEU A 806 -34.40 18.32 -22.89
N ASP A 807 -35.00 18.70 -21.77
CA ASP A 807 -34.87 20.07 -21.27
C ASP A 807 -33.45 20.33 -20.75
N LYS A 808 -33.02 19.57 -19.76
CA LYS A 808 -31.68 19.78 -19.22
C LYS A 808 -30.61 18.94 -19.89
N ALA A 809 -30.99 17.84 -20.56
CA ALA A 809 -30.04 16.86 -21.05
C ALA A 809 -29.51 17.29 -22.42
N LYS A 810 -28.43 18.08 -22.38
CA LYS A 810 -27.68 18.46 -23.56
C LYS A 810 -26.29 18.84 -23.09
N PHE A 811 -25.26 18.23 -23.69
CA PHE A 811 -23.90 18.40 -23.22
C PHE A 811 -22.94 18.20 -24.37
N ASP A 812 -21.65 18.39 -24.07
CA ASP A 812 -20.60 18.17 -25.04
C ASP A 812 -19.38 17.63 -24.32
N THR A 813 -18.54 16.93 -25.07
CA THR A 813 -17.30 16.40 -24.56
C THR A 813 -16.14 16.92 -25.41
N TYR A 814 -14.94 16.85 -24.85
CA TYR A 814 -13.73 17.29 -25.53
C TYR A 814 -12.68 16.19 -25.46
N PRO A 815 -12.91 15.06 -26.12
CA PRO A 815 -11.93 13.97 -26.10
C PRO A 815 -10.79 14.24 -27.06
N LEU A 816 -9.73 13.47 -26.90
CA LEU A 816 -8.63 13.51 -27.86
C LEU A 816 -9.08 12.88 -29.16
N ALA A 817 -8.82 13.56 -30.27
CA ALA A 817 -9.42 13.19 -31.55
C ALA A 817 -8.78 11.93 -32.14
N GLY A 818 -8.98 10.78 -31.50
CA GLY A 818 -8.53 9.53 -32.07
C GLY A 818 -9.46 9.02 -33.15
N SER A 819 -8.90 8.20 -34.04
CA SER A 819 -9.65 7.63 -35.15
C SER A 819 -8.90 6.40 -35.63
N PRO A 820 -9.59 5.46 -36.30
CA PRO A 820 -8.89 4.27 -36.79
C PRO A 820 -7.74 4.57 -37.72
N LYS A 821 -7.88 5.56 -38.60
CA LYS A 821 -6.81 5.89 -39.53
C LYS A 821 -5.70 6.68 -38.84
N LYS A 822 -6.04 7.48 -37.84
CA LYS A 822 -5.07 8.30 -37.11
C LYS A 822 -5.27 8.08 -35.62
N PRO A 823 -4.89 6.91 -35.11
CA PRO A 823 -5.15 6.60 -33.70
C PRO A 823 -4.20 7.33 -32.76
N LEU A 824 -4.68 7.49 -31.53
CA LEU A 824 -3.84 7.99 -30.46
C LEU A 824 -2.92 6.88 -29.96
N LYS A 825 -1.68 7.25 -29.69
CA LYS A 825 -0.69 6.32 -29.13
C LYS A 825 -0.41 6.77 -27.70
N LEU A 826 -0.69 5.89 -26.74
CA LEU A 826 -0.50 6.18 -25.32
C LEU A 826 0.55 5.22 -24.79
N LYS A 827 1.81 5.64 -24.81
CA LYS A 827 2.91 4.82 -24.32
C LYS A 827 2.89 4.83 -22.80
N GLY A 828 2.60 3.68 -22.20
CA GLY A 828 2.63 3.55 -20.76
C GLY A 828 3.43 2.32 -20.37
N ARG A 829 3.70 2.21 -19.08
CA ARG A 829 4.51 1.10 -18.59
C ARG A 829 4.07 0.75 -17.18
N PHE A 830 4.30 -0.51 -16.80
CA PHE A 830 4.11 -0.94 -15.43
C PHE A 830 5.27 -1.81 -15.02
N TRP A 831 5.54 -1.83 -13.72
CA TRP A 831 6.69 -2.52 -13.16
C TRP A 831 6.24 -3.75 -12.40
N ILE A 832 6.85 -4.89 -12.71
CA ILE A 832 6.51 -6.17 -12.11
C ILE A 832 7.55 -6.51 -11.06
N LYS A 833 7.10 -6.77 -9.84
CA LYS A 833 8.01 -7.10 -8.76
C LYS A 833 8.67 -8.46 -8.99
N LYS A 834 9.93 -8.56 -8.56
CA LYS A 834 10.64 -9.83 -8.65
C LYS A 834 9.93 -10.90 -7.85
N GLY A 835 9.92 -12.11 -8.38
CA GLY A 835 9.22 -13.20 -7.75
C GLY A 835 7.77 -13.35 -8.13
N PHE A 836 7.35 -12.69 -9.21
CA PHE A 836 5.98 -12.83 -9.69
C PHE A 836 5.72 -14.28 -10.08
N SER A 837 4.59 -14.82 -9.61
CA SER A 837 4.25 -16.19 -9.92
C SER A 837 4.01 -16.36 -11.41
N GLY A 838 4.30 -17.57 -11.91
CA GLY A 838 4.05 -17.84 -13.32
C GLY A 838 2.58 -17.72 -13.67
N ASP A 839 1.71 -18.13 -12.76
CA ASP A 839 0.27 -17.96 -12.98
C ASP A 839 -0.11 -16.47 -12.98
N HIS A 840 0.54 -15.69 -12.12
CA HIS A 840 0.26 -14.25 -12.07
C HIS A 840 0.86 -13.50 -13.24
N LYS A 841 2.02 -13.94 -13.74
CA LYS A 841 2.57 -13.35 -14.96
C LYS A 841 1.62 -13.58 -16.13
N LEU A 842 0.98 -14.74 -16.18
CA LEU A 842 -0.03 -14.99 -17.20
C LEU A 842 -1.26 -14.12 -17.00
N LEU A 843 -1.59 -13.81 -15.74
CA LEU A 843 -2.76 -12.97 -15.47
C LEU A 843 -2.57 -11.56 -16.02
N ILE A 844 -1.38 -10.99 -15.84
CA ILE A 844 -1.10 -9.66 -16.35
C ILE A 844 -1.07 -9.67 -17.87
N THR A 845 -0.47 -10.71 -18.46
CA THR A 845 -0.45 -10.81 -19.92
C THR A 845 -1.87 -10.95 -20.47
N THR A 846 -2.71 -11.74 -19.80
CA THR A 846 -4.10 -11.86 -20.21
C THR A 846 -4.83 -10.53 -20.09
N ALA A 847 -4.56 -9.79 -19.02
CA ALA A 847 -5.13 -8.44 -18.90
C ALA A 847 -4.62 -7.54 -20.00
N LEU A 848 -3.33 -7.63 -20.33
CA LEU A 848 -2.80 -6.91 -21.47
C LEU A 848 -3.49 -7.31 -22.76
N SER A 849 -3.83 -8.59 -22.91
CA SER A 849 -4.58 -9.02 -24.07
C SER A 849 -6.02 -8.53 -24.05
N ASP A 850 -6.63 -8.46 -22.87
CA ASP A 850 -8.00 -7.97 -22.76
C ASP A 850 -8.11 -6.52 -23.19
N ILE A 851 -7.16 -5.68 -22.76
CA ILE A 851 -7.16 -4.29 -23.18
C ILE A 851 -6.82 -4.17 -24.65
N ARG A 852 -5.89 -4.99 -25.14
CA ARG A 852 -5.57 -4.99 -26.55
C ARG A 852 -6.77 -5.41 -27.39
N ASP A 853 -7.53 -6.41 -26.92
CA ASP A 853 -8.73 -6.84 -27.62
C ASP A 853 -9.86 -5.83 -27.53
N GLY A 854 -9.73 -4.82 -26.69
CA GLY A 854 -10.76 -3.79 -26.58
C GLY A 854 -11.86 -4.08 -25.59
N LEU A 855 -11.64 -5.02 -24.67
CA LEU A 855 -12.65 -5.32 -23.67
C LEU A 855 -12.86 -4.16 -22.72
N TYR A 856 -11.79 -3.45 -22.37
CA TYR A 856 -11.84 -2.35 -21.41
C TYR A 856 -11.44 -1.05 -22.10
N PRO A 857 -12.41 -0.25 -22.55
CA PRO A 857 -12.07 1.08 -23.07
C PRO A 857 -11.49 1.96 -21.98
N LEU A 858 -10.61 2.87 -22.40
CA LEU A 858 -9.97 3.79 -21.47
C LEU A 858 -10.81 5.06 -21.33
N GLY A 859 -10.97 5.52 -20.10
CA GLY A 859 -11.68 6.75 -19.87
C GLY A 859 -13.19 6.58 -19.83
N SER A 860 -13.88 7.71 -19.92
CA SER A 860 -15.33 7.76 -19.82
C SER A 860 -15.98 7.52 -21.18
N LYS A 861 -17.30 7.37 -21.15
CA LYS A 861 -18.13 7.22 -22.34
C LYS A 861 -17.70 6.01 -23.17
N GLY A 862 -17.25 4.95 -22.50
CA GLY A 862 -16.83 3.76 -23.23
C GLY A 862 -17.95 3.11 -24.01
N GLY A 863 -19.12 3.01 -23.41
CA GLY A 863 -20.27 2.45 -24.11
C GLY A 863 -20.75 3.31 -25.26
N VAL A 864 -20.38 4.59 -25.27
CA VAL A 864 -20.66 5.47 -26.40
C VAL A 864 -19.62 5.34 -27.49
N GLY A 865 -18.48 4.73 -27.21
CA GLY A 865 -17.44 4.55 -28.19
C GLY A 865 -16.18 5.33 -27.95
N TYR A 866 -15.93 5.77 -26.71
CA TYR A 866 -14.77 6.58 -26.39
C TYR A 866 -13.65 5.71 -25.85
N GLY A 867 -12.43 5.99 -26.29
CA GLY A 867 -11.28 5.31 -25.74
C GLY A 867 -11.18 3.84 -26.06
N TRP A 868 -11.75 3.41 -27.17
CA TRP A 868 -11.63 2.02 -27.57
C TRP A 868 -10.24 1.74 -28.09
N VAL A 869 -9.57 0.75 -27.49
CA VAL A 869 -8.20 0.42 -27.83
C VAL A 869 -8.19 -0.40 -29.12
N ALA A 870 -7.53 0.13 -30.15
CA ALA A 870 -7.41 -0.61 -31.40
C ALA A 870 -6.39 -1.74 -31.28
N GLY A 871 -5.35 -1.54 -30.50
CA GLY A 871 -4.34 -2.56 -30.33
C GLY A 871 -3.29 -2.13 -29.34
N ILE A 872 -2.35 -3.03 -29.08
CA ILE A 872 -1.25 -2.79 -28.16
C ILE A 872 0.04 -3.24 -28.83
N SER A 873 1.07 -2.40 -28.78
CA SER A 873 2.39 -2.73 -29.31
C SER A 873 3.35 -2.83 -28.12
N ILE A 874 3.77 -4.05 -27.82
CA ILE A 874 4.70 -4.28 -26.72
C ILE A 874 6.10 -3.84 -27.15
N ASP A 875 6.76 -3.06 -26.31
CA ASP A 875 8.10 -2.58 -26.62
C ASP A 875 9.09 -3.73 -26.64
N ASP A 876 10.15 -3.57 -27.43
CA ASP A 876 11.14 -4.63 -27.59
C ASP A 876 11.95 -4.87 -26.32
N ASN A 877 12.00 -3.90 -25.40
CA ASN A 877 12.80 -4.06 -24.19
C ASN A 877 12.19 -5.03 -23.20
N VAL A 878 10.93 -5.42 -23.38
CA VAL A 878 10.25 -6.30 -22.43
C VAL A 878 10.90 -7.68 -22.39
N ILE A 905 -23.78 -12.52 -42.69
CA ILE A 905 -24.93 -12.88 -41.86
C ILE A 905 -26.13 -12.07 -42.31
N ASN A 906 -27.22 -12.76 -42.62
CA ASN A 906 -28.40 -12.15 -43.21
C ASN A 906 -29.62 -12.44 -42.34
N ASN A 907 -30.44 -11.41 -42.11
CA ASN A 907 -31.72 -11.54 -41.44
C ASN A 907 -32.80 -11.40 -42.51
N ASP A 908 -33.48 -12.51 -42.82
CA ASP A 908 -34.41 -12.57 -43.94
C ASP A 908 -35.86 -12.35 -43.52
N TYR A 909 -36.08 -11.73 -42.37
CA TYR A 909 -37.44 -11.41 -41.96
C TYR A 909 -38.04 -10.36 -42.89
N VAL A 910 -39.30 -10.58 -43.28
CA VAL A 910 -40.02 -9.68 -44.17
C VAL A 910 -41.26 -9.20 -43.43
N HIS A 911 -41.36 -7.90 -43.21
CA HIS A 911 -42.55 -7.33 -42.60
C HIS A 911 -43.58 -7.02 -43.69
N PRO A 912 -44.87 -7.34 -43.44
CA PRO A 912 -45.89 -7.05 -44.46
C PRO A 912 -46.01 -5.57 -44.80
N GLY A 913 -45.67 -4.69 -43.87
CA GLY A 913 -45.82 -3.28 -44.10
C GLY A 913 -47.16 -2.77 -43.61
N HIS A 914 -47.62 -1.70 -44.25
CA HIS A 914 -48.92 -1.12 -43.96
C HIS A 914 -49.75 -1.09 -45.22
N GLN A 915 -51.07 -1.25 -45.06
CA GLN A 915 -52.02 -1.25 -46.21
C GLN A 915 -52.11 0.11 -46.92
N SER A 916 -52.26 1.21 -46.19
CA SER A 916 -52.51 2.51 -46.86
C SER A 916 -51.38 2.92 -47.82
N PRO A 917 -50.09 2.87 -47.44
CA PRO A 917 -49.02 3.23 -48.36
C PRO A 917 -48.98 2.29 -49.56
N LYS A 918 -49.15 0.99 -49.33
CA LYS A 918 -49.10 -0.04 -50.41
C LYS A 918 -50.31 0.09 -51.37
N GLN A 919 -51.51 0.26 -50.84
CA GLN A 919 -52.73 0.33 -51.69
C GLN A 919 -52.65 1.55 -52.59
N ASP A 920 -52.24 2.68 -52.04
CA ASP A 920 -52.12 3.93 -52.80
C ASP A 920 -50.79 3.91 -53.53
N HIS A 921 -50.76 3.19 -54.65
CA HIS A 921 -49.58 3.17 -55.51
C HIS A 921 -49.36 4.50 -56.20
N LYS A 922 -50.38 5.36 -56.26
CA LYS A 922 -50.27 6.68 -56.87
C LYS A 922 -49.78 7.74 -55.89
N ASN A 923 -49.54 7.39 -54.64
CA ASN A 923 -49.03 8.31 -53.62
C ASN A 923 -49.94 9.53 -53.48
N LYS A 924 -51.25 9.31 -53.51
CA LYS A 924 -52.20 10.41 -53.41
C LYS A 924 -52.29 10.93 -51.98
N ASN A 925 -52.30 10.03 -51.00
CA ASN A 925 -52.49 10.42 -49.61
C ASN A 925 -51.18 10.93 -49.00
N ILE A 926 -51.32 11.69 -47.93
CA ILE A 926 -50.20 12.30 -47.22
C ILE A 926 -50.15 11.74 -45.80
N TYR A 927 -48.95 11.42 -45.34
CA TYR A 927 -48.76 10.76 -44.05
C TYR A 927 -48.02 11.70 -43.10
N TYR A 928 -48.31 11.54 -41.81
CA TYR A 928 -47.60 12.32 -40.81
C TYR A 928 -46.14 11.87 -40.72
N PRO A 929 -45.20 12.81 -40.66
CA PRO A 929 -43.77 12.41 -40.62
C PRO A 929 -43.40 11.55 -39.43
N HIS A 930 -44.03 11.77 -38.27
CA HIS A 930 -43.74 10.99 -37.08
C HIS A 930 -45.02 10.33 -36.61
N TYR A 931 -44.87 9.23 -35.89
CA TYR A 931 -46.01 8.48 -35.40
C TYR A 931 -45.65 7.94 -34.02
N PHE A 932 -46.66 7.66 -33.21
CA PHE A 932 -46.44 7.27 -31.82
C PHE A 932 -46.74 5.80 -31.62
N LEU A 933 -45.84 5.11 -30.93
CA LEU A 933 -46.01 3.70 -30.61
C LEU A 933 -46.53 3.57 -29.19
N ASP A 934 -47.80 3.17 -29.05
CA ASP A 934 -48.41 3.00 -27.73
C ASP A 934 -48.28 1.54 -27.32
N SER A 935 -47.10 1.19 -26.81
CA SER A 935 -46.85 -0.17 -26.37
C SER A 935 -47.73 -0.54 -25.17
N GLY A 936 -47.87 0.37 -24.22
CA GLY A 936 -48.63 0.13 -23.01
C GLY A 936 -47.79 0.37 -21.78
N SER A 937 -48.43 0.21 -20.63
CA SER A 937 -47.79 0.45 -19.35
C SER A 937 -47.11 -0.77 -18.76
N LYS A 938 -47.15 -1.91 -19.45
CA LYS A 938 -46.57 -3.14 -18.92
C LYS A 938 -45.06 -3.13 -19.17
N VAL A 939 -44.29 -2.92 -18.11
CA VAL A 939 -42.83 -2.89 -18.17
C VAL A 939 -42.29 -3.96 -17.24
N TYR A 940 -41.46 -4.85 -17.78
CA TYR A 940 -40.86 -5.93 -16.99
C TYR A 940 -39.55 -5.43 -16.41
N ARG A 941 -39.55 -5.13 -15.11
CA ARG A 941 -38.34 -4.71 -14.41
C ARG A 941 -37.70 -5.92 -13.74
N GLU A 942 -36.51 -6.29 -14.20
CA GLU A 942 -35.78 -7.40 -13.61
C GLU A 942 -35.03 -6.89 -12.38
N LYS A 943 -35.43 -7.36 -11.20
CA LYS A 943 -34.76 -6.96 -9.97
C LYS A 943 -33.40 -7.64 -9.81
N ASP A 944 -33.17 -8.74 -10.53
CA ASP A 944 -31.89 -9.44 -10.49
C ASP A 944 -30.97 -8.80 -11.52
N ILE A 945 -30.25 -7.77 -11.08
CA ILE A 945 -29.36 -7.04 -11.96
C ILE A 945 -28.12 -7.87 -12.24
N ILE A 946 -27.68 -7.89 -13.49
CA ILE A 946 -26.53 -8.68 -13.90
C ILE A 946 -25.26 -7.95 -13.52
N THR A 947 -24.46 -8.56 -12.65
CA THR A 947 -23.25 -7.92 -12.18
C THR A 947 -22.19 -7.85 -13.28
N HIS A 948 -21.45 -6.75 -13.28
CA HIS A 948 -20.31 -6.58 -14.18
C HIS A 948 -19.03 -7.16 -13.61
N GLU A 949 -19.08 -7.71 -12.39
CA GLU A 949 -17.89 -8.11 -11.66
C GLU A 949 -17.20 -9.35 -12.23
N GLU A 950 -17.82 -10.05 -13.18
CA GLU A 950 -17.21 -11.24 -13.74
C GLU A 950 -17.83 -11.53 -15.09
N PHE A 951 -17.14 -12.38 -15.87
CA PHE A 951 -17.68 -12.89 -17.12
C PHE A 951 -18.42 -14.18 -16.81
N THR A 952 -19.72 -14.08 -16.60
CA THR A 952 -20.53 -15.25 -16.31
C THR A 952 -20.50 -16.21 -17.49
N GLU A 953 -20.31 -17.50 -17.18
CA GLU A 953 -20.15 -18.49 -18.25
C GLU A 953 -21.45 -18.67 -19.03
N GLU A 954 -22.58 -18.75 -18.33
CA GLU A 954 -23.86 -18.90 -19.01
C GLU A 954 -24.16 -17.69 -19.90
N LEU A 955 -23.86 -16.49 -19.39
CA LEU A 955 -24.09 -15.27 -20.15
C LEU A 955 -23.08 -15.14 -21.29
N LEU A 956 -23.46 -14.37 -22.30
CA LEU A 956 -22.69 -14.24 -23.52
C LEU A 956 -21.98 -12.89 -23.54
N SER A 957 -20.66 -12.93 -23.74
CA SER A 957 -19.84 -11.72 -23.87
C SER A 957 -19.08 -11.79 -25.18
N GLY A 958 -19.11 -10.71 -25.94
CA GLY A 958 -18.42 -10.72 -27.21
C GLY A 958 -18.53 -9.39 -27.92
N LYS A 959 -18.47 -9.45 -29.25
CA LYS A 959 -18.42 -8.28 -30.09
C LYS A 959 -19.25 -8.53 -31.36
N ILE A 960 -19.90 -7.48 -31.83
CA ILE A 960 -20.69 -7.52 -33.07
C ILE A 960 -20.07 -6.55 -34.06
N ASN A 961 -19.81 -7.04 -35.27
CA ASN A 961 -19.37 -6.20 -36.37
C ASN A 961 -20.55 -5.98 -37.30
N CYS A 962 -20.92 -4.71 -37.50
CA CYS A 962 -22.11 -4.37 -38.26
C CYS A 962 -21.76 -3.38 -39.36
N LYS A 963 -22.50 -3.47 -40.47
CA LYS A 963 -22.38 -2.54 -41.58
C LYS A 963 -23.67 -1.74 -41.68
N LEU A 964 -23.56 -0.42 -41.68
CA LEU A 964 -24.72 0.46 -41.74
C LEU A 964 -24.78 1.06 -43.14
N GLU A 965 -25.82 0.71 -43.88
CA GLU A 965 -26.05 1.24 -45.21
C GLU A 965 -27.12 2.33 -45.15
N THR A 966 -26.85 3.44 -45.83
CA THR A 966 -27.76 4.58 -45.84
C THR A 966 -28.76 4.39 -46.98
N LEU A 967 -30.03 4.19 -46.63
CA LEU A 967 -31.07 4.10 -47.65
C LEU A 967 -31.45 5.47 -48.18
N THR A 968 -31.46 6.48 -47.31
CA THR A 968 -31.69 7.86 -47.68
C THR A 968 -30.48 8.67 -47.25
N PRO A 969 -30.34 9.91 -47.73
CA PRO A 969 -29.21 10.74 -47.27
C PRO A 969 -29.17 10.84 -45.75
N LEU A 970 -27.96 10.70 -45.21
CA LEU A 970 -27.75 10.70 -43.77
C LEU A 970 -27.07 11.98 -43.35
N ILE A 971 -27.57 12.60 -42.30
CA ILE A 971 -27.04 13.85 -41.79
C ILE A 971 -26.57 13.61 -40.36
N ILE A 972 -25.26 13.60 -40.16
CA ILE A 972 -24.70 13.59 -38.82
C ILE A 972 -23.84 14.84 -38.71
N PRO A 973 -24.41 15.98 -38.34
CA PRO A 973 -23.66 17.23 -38.36
C PRO A 973 -22.55 17.26 -37.33
N ASP A 974 -21.47 17.94 -37.68
CA ASP A 974 -20.33 18.14 -36.78
C ASP A 974 -20.51 19.49 -36.11
N THR A 975 -21.00 19.47 -34.87
CA THR A 975 -21.30 20.69 -34.14
C THR A 975 -20.06 21.34 -33.54
N SER A 976 -18.90 20.69 -33.66
CA SER A 976 -17.66 21.32 -33.21
C SER A 976 -17.43 22.65 -33.94
N ASP A 977 -17.84 22.72 -35.21
CA ASP A 977 -17.75 23.93 -36.00
C ASP A 977 -19.16 24.38 -36.36
N GLU A 978 -19.61 25.46 -35.73
CA GLU A 978 -20.91 26.04 -36.07
C GLU A 978 -20.92 26.64 -37.47
N ASN A 979 -19.75 26.88 -38.05
CA ASN A 979 -19.59 27.39 -39.41
C ASN A 979 -18.66 26.47 -40.18
N GLY A 980 -18.91 25.16 -40.09
CA GLY A 980 -18.05 24.18 -40.73
C GLY A 980 -17.99 24.28 -42.24
N LEU A 981 -19.05 24.80 -42.85
CA LEU A 981 -19.08 25.00 -44.30
C LEU A 981 -18.54 26.36 -44.71
N LYS A 982 -18.15 27.20 -43.74
CA LYS A 982 -17.57 28.52 -44.00
C LYS A 982 -18.49 29.38 -44.87
N LEU A 983 -19.80 29.31 -44.58
CA LEU A 983 -20.78 30.08 -45.32
C LEU A 983 -21.58 31.02 -44.42
N GLN A 984 -21.27 31.06 -43.13
CA GLN A 984 -21.93 32.01 -42.22
C GLN A 984 -21.54 33.45 -42.53
N GLY A 985 -20.44 33.66 -43.24
CA GLY A 985 -20.06 35.03 -43.61
C GLY A 985 -21.06 35.67 -44.55
N ASN A 986 -21.55 34.92 -45.54
CA ASN A 986 -22.56 35.45 -46.44
C ASN A 986 -23.93 35.51 -45.76
N LYS A 987 -24.24 34.52 -44.93
CA LYS A 987 -25.51 34.44 -44.20
C LYS A 987 -25.20 34.45 -42.71
N PRO A 988 -25.19 35.62 -42.08
CA PRO A 988 -24.86 35.68 -40.65
C PRO A 988 -25.91 34.97 -39.81
N GLY A 989 -25.44 34.22 -38.81
CA GLY A 989 -26.31 33.50 -37.92
C GLY A 989 -26.85 32.20 -38.48
N HIS A 990 -26.51 31.84 -39.71
CA HIS A 990 -27.01 30.63 -40.34
C HIS A 990 -26.10 29.47 -39.94
N LYS A 991 -26.64 28.53 -39.18
CA LYS A 991 -25.84 27.44 -38.64
C LYS A 991 -25.57 26.40 -39.73
N ASN A 992 -24.30 26.23 -40.08
CA ASN A 992 -23.90 25.28 -41.12
C ASN A 992 -22.83 24.36 -40.56
N TYR A 993 -23.01 23.05 -40.76
CA TYR A 993 -22.12 22.05 -40.22
C TYR A 993 -21.61 21.14 -41.33
N LYS A 994 -20.41 20.61 -41.14
CA LYS A 994 -19.94 19.50 -41.94
C LYS A 994 -20.46 18.19 -41.36
N PHE A 995 -20.37 17.14 -42.17
CA PHE A 995 -20.71 15.81 -41.66
C PHE A 995 -19.73 15.42 -40.56
N PHE A 996 -20.23 14.72 -39.55
CA PHE A 996 -19.39 14.39 -38.40
C PHE A 996 -18.17 13.60 -38.85
N ASN A 997 -17.01 14.02 -38.40
CA ASN A 997 -15.76 13.40 -38.80
C ASN A 997 -14.71 13.66 -37.72
N ILE A 998 -13.75 12.74 -37.62
CA ILE A 998 -12.61 12.89 -36.74
C ILE A 998 -11.35 12.76 -37.59
N ASN A 999 -10.49 13.78 -37.55
CA ASN A 999 -9.27 13.84 -38.34
C ASN A 999 -9.56 13.73 -39.83
N GLY A 1000 -10.71 14.28 -40.26
CA GLY A 1000 -11.06 14.32 -41.66
C GLY A 1000 -11.72 13.08 -42.22
N GLU A 1001 -11.86 12.02 -41.43
CA GLU A 1001 -12.51 10.80 -41.88
C GLU A 1001 -13.92 10.76 -41.29
N LEU A 1002 -14.89 10.47 -42.14
CA LEU A 1002 -16.29 10.56 -41.75
C LEU A 1002 -16.64 9.53 -40.69
N MET A 1003 -17.52 9.90 -39.77
CA MET A 1003 -17.88 9.07 -38.65
C MET A 1003 -19.36 9.21 -38.34
N ILE A 1004 -19.89 8.21 -37.66
CA ILE A 1004 -21.14 8.30 -36.93
C ILE A 1004 -20.81 8.03 -35.46
N PRO A 1005 -21.07 8.96 -34.55
CA PRO A 1005 -20.73 8.72 -33.15
C PRO A 1005 -21.48 7.50 -32.62
N GLY A 1006 -20.80 6.73 -31.77
CA GLY A 1006 -21.43 5.57 -31.18
C GLY A 1006 -22.62 5.93 -30.31
N SER A 1007 -22.63 7.15 -29.77
CA SER A 1007 -23.81 7.62 -29.03
C SER A 1007 -25.01 7.72 -29.94
N GLU A 1008 -24.82 8.21 -31.16
CA GLU A 1008 -25.91 8.24 -32.13
C GLU A 1008 -26.41 6.84 -32.44
N LEU A 1009 -25.49 5.89 -32.63
CA LEU A 1009 -25.89 4.51 -32.86
C LEU A 1009 -26.49 3.89 -31.60
N ARG A 1010 -25.84 4.11 -30.45
CA ARG A 1010 -26.36 3.56 -29.21
C ARG A 1010 -27.74 4.14 -28.88
N GLY A 1011 -27.89 5.46 -29.05
CA GLY A 1011 -29.17 6.07 -28.77
C GLY A 1011 -30.26 5.62 -29.72
N MET A 1012 -29.95 5.54 -31.02
CA MET A 1012 -30.93 5.08 -31.99
C MET A 1012 -31.24 3.60 -31.82
N LEU A 1013 -30.26 2.81 -31.38
CA LEU A 1013 -30.52 1.42 -31.04
C LEU A 1013 -31.25 1.29 -29.70
N ARG A 1014 -30.99 2.20 -28.76
CA ARG A 1014 -31.66 2.13 -27.47
C ARG A 1014 -33.16 2.36 -27.62
N THR A 1015 -33.55 3.37 -28.40
CA THR A 1015 -34.97 3.61 -28.61
C THR A 1015 -35.65 2.45 -29.30
N HIS A 1016 -34.98 1.83 -30.27
CA HIS A 1016 -35.57 0.65 -30.91
C HIS A 1016 -35.66 -0.51 -29.93
N PHE A 1017 -34.60 -0.74 -29.14
CA PHE A 1017 -34.63 -1.84 -28.18
C PHE A 1017 -35.69 -1.61 -27.12
N GLU A 1018 -35.79 -0.38 -26.61
CA GLU A 1018 -36.82 -0.08 -25.62
C GLU A 1018 -38.22 -0.22 -26.20
N ALA A 1019 -38.41 0.23 -27.44
CA ALA A 1019 -39.69 0.05 -28.11
C ALA A 1019 -39.98 -1.43 -28.35
N LEU A 1020 -38.95 -2.18 -28.76
CA LEU A 1020 -39.14 -3.61 -29.01
C LEU A 1020 -39.47 -4.36 -27.73
N THR A 1021 -38.80 -4.02 -26.63
CA THR A 1021 -38.92 -4.75 -25.37
C THR A 1021 -39.91 -4.12 -24.41
N LYS A 1022 -40.69 -3.12 -24.86
CA LYS A 1022 -41.67 -2.44 -24.01
C LYS A 1022 -41.00 -1.85 -22.77
N SER A 1023 -39.80 -1.32 -22.93
CA SER A 1023 -39.05 -0.78 -21.82
C SER A 1023 -39.60 0.60 -21.44
N CYS A 1024 -39.05 1.14 -20.35
CA CYS A 1024 -39.48 2.43 -19.86
C CYS A 1024 -39.02 3.55 -20.79
N PHE A 1025 -39.64 4.72 -20.63
CA PHE A 1025 -39.21 5.93 -21.33
C PHE A 1025 -38.01 6.48 -20.57
N ALA A 1026 -36.82 5.94 -20.90
CA ALA A 1026 -35.63 6.26 -20.12
C ALA A 1026 -35.31 7.75 -20.17
N ILE A 1027 -35.45 8.36 -21.34
CA ILE A 1027 -35.26 9.79 -21.51
C ILE A 1027 -36.63 10.40 -21.81
N PHE A 1028 -37.19 11.12 -20.85
CA PHE A 1028 -38.53 11.64 -21.00
C PHE A 1028 -38.65 12.96 -20.24
N GLY A 1029 -39.42 13.89 -20.82
CA GLY A 1029 -39.61 15.21 -20.24
C GLY A 1029 -40.72 15.28 -19.20
N GLU A 1030 -40.43 14.82 -17.99
CA GLU A 1030 -41.44 14.82 -16.94
C GLU A 1030 -41.85 16.24 -16.56
N ASP A 1031 -40.90 17.16 -16.52
CA ASP A 1031 -41.15 18.51 -16.02
C ASP A 1031 -41.94 19.38 -16.98
N SER A 1032 -42.09 18.98 -18.24
CA SER A 1032 -42.82 19.79 -19.20
C SER A 1032 -44.33 19.71 -18.94
N THR A 1033 -45.04 20.77 -19.33
CA THR A 1033 -46.47 20.90 -19.13
C THR A 1033 -47.18 21.00 -20.47
N LEU A 1034 -48.49 21.26 -20.40
CA LEU A 1034 -49.31 21.38 -21.59
C LEU A 1034 -50.22 22.60 -21.46
N SER A 1035 -50.67 23.10 -22.61
CA SER A 1035 -51.58 24.23 -22.65
C SER A 1035 -52.81 23.90 -23.50
N ALA A 1397 -52.89 20.56 -18.81
CA ALA A 1397 -52.50 21.74 -18.02
C ALA A 1397 -52.46 21.42 -16.54
N SER A 1398 -53.41 20.59 -16.10
CA SER A 1398 -53.47 20.22 -14.69
C SER A 1398 -52.24 19.41 -14.26
N LYS A 1399 -51.77 18.52 -15.12
CA LYS A 1399 -50.66 17.63 -14.81
C LYS A 1399 -49.54 17.82 -15.83
N THR A 1400 -48.31 17.61 -15.35
CA THR A 1400 -47.16 17.61 -16.24
C THR A 1400 -47.13 16.32 -17.07
N LEU A 1401 -46.22 16.27 -18.03
CA LEU A 1401 -46.08 15.07 -18.85
C LEU A 1401 -45.69 13.86 -18.01
N GLY A 1402 -44.92 14.05 -16.94
CA GLY A 1402 -44.59 12.95 -16.07
C GLY A 1402 -45.82 12.36 -15.40
N GLY A 1403 -46.75 13.21 -14.99
CA GLY A 1403 -48.00 12.70 -14.42
C GLY A 1403 -48.84 11.96 -15.44
N LYS A 1404 -48.88 12.47 -16.68
CA LYS A 1404 -49.66 11.81 -17.72
C LYS A 1404 -49.04 10.48 -18.14
N LEU A 1405 -47.71 10.38 -18.07
CA LEU A 1405 -47.04 9.13 -18.42
C LEU A 1405 -47.33 8.07 -17.35
N ASP A 1406 -47.47 6.83 -17.80
CA ASP A 1406 -47.71 5.73 -16.88
C ASP A 1406 -46.55 5.58 -15.91
N LYS A 1407 -46.87 5.22 -14.67
CA LYS A 1407 -45.86 5.14 -13.63
C LYS A 1407 -44.80 4.08 -13.96
N ALA A 1408 -45.24 2.95 -14.52
CA ALA A 1408 -44.28 1.90 -14.89
C ALA A 1408 -43.41 2.33 -16.07
N LEU A 1409 -43.92 3.21 -16.92
CA LEU A 1409 -43.14 3.71 -18.05
C LEU A 1409 -42.13 4.76 -17.66
N HIS A 1410 -42.15 5.22 -16.41
CA HIS A 1410 -41.20 6.22 -15.96
C HIS A 1410 -39.79 5.65 -15.94
N PRO A 1411 -38.77 6.49 -16.07
CA PRO A 1411 -37.38 5.99 -16.09
C PRO A 1411 -37.05 5.24 -14.80
N CYS A 1412 -36.25 4.19 -14.95
CA CYS A 1412 -35.82 3.41 -13.80
C CYS A 1412 -34.82 4.21 -12.99
N THR A 1413 -35.09 4.35 -11.68
CA THR A 1413 -34.21 5.04 -10.77
C THR A 1413 -33.77 4.05 -9.69
N GLY A 1414 -32.48 3.81 -9.60
CA GLY A 1414 -31.97 2.85 -8.65
C GLY A 1414 -32.24 1.42 -9.06
N LEU A 1415 -31.44 0.48 -8.58
CA LEU A 1415 -31.61 -0.92 -8.92
C LEU A 1415 -32.55 -1.66 -7.98
N SER A 1416 -33.03 -1.01 -6.92
CA SER A 1416 -33.90 -1.67 -5.96
C SER A 1416 -35.21 -2.09 -6.62
N ASP A 1417 -35.80 -1.21 -7.43
CA ASP A 1417 -37.05 -1.50 -8.11
C ASP A 1417 -36.86 -2.35 -9.35
N GLY A 1418 -35.62 -2.61 -9.77
CA GLY A 1418 -35.33 -3.34 -10.97
C GLY A 1418 -35.16 -2.44 -12.18
N LEU A 1419 -34.65 -3.03 -13.25
CA LEU A 1419 -34.38 -2.31 -14.49
C LEU A 1419 -35.15 -2.95 -15.64
N CYS A 1420 -35.73 -2.11 -16.47
CA CYS A 1420 -36.41 -2.57 -17.66
C CYS A 1420 -35.38 -3.14 -18.64
N PRO A 1421 -35.83 -3.95 -19.61
CA PRO A 1421 -34.86 -4.57 -20.53
C PRO A 1421 -33.96 -3.58 -21.24
N GLY A 1422 -34.50 -2.42 -21.64
CA GLY A 1422 -33.66 -1.39 -22.23
C GLY A 1422 -32.68 -0.81 -21.22
N CYS A 1423 -33.15 -0.52 -20.00
CA CYS A 1423 -32.27 -0.01 -18.96
C CYS A 1423 -31.38 -1.09 -18.37
N HIS A 1424 -31.75 -2.37 -18.51
CA HIS A 1424 -30.86 -3.44 -18.09
C HIS A 1424 -29.75 -3.66 -19.11
N LEU A 1425 -30.07 -3.48 -20.39
CA LEU A 1425 -29.07 -3.66 -21.44
C LEU A 1425 -28.14 -2.46 -21.54
N PHE A 1426 -28.69 -1.29 -21.82
CA PHE A 1426 -27.91 -0.09 -22.03
C PHE A 1426 -27.55 0.63 -20.74
N GLY A 1427 -28.14 0.24 -19.62
CA GLY A 1427 -27.74 0.75 -18.33
C GLY A 1427 -28.44 2.03 -17.93
N THR A 1428 -28.25 2.39 -16.66
CA THR A 1428 -28.74 3.64 -16.12
C THR A 1428 -27.61 4.34 -15.37
N THR A 1429 -27.92 5.42 -14.66
CA THR A 1429 -26.89 6.08 -13.88
C THR A 1429 -26.37 5.19 -12.75
N ASP A 1430 -27.20 4.26 -12.28
CA ASP A 1430 -26.81 3.35 -11.21
C ASP A 1430 -26.21 2.05 -11.72
N TYR A 1431 -26.17 1.85 -13.03
CA TYR A 1431 -25.77 0.56 -13.60
C TYR A 1431 -25.19 0.81 -14.98
N LYS A 1432 -23.90 0.51 -15.16
CA LYS A 1432 -23.28 0.66 -16.46
C LYS A 1432 -23.86 -0.37 -17.43
N GLY A 1433 -24.14 0.09 -18.65
CA GLY A 1433 -24.74 -0.78 -19.64
C GLY A 1433 -23.80 -1.90 -20.07
N ARG A 1434 -24.39 -3.00 -20.49
CA ARG A 1434 -23.65 -4.17 -20.91
C ARG A 1434 -23.41 -4.24 -22.42
N VAL A 1435 -23.79 -3.19 -23.16
CA VAL A 1435 -23.52 -3.09 -24.58
C VAL A 1435 -22.77 -1.79 -24.83
N LYS A 1436 -21.69 -1.88 -25.60
CA LYS A 1436 -20.89 -0.74 -25.97
C LYS A 1436 -20.97 -0.55 -27.48
N PHE A 1437 -21.32 0.66 -27.92
CA PHE A 1437 -21.41 1.00 -29.33
C PHE A 1437 -20.20 1.84 -29.70
N GLY A 1438 -19.48 1.40 -30.74
CA GLY A 1438 -18.33 2.16 -31.19
C GLY A 1438 -18.69 3.14 -32.28
N PHE A 1439 -17.74 4.03 -32.58
CA PHE A 1439 -17.91 4.97 -33.67
C PHE A 1439 -17.94 4.23 -35.00
N ALA A 1440 -18.84 4.65 -35.88
CA ALA A 1440 -19.00 4.02 -37.19
C ALA A 1440 -18.06 4.69 -38.17
N LYS A 1441 -17.08 3.94 -38.68
CA LYS A 1441 -16.14 4.45 -39.65
C LYS A 1441 -16.67 4.24 -41.06
N TYR A 1442 -16.52 5.27 -41.89
CA TYR A 1442 -17.01 5.21 -43.26
C TYR A 1442 -16.09 4.33 -44.11
N GLU A 1443 -16.69 3.36 -44.83
CA GLU A 1443 -15.93 2.45 -45.66
C GLU A 1443 -16.00 2.80 -47.15
N ASN A 1444 -17.20 2.82 -47.73
CA ASN A 1444 -17.31 2.96 -49.18
C ASN A 1444 -18.72 3.41 -49.53
N GLY A 1445 -18.89 3.80 -50.79
CA GLY A 1445 -20.14 4.27 -51.30
C GLY A 1445 -20.02 5.65 -51.92
N PRO A 1446 -21.10 6.16 -52.51
CA PRO A 1446 -21.09 7.54 -53.01
C PRO A 1446 -20.93 8.53 -51.87
N GLU A 1447 -19.81 9.24 -51.85
CA GLU A 1447 -19.41 9.96 -50.65
C GLU A 1447 -20.45 11.01 -50.25
N TRP A 1448 -20.99 11.76 -51.20
CA TRP A 1448 -21.89 12.85 -50.88
C TRP A 1448 -23.05 12.88 -51.87
N LEU A 1449 -24.14 13.49 -51.42
CA LEU A 1449 -25.30 13.73 -52.27
C LEU A 1449 -25.11 15.09 -52.93
N ILE A 1450 -24.65 15.08 -54.18
CA ILE A 1450 -24.33 16.32 -54.87
C ILE A 1450 -25.61 17.01 -55.33
N THR A 1451 -25.74 18.28 -55.00
CA THR A 1451 -26.83 19.12 -55.47
C THR A 1451 -26.24 20.39 -56.08
N ARG A 1452 -26.66 20.71 -57.30
CA ARG A 1452 -26.01 21.78 -58.04
C ARG A 1452 -26.36 23.16 -57.48
N GLY A 1453 -27.60 23.35 -57.05
CA GLY A 1453 -28.02 24.65 -56.57
C GLY A 1453 -27.29 25.09 -55.30
N ASN A 1454 -26.94 24.13 -54.44
CA ASN A 1454 -26.27 24.44 -53.19
C ASN A 1454 -24.87 24.99 -53.45
N ASN A 1455 -24.49 26.00 -52.66
CA ASN A 1455 -23.15 26.55 -52.78
C ASN A 1455 -22.08 25.50 -52.48
N PRO A 1456 -22.14 24.72 -51.40
CA PRO A 1456 -21.36 23.49 -51.35
C PRO A 1456 -22.14 22.35 -51.99
N GLU A 1457 -21.56 21.71 -53.01
CA GLU A 1457 -22.29 20.67 -53.73
C GLU A 1457 -22.66 19.51 -52.83
N ARG A 1458 -21.77 19.16 -51.90
CA ARG A 1458 -22.02 18.06 -50.98
C ARG A 1458 -23.00 18.43 -49.86
N SER A 1459 -23.38 19.69 -49.74
CA SER A 1459 -24.25 20.14 -48.67
C SER A 1459 -25.72 20.14 -49.11
N LEU A 1460 -26.60 20.43 -48.15
CA LEU A 1460 -28.02 20.60 -48.41
C LEU A 1460 -28.60 21.48 -47.32
N THR A 1461 -29.38 22.47 -47.74
CA THR A 1461 -30.05 23.38 -46.81
C THR A 1461 -31.41 22.78 -46.45
N LEU A 1462 -31.56 22.37 -45.20
CA LEU A 1462 -32.78 21.71 -44.77
C LEU A 1462 -33.89 22.72 -44.49
N GLY A 1463 -35.10 22.20 -44.36
CA GLY A 1463 -36.19 23.01 -43.86
C GLY A 1463 -36.05 23.28 -42.38
N VAL A 1464 -36.86 24.22 -41.89
CA VAL A 1464 -36.79 24.59 -40.48
C VAL A 1464 -37.23 23.41 -39.62
N LEU A 1465 -36.37 23.02 -38.70
CA LEU A 1465 -36.63 21.94 -37.76
C LEU A 1465 -36.93 22.56 -36.39
N GLU A 1466 -38.20 22.53 -36.01
CA GLU A 1466 -38.64 23.12 -34.76
C GLU A 1466 -38.88 22.04 -33.71
N SER A 1467 -38.81 22.45 -32.45
CA SER A 1467 -38.87 21.49 -31.35
C SER A 1467 -40.24 20.81 -31.34
N PRO A 1468 -40.31 19.53 -31.03
CA PRO A 1468 -41.60 18.87 -30.87
C PRO A 1468 -42.39 19.51 -29.74
N ARG A 1469 -43.69 19.61 -29.95
CA ARG A 1469 -44.58 20.20 -28.94
C ARG A 1469 -45.64 19.19 -28.53
N PRO A 1470 -45.66 18.74 -27.27
CA PRO A 1470 -46.61 17.71 -26.85
C PRO A 1470 -48.06 18.14 -26.93
N ALA A 1471 -48.34 19.44 -27.03
CA ALA A 1471 -49.72 19.91 -27.02
C ALA A 1471 -50.53 19.30 -28.15
N PHE A 1472 -49.91 19.04 -29.30
CA PHE A 1472 -50.63 18.42 -30.41
C PHE A 1472 -50.86 16.93 -30.17
N SER A 1473 -49.86 16.24 -29.64
CA SER A 1473 -50.00 14.82 -29.37
C SER A 1473 -50.91 14.54 -28.18
N ILE A 1474 -51.01 15.51 -27.26
CA ILE A 1474 -51.92 15.40 -26.12
C ILE A 1474 -52.84 16.61 -26.18
N PRO A 1475 -53.93 16.55 -26.94
CA PRO A 1475 -54.74 17.77 -27.15
C PRO A 1475 -55.49 18.22 -25.92
N ASP A 1476 -55.91 17.30 -25.06
CA ASP A 1476 -56.69 17.65 -23.87
C ASP A 1476 -56.09 16.96 -22.65
N ASP A 1477 -56.53 17.41 -21.47
CA ASP A 1477 -55.99 16.87 -20.23
C ASP A 1477 -56.41 15.43 -20.01
N GLU A 1478 -57.51 14.99 -20.64
CA GLU A 1478 -57.93 13.60 -20.51
C GLU A 1478 -57.06 12.66 -21.35
N SER A 1479 -56.32 13.20 -22.32
CA SER A 1479 -55.46 12.37 -23.14
C SER A 1479 -54.23 11.93 -22.36
N GLU A 1480 -53.70 10.76 -22.74
CA GLU A 1480 -52.51 10.20 -22.13
C GLU A 1480 -51.30 10.47 -23.02
N ILE A 1481 -50.16 9.96 -22.61
CA ILE A 1481 -48.95 10.00 -23.44
C ILE A 1481 -49.17 9.05 -24.62
N PRO A 1482 -49.12 9.55 -25.86
CA PRO A 1482 -49.37 8.64 -27.00
C PRO A 1482 -48.38 7.51 -27.10
N GLY A 1483 -47.15 7.69 -26.64
CA GLY A 1483 -46.16 6.65 -26.72
C GLY A 1483 -44.80 7.17 -27.14
N ARG A 1484 -44.02 6.33 -27.82
CA ARG A 1484 -42.69 6.70 -28.30
C ARG A 1484 -42.79 7.16 -29.75
N LYS A 1485 -42.36 8.38 -30.02
CA LYS A 1485 -42.44 8.93 -31.36
C LYS A 1485 -41.41 8.27 -32.26
N PHE A 1486 -41.86 7.83 -33.43
CA PHE A 1486 -40.99 7.26 -34.45
C PHE A 1486 -41.30 7.92 -35.79
N TYR A 1487 -40.27 8.06 -36.61
CA TYR A 1487 -40.37 8.72 -37.91
C TYR A 1487 -40.38 7.68 -39.01
N LEU A 1488 -41.36 7.80 -39.91
CA LEU A 1488 -41.46 6.85 -41.02
C LEU A 1488 -40.34 7.07 -42.02
N HIS A 1489 -39.98 6.00 -42.72
CA HIS A 1489 -38.97 6.07 -43.76
C HIS A 1489 -39.62 6.50 -45.08
N HIS A 1490 -39.13 7.58 -45.65
CA HIS A 1490 -39.66 8.08 -46.91
C HIS A 1490 -38.59 8.93 -47.58
N ASN A 1491 -38.76 9.13 -48.88
CA ASN A 1491 -37.86 9.99 -49.64
C ASN A 1491 -38.36 11.42 -49.68
N GLY A 1492 -38.70 11.98 -48.52
CA GLY A 1492 -39.09 13.37 -48.43
C GLY A 1492 -37.94 14.33 -48.52
N TRP A 1493 -36.71 13.82 -48.44
CA TRP A 1493 -35.53 14.65 -48.63
C TRP A 1493 -35.45 15.20 -50.05
N ARG A 1494 -36.00 14.46 -51.03
CA ARG A 1494 -36.00 14.94 -52.40
C ARG A 1494 -36.80 16.23 -52.54
N ILE A 1495 -37.91 16.34 -51.82
CA ILE A 1495 -38.67 17.60 -51.81
C ILE A 1495 -37.81 18.72 -51.24
N ILE A 1496 -37.11 18.45 -50.15
CA ILE A 1496 -36.16 19.42 -49.61
C ILE A 1496 -35.04 19.67 -50.61
N ARG A 1497 -34.54 18.61 -51.24
CA ARG A 1497 -33.45 18.74 -52.21
C ARG A 1497 -33.87 19.53 -53.44
N GLN A 1498 -35.08 19.30 -53.93
CA GLN A 1498 -35.55 19.98 -55.13
C GLN A 1498 -36.01 21.40 -54.88
N LYS A 1499 -36.25 21.78 -53.63
CA LYS A 1499 -36.64 23.14 -53.28
C LYS A 1499 -35.56 23.87 -52.50
N GLN A 1500 -34.30 23.59 -52.80
CA GLN A 1500 -33.19 24.22 -52.08
C GLN A 1500 -33.17 25.72 -52.30
N LEU A 1501 -33.38 26.17 -53.54
CA LEU A 1501 -33.38 27.60 -53.82
C LEU A 1501 -34.54 28.29 -53.11
N GLU A 1502 -35.73 27.65 -53.11
CA GLU A 1502 -36.88 28.25 -52.45
C GLU A 1502 -36.75 28.22 -50.94
N ILE A 1503 -36.07 27.22 -50.39
CA ILE A 1503 -35.87 27.15 -48.95
C ILE A 1503 -35.01 28.32 -48.47
N ARG A 1504 -33.92 28.60 -49.19
CA ARG A 1504 -33.01 29.65 -48.76
C ARG A 1504 -33.60 31.04 -48.98
N GLU A 1505 -34.40 31.22 -50.04
CA GLU A 1505 -34.92 32.54 -50.36
C GLU A 1505 -36.06 32.95 -49.42
N THR A 1506 -36.77 32.00 -48.83
CA THR A 1506 -37.92 32.29 -48.00
C THR A 1506 -37.67 32.06 -46.51
N VAL A 1507 -37.19 30.87 -46.14
CA VAL A 1507 -36.91 30.57 -44.74
C VAL A 1507 -35.75 31.42 -44.26
N GLN A 1508 -35.89 31.97 -43.06
CA GLN A 1508 -34.84 32.82 -42.50
C GLN A 1508 -33.54 32.04 -42.36
N PRO A 1509 -32.39 32.64 -42.68
CA PRO A 1509 -31.13 31.87 -42.66
C PRO A 1509 -30.80 31.27 -41.30
N GLU A 1510 -31.09 31.98 -40.21
CA GLU A 1510 -30.84 31.42 -38.88
C GLU A 1510 -31.94 30.47 -38.44
N ARG A 1511 -33.08 30.47 -39.13
CA ARG A 1511 -34.17 29.57 -38.77
C ARG A 1511 -33.86 28.13 -39.17
N ASN A 1512 -33.17 27.94 -40.29
CA ASN A 1512 -32.83 26.62 -40.78
C ASN A 1512 -31.32 26.43 -40.75
N VAL A 1513 -30.88 25.24 -41.17
CA VAL A 1513 -29.46 24.90 -41.20
C VAL A 1513 -29.10 24.35 -42.58
N THR A 1514 -27.83 24.50 -42.92
CA THR A 1514 -27.23 23.85 -44.09
C THR A 1514 -26.23 22.84 -43.58
N THR A 1515 -26.21 21.65 -44.17
CA THR A 1515 -25.40 20.57 -43.62
C THR A 1515 -24.87 19.69 -44.74
N GLU A 1516 -23.72 19.10 -44.49
CA GLU A 1516 -23.16 18.10 -45.39
C GLU A 1516 -23.92 16.80 -45.22
N VAL A 1517 -24.53 16.31 -46.28
CA VAL A 1517 -25.35 15.11 -46.24
C VAL A 1517 -24.69 14.03 -47.07
N MET A 1518 -24.73 12.80 -46.56
CA MET A 1518 -24.23 11.66 -47.31
C MET A 1518 -25.22 11.29 -48.40
N ASP A 1519 -24.75 10.54 -49.39
CA ASP A 1519 -25.66 9.98 -50.37
C ASP A 1519 -26.14 8.62 -49.91
N LYS A 1520 -27.22 8.15 -50.50
CA LYS A 1520 -27.73 6.83 -50.19
C LYS A 1520 -26.75 5.76 -50.65
N GLY A 1521 -26.74 4.64 -49.95
CA GLY A 1521 -25.82 3.56 -50.24
C GLY A 1521 -24.46 3.67 -49.61
N ASN A 1522 -24.21 4.70 -48.82
CA ASN A 1522 -22.97 4.79 -48.07
C ASN A 1522 -22.95 3.74 -46.97
N VAL A 1523 -21.79 3.11 -46.77
CA VAL A 1523 -21.66 2.01 -45.83
C VAL A 1523 -20.71 2.44 -44.73
N PHE A 1524 -21.19 2.36 -43.49
CA PHE A 1524 -20.38 2.60 -42.29
C PHE A 1524 -20.27 1.30 -41.52
N SER A 1525 -19.14 1.09 -40.86
CA SER A 1525 -18.94 -0.08 -40.02
C SER A 1525 -18.69 0.36 -38.59
N PHE A 1526 -19.48 -0.17 -37.67
CA PHE A 1526 -19.32 0.11 -36.25
C PHE A 1526 -19.28 -1.20 -35.48
N ASP A 1527 -18.63 -1.14 -34.32
CA ASP A 1527 -18.40 -2.31 -33.49
C ASP A 1527 -19.31 -2.23 -32.26
N VAL A 1528 -20.04 -3.31 -32.01
CA VAL A 1528 -20.93 -3.40 -30.85
C VAL A 1528 -20.36 -4.46 -29.93
N ARG A 1529 -19.76 -4.01 -28.82
CA ARG A 1529 -19.17 -4.92 -27.86
C ARG A 1529 -20.13 -5.11 -26.69
N PHE A 1530 -20.45 -6.37 -26.39
CA PHE A 1530 -21.39 -6.70 -25.33
C PHE A 1530 -20.73 -7.65 -24.35
N GLU A 1531 -21.08 -7.49 -23.08
CA GLU A 1531 -20.56 -8.32 -22.01
C GLU A 1531 -21.71 -8.85 -21.17
N ASN A 1532 -21.64 -10.13 -20.82
CA ASN A 1532 -22.62 -10.76 -19.94
C ASN A 1532 -24.04 -10.57 -20.47
N LEU A 1533 -24.27 -11.04 -21.69
CA LEU A 1533 -25.58 -10.95 -22.31
C LEU A 1533 -26.29 -12.29 -22.24
N ARG A 1534 -27.60 -12.25 -22.02
CA ARG A 1534 -28.39 -13.46 -22.12
C ARG A 1534 -28.43 -13.93 -23.57
N GLU A 1535 -28.77 -15.21 -23.74
CA GLU A 1535 -28.94 -15.72 -25.09
C GLU A 1535 -30.09 -15.03 -25.81
N TRP A 1536 -31.07 -14.52 -25.05
CA TRP A 1536 -32.16 -13.76 -25.65
C TRP A 1536 -31.81 -12.28 -25.80
N GLU A 1537 -31.10 -11.73 -24.81
CA GLU A 1537 -30.72 -10.32 -24.87
C GLU A 1537 -29.80 -10.05 -26.05
N LEU A 1538 -28.83 -10.94 -26.28
CA LEU A 1538 -28.03 -10.84 -27.48
C LEU A 1538 -28.88 -11.03 -28.73
N GLY A 1539 -29.85 -11.94 -28.67
CA GLY A 1539 -30.75 -12.11 -29.79
C GLY A 1539 -31.61 -10.90 -30.06
N LEU A 1540 -32.14 -10.29 -29.00
CA LEU A 1540 -32.92 -9.06 -29.16
C LEU A 1540 -32.04 -7.92 -29.65
N LEU A 1541 -30.82 -7.81 -29.12
CA LEU A 1541 -29.89 -6.82 -29.62
C LEU A 1541 -29.53 -7.08 -31.07
N LEU A 1542 -29.30 -8.34 -31.43
CA LEU A 1542 -29.07 -8.68 -32.83
C LEU A 1542 -30.31 -8.42 -33.67
N GLN A 1543 -31.48 -8.73 -33.14
CA GLN A 1543 -32.72 -8.41 -33.84
C GLN A 1543 -32.91 -6.90 -33.95
N SER A 1544 -32.59 -6.17 -32.88
CA SER A 1544 -32.73 -4.72 -32.91
C SER A 1544 -31.83 -4.10 -33.97
N LEU A 1545 -30.59 -4.59 -34.08
CA LEU A 1545 -29.67 -4.05 -35.07
C LEU A 1545 -30.16 -4.29 -36.48
N ASP A 1546 -30.56 -5.53 -36.78
CA ASP A 1546 -31.01 -5.93 -38.12
C ASP A 1546 -32.38 -6.57 -37.98
N PRO A 1547 -33.45 -5.77 -37.95
CA PRO A 1547 -34.79 -6.32 -37.75
C PRO A 1547 -35.27 -7.18 -38.90
N GLY A 1548 -35.20 -6.66 -40.13
CA GLY A 1548 -35.73 -7.38 -41.26
C GLY A 1548 -35.14 -6.86 -42.56
N LYS A 1549 -35.55 -7.52 -43.65
CA LYS A 1549 -35.02 -7.17 -44.96
C LYS A 1549 -35.51 -5.80 -45.42
N ASN A 1550 -36.80 -5.50 -45.20
CA ASN A 1550 -37.40 -4.25 -45.61
C ASN A 1550 -37.60 -3.29 -44.44
N ILE A 1551 -36.80 -3.43 -43.37
CA ILE A 1551 -36.95 -2.62 -42.18
C ILE A 1551 -35.58 -2.04 -41.83
N ALA A 1552 -35.53 -0.73 -41.60
CA ALA A 1552 -34.29 -0.06 -41.27
C ALA A 1552 -34.48 0.87 -40.07
N HIS A 1553 -33.49 1.68 -39.77
CA HIS A 1553 -33.55 2.62 -38.66
C HIS A 1553 -33.56 4.05 -39.18
N LYS A 1554 -33.82 4.98 -38.27
CA LYS A 1554 -33.76 6.41 -38.53
C LYS A 1554 -32.66 7.00 -37.67
N LEU A 1555 -31.70 7.67 -38.30
CA LEU A 1555 -30.50 8.12 -37.61
C LEU A 1555 -30.12 9.51 -38.09
N GLY A 1556 -29.70 10.35 -37.14
CA GLY A 1556 -29.18 11.66 -37.49
C GLY A 1556 -30.26 12.70 -37.70
N LYS A 1557 -29.82 13.86 -38.16
CA LYS A 1557 -30.71 15.00 -38.37
C LYS A 1557 -31.62 14.77 -39.57
N GLY A 1558 -32.74 15.46 -39.58
CA GLY A 1558 -33.67 15.39 -40.69
C GLY A 1558 -34.54 14.15 -40.72
N LYS A 1559 -34.71 13.46 -39.59
CA LYS A 1559 -35.56 12.28 -39.57
C LYS A 1559 -36.99 12.57 -40.03
N PRO A 1560 -37.67 13.63 -39.58
CA PRO A 1560 -39.02 13.90 -40.09
C PRO A 1560 -39.05 14.24 -41.58
N TYR A 1561 -37.92 14.64 -42.16
CA TYR A 1561 -37.85 14.99 -43.57
C TYR A 1561 -37.40 13.84 -44.46
N GLY A 1562 -37.39 12.62 -43.93
CA GLY A 1562 -36.99 11.46 -44.69
C GLY A 1562 -35.50 11.16 -44.66
N PHE A 1563 -34.70 12.03 -44.06
CA PHE A 1563 -33.26 11.79 -43.97
C PHE A 1563 -32.96 10.70 -42.96
N GLY A 1564 -31.82 10.05 -43.13
CA GLY A 1564 -31.28 9.18 -42.11
C GLY A 1564 -31.83 7.78 -42.05
N SER A 1565 -32.52 7.31 -43.08
CA SER A 1565 -32.96 5.92 -43.12
C SER A 1565 -31.74 5.05 -43.34
N VAL A 1566 -31.24 4.43 -42.28
CA VAL A 1566 -30.04 3.62 -42.32
C VAL A 1566 -30.40 2.19 -41.98
N LYS A 1567 -29.88 1.25 -42.77
CA LYS A 1567 -30.08 -0.17 -42.54
C LYS A 1567 -28.79 -0.76 -42.00
N ILE A 1568 -28.89 -1.47 -40.87
CA ILE A 1568 -27.74 -2.08 -40.23
C ILE A 1568 -27.71 -3.55 -40.61
N LYS A 1569 -26.56 -4.01 -41.09
CA LYS A 1569 -26.36 -5.40 -41.49
C LYS A 1569 -25.24 -6.00 -40.66
N ILE A 1570 -25.51 -7.15 -40.04
CA ILE A 1570 -24.53 -7.81 -39.19
C ILE A 1570 -23.53 -8.55 -40.07
N ASP A 1571 -22.25 -8.21 -39.93
CA ASP A 1571 -21.21 -8.96 -40.62
C ASP A 1571 -20.82 -10.21 -39.83
N SER A 1572 -20.32 -10.02 -38.62
CA SER A 1572 -19.83 -11.14 -37.82
C SER A 1572 -20.19 -10.89 -36.36
N LEU A 1573 -20.57 -11.97 -35.67
CA LEU A 1573 -20.78 -11.94 -34.23
C LEU A 1573 -19.71 -12.80 -33.58
N HIS A 1574 -18.88 -12.20 -32.74
CA HIS A 1574 -17.82 -12.89 -32.04
C HIS A 1574 -18.14 -12.94 -30.56
N THR A 1575 -17.87 -14.07 -29.92
CA THR A 1575 -18.08 -14.25 -28.50
C THR A 1575 -16.86 -14.94 -27.90
N PHE A 1576 -16.64 -14.71 -26.61
CA PHE A 1576 -15.52 -15.31 -25.90
C PHE A 1576 -15.97 -15.72 -24.50
N LYS A 1577 -15.19 -16.60 -23.90
CA LYS A 1577 -15.47 -17.07 -22.55
C LYS A 1577 -14.32 -16.77 -21.60
N ILE A 1585 -11.82 -16.28 -28.49
CA ILE A 1585 -12.69 -15.46 -29.32
C ILE A 1585 -13.11 -16.25 -30.56
N LYS A 1586 -14.29 -16.83 -30.50
CA LYS A 1586 -14.82 -17.64 -31.59
C LYS A 1586 -15.78 -16.82 -32.45
N ARG A 1587 -15.84 -17.18 -33.73
CA ARG A 1587 -16.76 -16.55 -34.67
C ARG A 1587 -18.06 -17.33 -34.67
N VAL A 1588 -19.09 -16.77 -34.06
CA VAL A 1588 -20.40 -17.44 -33.99
C VAL A 1588 -20.99 -17.51 -35.39
N PRO A 1589 -21.42 -18.68 -35.85
CA PRO A 1589 -21.97 -18.78 -37.21
C PRO A 1589 -23.45 -18.40 -37.26
N GLN A 1590 -23.96 -18.38 -38.49
CA GLN A 1590 -25.32 -17.88 -38.73
C GLN A 1590 -26.35 -18.73 -38.01
N SER A 1591 -26.15 -20.06 -37.98
CA SER A 1591 -27.12 -20.94 -37.34
C SER A 1591 -27.25 -20.63 -35.85
N ASP A 1592 -26.12 -20.38 -35.18
CA ASP A 1592 -26.17 -20.06 -33.76
C ASP A 1592 -26.69 -18.64 -33.52
N ILE A 1593 -26.45 -17.73 -34.45
CA ILE A 1593 -27.05 -16.40 -34.38
C ILE A 1593 -28.56 -16.50 -34.51
N ARG A 1594 -29.03 -17.33 -35.44
CA ARG A 1594 -30.46 -17.58 -35.55
C ARG A 1594 -31.02 -18.13 -34.25
N GLU A 1595 -30.24 -18.96 -33.55
CA GLU A 1595 -30.69 -19.51 -32.28
C GLU A 1595 -30.86 -18.40 -31.25
N TYR A 1596 -29.92 -17.45 -31.19
CA TYR A 1596 -30.02 -16.36 -30.23
C TYR A 1596 -31.25 -15.50 -30.49
N ILE A 1597 -31.50 -15.16 -31.77
CA ILE A 1597 -32.60 -14.26 -32.10
C ILE A 1597 -33.93 -14.90 -31.74
N ASN A 1598 -34.05 -16.21 -31.93
CA ASN A 1598 -35.29 -16.90 -31.60
C ASN A 1598 -35.60 -16.81 -30.11
N LYS A 1599 -34.57 -16.93 -29.27
CA LYS A 1599 -34.78 -16.84 -27.83
C LYS A 1599 -35.26 -15.44 -27.43
N GLY A 1600 -34.76 -14.41 -28.11
CA GLY A 1600 -35.26 -13.07 -27.86
C GLY A 1600 -36.73 -12.93 -28.20
N TYR A 1601 -37.15 -13.57 -29.29
CA TYR A 1601 -38.58 -13.62 -29.62
C TYR A 1601 -39.35 -14.33 -28.53
N GLN A 1602 -38.83 -15.47 -28.05
CA GLN A 1602 -39.51 -16.21 -27.00
C GLN A 1602 -39.66 -15.37 -25.75
N LYS A 1603 -38.61 -14.64 -25.37
CA LYS A 1603 -38.68 -13.76 -24.19
C LYS A 1603 -39.73 -12.67 -24.37
N LEU A 1604 -39.84 -12.12 -25.59
CA LEU A 1604 -40.88 -11.12 -25.84
C LEU A 1604 -42.28 -11.72 -25.77
N ILE A 1605 -42.41 -13.00 -26.12
CA ILE A 1605 -43.70 -13.68 -25.98
C ILE A 1605 -44.09 -13.78 -24.51
N GLU A 1606 -43.12 -14.14 -23.65
CA GLU A 1606 -43.41 -14.27 -22.22
C GLU A 1606 -43.89 -12.95 -21.63
N TRP A 1607 -43.27 -11.84 -22.03
CA TRP A 1607 -43.68 -10.54 -21.51
C TRP A 1607 -45.07 -10.17 -21.98
N SER A 1608 -45.39 -10.47 -23.25
CA SER A 1608 -46.73 -10.19 -23.75
C SER A 1608 -47.77 -11.04 -23.04
N GLY A 1609 -47.49 -12.31 -22.83
CA GLY A 1609 -48.43 -13.20 -22.17
C GLY A 1609 -49.37 -13.88 -23.14
N LEU A 1619 -37.99 -19.45 -37.52
CA LEU A 1619 -38.27 -18.20 -38.27
C LEU A 1619 -39.38 -17.43 -37.54
N PRO A 1620 -39.07 -16.47 -36.64
CA PRO A 1620 -40.10 -15.74 -35.92
C PRO A 1620 -40.81 -14.69 -36.77
N GLN A 1621 -42.15 -14.67 -36.71
CA GLN A 1621 -42.95 -13.64 -37.43
C GLN A 1621 -43.28 -12.56 -36.39
N TRP A 1622 -42.45 -11.53 -36.34
CA TRP A 1622 -42.53 -10.51 -35.30
C TRP A 1622 -43.86 -9.78 -35.32
N HIS A 1623 -44.57 -9.79 -36.45
CA HIS A 1623 -45.79 -9.01 -36.59
C HIS A 1623 -46.95 -9.55 -35.76
N VAL A 1624 -46.84 -10.75 -35.18
CA VAL A 1624 -47.93 -11.27 -34.37
C VAL A 1624 -48.06 -10.49 -33.07
N ILE A 1625 -46.95 -9.98 -32.53
CA ILE A 1625 -46.97 -9.20 -31.30
C ILE A 1625 -47.46 -7.80 -31.64
N PRO A 1626 -48.55 -7.33 -31.03
CA PRO A 1626 -49.17 -6.06 -31.47
C PRO A 1626 -48.24 -4.86 -31.41
N HIS A 1627 -47.39 -4.76 -30.38
CA HIS A 1627 -46.54 -3.58 -30.27
C HIS A 1627 -45.37 -3.63 -31.25
N ILE A 1628 -44.82 -4.82 -31.50
CA ILE A 1628 -43.73 -4.93 -32.45
C ILE A 1628 -44.23 -4.69 -33.87
N ASP A 1629 -45.41 -5.22 -34.19
CA ASP A 1629 -45.99 -4.96 -35.51
C ASP A 1629 -46.18 -3.47 -35.74
N LYS A 1630 -46.72 -2.77 -34.74
CA LYS A 1630 -46.82 -1.31 -34.83
C LYS A 1630 -45.44 -0.68 -34.92
N LEU A 1631 -44.49 -1.19 -34.14
CA LEU A 1631 -43.12 -0.67 -34.20
C LEU A 1631 -42.48 -0.94 -35.55
N TYR A 1632 -42.73 -2.12 -36.11
CA TYR A 1632 -42.02 -2.54 -37.31
C TYR A 1632 -42.54 -1.84 -38.57
N LYS A 1633 -43.83 -1.53 -38.65
CA LYS A 1633 -44.28 -0.74 -39.79
C LYS A 1633 -43.76 0.68 -39.71
N LEU A 1634 -43.49 1.17 -38.50
CA LEU A 1634 -42.85 2.47 -38.35
C LEU A 1634 -41.47 2.48 -38.98
N LEU A 1635 -40.71 1.40 -38.79
CA LEU A 1635 -39.37 1.29 -39.34
C LEU A 1635 -39.33 0.52 -40.65
N TRP A 1636 -40.48 0.14 -41.20
CA TRP A 1636 -40.50 -0.55 -42.48
C TRP A 1636 -40.29 0.46 -43.60
N VAL A 1637 -39.44 0.10 -44.55
CA VAL A 1637 -39.06 0.99 -45.64
C VAL A 1637 -39.90 0.63 -46.86
N PRO A 1638 -40.86 1.46 -47.26
CA PRO A 1638 -41.70 1.11 -48.40
C PRO A 1638 -40.95 1.02 -49.72
N PHE A 1639 -39.88 1.80 -49.90
CA PHE A 1639 -39.14 1.85 -51.15
C PHE A 1639 -37.91 0.95 -51.14
N LEU A 1640 -37.70 0.15 -50.10
CA LEU A 1640 -36.52 -0.69 -50.02
C LEU A 1640 -36.58 -1.81 -51.07
N ASN A 1641 -35.40 -2.30 -51.45
CA ASN A 1641 -35.23 -3.35 -52.46
C ASN A 1641 -35.83 -2.82 -53.76
N ASP A 1642 -36.70 -3.56 -54.44
CA ASP A 1642 -37.32 -3.12 -55.69
C ASP A 1642 -38.79 -2.84 -55.39
N SER A 1643 -39.13 -1.56 -55.27
CA SER A 1643 -40.50 -1.15 -55.03
C SER A 1643 -40.70 0.25 -55.59
N LYS A 1644 -41.90 0.50 -56.11
CA LYS A 1644 -42.24 1.78 -56.71
C LYS A 1644 -42.93 2.73 -55.74
N LEU A 1645 -43.04 2.36 -54.47
CA LEU A 1645 -43.74 3.19 -53.49
C LEU A 1645 -42.92 4.42 -53.15
N GLU A 1646 -43.55 5.60 -53.26
CA GLU A 1646 -42.94 6.86 -52.88
C GLU A 1646 -43.94 7.65 -52.05
N PRO A 1647 -44.21 7.22 -50.80
CA PRO A 1647 -45.23 7.88 -50.00
C PRO A 1647 -44.89 9.35 -49.74
N ASP A 1648 -45.92 10.19 -49.79
CA ASP A 1648 -45.79 11.61 -49.53
C ASP A 1648 -45.97 11.84 -48.03
N VAL A 1649 -44.87 12.10 -47.34
CA VAL A 1649 -44.87 12.23 -45.88
C VAL A 1649 -44.32 13.60 -45.53
N ARG A 1650 -45.16 14.46 -44.96
CA ARG A 1650 -44.74 15.78 -44.52
C ARG A 1650 -45.75 16.32 -43.52
N TYR A 1651 -45.33 17.33 -42.77
CA TYR A 1651 -46.18 17.95 -41.78
C TYR A 1651 -47.21 18.87 -42.43
N PRO A 1652 -48.38 19.03 -41.81
CA PRO A 1652 -49.32 20.05 -42.28
C PRO A 1652 -48.73 21.44 -42.10
N VAL A 1653 -49.18 22.36 -42.94
CA VAL A 1653 -48.80 23.77 -42.79
C VAL A 1653 -49.69 24.40 -41.73
N LEU A 1654 -49.30 25.57 -41.24
CA LEU A 1654 -50.11 26.24 -40.22
C LEU A 1654 -51.48 26.61 -40.75
N ASN A 1655 -51.55 27.12 -41.97
CA ASN A 1655 -52.82 27.49 -42.60
C ASN A 1655 -52.62 27.52 -44.10
N GLU A 1656 -53.69 27.87 -44.82
CA GLU A 1656 -53.62 27.91 -46.27
C GLU A 1656 -52.67 28.99 -46.76
N GLU A 1657 -52.61 30.12 -46.06
CA GLU A 1657 -51.71 31.21 -46.43
C GLU A 1657 -50.27 30.94 -46.03
N SER A 1658 -50.01 29.89 -45.24
CA SER A 1658 -48.65 29.59 -44.81
C SER A 1658 -47.82 29.08 -45.99
N LYS A 1659 -46.51 29.32 -45.89
CA LYS A 1659 -45.59 28.89 -46.94
C LYS A 1659 -45.53 27.38 -47.03
N GLY A 1660 -45.48 26.87 -48.27
CA GLY A 1660 -45.41 25.44 -48.51
C GLY A 1660 -46.74 24.75 -48.66
N TYR A 1661 -47.86 25.45 -48.44
CA TYR A 1661 -49.17 24.85 -48.58
C TYR A 1661 -49.46 24.54 -50.04
N ILE A 1662 -50.04 23.37 -50.28
CA ILE A 1662 -50.42 22.94 -51.62
C ILE A 1662 -51.91 23.19 -51.82
N GLU A 1663 -52.26 23.79 -52.96
CA GLU A 1663 -53.65 24.08 -53.25
C GLU A 1663 -54.41 22.81 -53.57
N GLY A 1664 -55.71 22.81 -53.26
CA GLY A 1664 -56.56 21.68 -53.51
C GLY A 1664 -56.59 20.64 -52.42
N SER A 1665 -55.87 20.86 -51.33
CA SER A 1665 -55.83 19.93 -50.21
C SER A 1665 -56.10 20.66 -48.91
N ASP A 1666 -56.68 19.95 -47.95
CA ASP A 1666 -57.01 20.49 -46.64
C ASP A 1666 -55.99 20.10 -45.58
N TYR A 1667 -54.72 19.97 -45.97
CA TYR A 1667 -53.66 19.52 -45.05
C TYR A 1667 -53.08 20.73 -44.34
N THR A 1668 -53.85 21.25 -43.38
CA THR A 1668 -53.45 22.40 -42.58
C THR A 1668 -53.69 22.12 -41.10
N TYR A 1669 -52.85 22.70 -40.25
CA TYR A 1669 -53.03 22.54 -38.82
C TYR A 1669 -54.21 23.34 -38.29
N LYS A 1670 -54.61 24.41 -38.99
CA LYS A 1670 -55.80 25.16 -38.57
C LYS A 1670 -57.04 24.28 -38.68
N LYS A 1671 -57.15 23.51 -39.76
CA LYS A 1671 -58.31 22.66 -39.95
C LYS A 1671 -58.20 21.37 -39.14
N LEU A 1672 -57.02 20.74 -39.17
CA LEU A 1672 -56.83 19.52 -38.38
C LEU A 1672 -56.80 19.81 -36.89
N GLY A 1673 -56.30 20.98 -36.49
CA GLY A 1673 -56.33 21.36 -35.09
C GLY A 1673 -57.72 21.62 -34.58
N ASP A 1674 -58.62 22.08 -35.44
CA ASP A 1674 -60.00 22.33 -35.04
C ASP A 1674 -60.66 21.02 -34.64
N LYS A 1675 -61.29 21.02 -33.46
CA LYS A 1675 -61.89 19.80 -32.94
C LYS A 1675 -63.16 19.41 -33.69
N ASP A 1676 -63.81 20.35 -34.37
CA ASP A 1676 -65.03 20.03 -35.10
C ASP A 1676 -64.74 19.10 -36.27
N ASN A 1677 -63.78 19.46 -37.12
CA ASN A 1677 -63.44 18.62 -38.27
C ASN A 1677 -62.71 17.36 -37.83
N LEU A 1678 -61.71 17.51 -36.95
CA LEU A 1678 -60.93 16.39 -36.45
C LEU A 1678 -61.00 16.36 -34.93
N PRO A 1679 -61.90 15.58 -34.35
CA PRO A 1679 -61.96 15.49 -32.88
C PRO A 1679 -60.70 14.90 -32.30
N TYR A 1680 -60.51 15.15 -30.99
CA TYR A 1680 -59.25 14.81 -30.34
C TYR A 1680 -58.98 13.31 -30.35
N LYS A 1681 -60.03 12.51 -30.14
CA LYS A 1681 -59.84 11.06 -30.01
C LYS A 1681 -59.26 10.47 -31.29
N THR A 1682 -59.80 10.86 -32.46
CA THR A 1682 -59.30 10.29 -33.70
C THR A 1682 -57.96 10.90 -34.10
N ARG A 1683 -57.64 12.08 -33.59
CA ARG A 1683 -56.31 12.64 -33.84
C ARG A 1683 -55.24 11.81 -33.14
N VAL A 1684 -55.44 11.51 -31.86
CA VAL A 1684 -54.54 10.61 -31.16
C VAL A 1684 -54.65 9.19 -31.71
N LYS A 1685 -55.86 8.79 -32.11
CA LYS A 1685 -56.01 7.49 -32.78
C LYS A 1685 -55.18 7.45 -34.06
N GLY A 1686 -55.19 8.55 -34.82
CA GLY A 1686 -54.35 8.61 -36.00
C GLY A 1686 -52.87 8.61 -35.66
N LEU A 1687 -52.48 9.38 -34.65
CA LEU A 1687 -51.06 9.46 -34.28
C LEU A 1687 -50.55 8.13 -33.75
N THR A 1688 -51.40 7.38 -33.04
CA THR A 1688 -50.99 6.08 -32.53
C THR A 1688 -50.81 5.07 -33.66
N THR A 1689 -51.67 5.10 -34.66
CA THR A 1689 -51.63 4.11 -35.73
C THR A 1689 -50.57 4.50 -36.76
N PRO A 1690 -49.54 3.67 -36.97
CA PRO A 1690 -48.51 4.02 -37.94
C PRO A 1690 -49.03 4.02 -39.38
N TRP A 1691 -48.43 4.88 -40.20
CA TRP A 1691 -48.70 4.97 -41.64
C TRP A 1691 -50.18 5.24 -41.93
N SER A 1692 -50.86 5.94 -41.04
CA SER A 1692 -52.25 6.31 -41.31
C SER A 1692 -52.28 7.55 -42.18
N PRO A 1693 -52.99 7.53 -43.31
CA PRO A 1693 -53.09 8.73 -44.14
C PRO A 1693 -53.68 9.89 -43.38
N TRP A 1694 -53.16 11.09 -43.62
CA TRP A 1694 -53.56 12.27 -42.88
C TRP A 1694 -54.22 13.34 -43.73
N ASN A 1695 -53.97 13.37 -45.04
CA ASN A 1695 -54.75 14.27 -45.89
C ASN A 1695 -56.13 13.64 -46.09
N PRO A 1696 -56.25 12.38 -46.54
CA PRO A 1696 -57.52 11.66 -46.36
C PRO A 1696 -57.53 10.95 -45.01
N PHE A 1697 -57.79 11.72 -43.95
CA PHE A 1697 -57.64 11.22 -42.59
C PHE A 1697 -58.51 10.00 -42.34
N GLN A 1698 -57.91 8.98 -41.72
CA GLN A 1698 -58.61 7.75 -41.39
C GLN A 1698 -59.69 7.98 -40.35
N THR D 15 -36.77 0.28 19.76
CA THR D 15 -36.16 1.48 19.20
C THR D 15 -34.99 1.13 18.29
N ARG D 16 -34.31 2.15 17.78
CA ARG D 16 -33.14 1.92 16.94
C ARG D 16 -32.03 1.23 17.71
N GLU D 17 -31.82 1.63 18.97
CA GLU D 17 -30.81 1.00 19.79
C GLU D 17 -31.12 -0.47 20.07
N ASP D 18 -32.41 -0.80 20.24
CA ASP D 18 -32.80 -2.18 20.50
C ASP D 18 -32.41 -3.09 19.35
N ILE D 19 -32.68 -2.66 18.11
CA ILE D 19 -32.29 -3.44 16.94
C ILE D 19 -30.76 -3.46 16.80
N ASP D 20 -30.10 -2.36 17.17
CA ASP D 20 -28.64 -2.30 17.09
C ASP D 20 -28.00 -3.42 17.90
N ARG D 21 -28.38 -3.54 19.17
CA ARG D 21 -27.84 -4.63 19.98
C ARG D 21 -28.32 -5.98 19.48
N LYS D 22 -29.58 -6.07 19.04
CA LYS D 22 -30.09 -7.32 18.50
C LYS D 22 -29.28 -7.81 17.31
N GLU D 23 -28.61 -6.90 16.60
CA GLU D 23 -27.69 -7.28 15.55
C GLU D 23 -26.28 -7.47 16.10
N ALA D 24 -25.87 -6.65 17.06
CA ALA D 24 -24.51 -6.69 17.59
C ALA D 24 -24.33 -7.68 18.73
N GLU D 25 -25.36 -7.97 19.50
CA GLU D 25 -25.26 -8.91 20.61
C GLU D 25 -25.38 -10.36 20.16
N ARG D 26 -25.81 -10.62 18.93
CA ARG D 26 -25.81 -11.98 18.42
C ARG D 26 -24.61 -12.27 17.54
N LEU D 27 -24.04 -11.25 16.89
CA LEU D 27 -22.77 -11.41 16.22
C LEU D 27 -21.66 -11.72 17.21
N LEU D 28 -21.66 -11.02 18.36
CA LEU D 28 -20.65 -11.27 19.39
C LEU D 28 -20.74 -12.68 19.93
N ASP D 29 -21.96 -13.15 20.23
CA ASP D 29 -22.13 -14.51 20.71
C ASP D 29 -21.76 -15.52 19.64
N GLU D 30 -22.01 -15.18 18.37
CA GLU D 30 -21.55 -16.03 17.27
C GLU D 30 -20.03 -16.10 17.26
N ALA D 31 -19.36 -14.97 17.53
CA ALA D 31 -17.91 -14.99 17.67
C ALA D 31 -17.49 -15.58 19.01
N PHE D 32 -18.30 -15.39 20.05
CA PHE D 32 -17.96 -15.87 21.39
C PHE D 32 -18.00 -17.39 21.48
N ASN D 33 -18.71 -18.06 20.59
CA ASN D 33 -18.78 -19.52 20.65
C ASN D 33 -17.47 -20.13 20.15
N PRO D 34 -17.05 -21.27 20.70
CA PRO D 34 -15.77 -21.86 20.26
C PRO D 34 -15.76 -22.38 18.84
N ARG D 35 -16.93 -22.65 18.25
CA ARG D 35 -16.95 -23.26 16.93
C ARG D 35 -16.53 -22.28 15.83
N THR D 36 -16.63 -20.98 16.09
CA THR D 36 -16.28 -19.99 15.09
C THR D 36 -14.77 -19.98 14.85
N LYS D 37 -14.38 -20.02 13.59
CA LYS D 37 -12.97 -20.03 13.24
C LYS D 37 -12.34 -18.67 13.53
N PRO D 38 -11.05 -18.65 13.90
CA PRO D 38 -10.40 -17.36 14.19
C PRO D 38 -10.38 -16.41 13.00
N VAL D 39 -10.28 -16.93 11.78
CA VAL D 39 -10.35 -16.07 10.60
C VAL D 39 -11.71 -15.41 10.52
N ASP D 40 -12.78 -16.16 10.77
CA ASP D 40 -14.12 -15.58 10.77
C ASP D 40 -14.36 -14.76 12.03
N ARG D 41 -13.82 -15.19 13.17
CA ARG D 41 -14.09 -14.52 14.43
C ARG D 41 -13.60 -13.07 14.41
N LYS D 42 -12.40 -12.84 13.88
CA LYS D 42 -11.88 -11.48 13.80
C LYS D 42 -12.75 -10.60 12.92
N LYS D 43 -13.21 -11.13 11.78
CA LYS D 43 -14.10 -10.37 10.92
C LYS D 43 -15.44 -10.10 11.60
N ILE D 44 -15.97 -11.08 12.32
CA ILE D 44 -17.28 -10.93 12.96
C ILE D 44 -17.22 -9.85 14.04
N ILE D 45 -16.17 -9.88 14.88
CA ILE D 45 -16.07 -8.92 15.97
C ILE D 45 -15.90 -7.51 15.42
N ASN D 46 -15.05 -7.36 14.40
CA ASN D 46 -14.86 -6.03 13.81
C ASN D 46 -16.15 -5.51 13.19
N SER D 47 -16.89 -6.37 12.48
CA SER D 47 -18.17 -5.95 11.92
C SER D 47 -19.16 -5.58 13.00
N ALA D 48 -19.25 -6.38 14.06
CA ALA D 48 -20.13 -6.04 15.18
C ALA D 48 -19.65 -4.77 15.88
N LEU D 49 -18.35 -4.62 16.06
CA LEU D 49 -17.82 -3.39 16.66
C LEU D 49 -18.09 -2.19 15.77
N LYS D 50 -17.94 -2.36 14.45
CA LYS D 50 -18.27 -1.27 13.53
C LYS D 50 -19.73 -0.90 13.62
N ILE D 51 -20.62 -1.89 13.70
CA ILE D 51 -22.04 -1.63 13.91
C ILE D 51 -22.25 -0.97 15.26
N LEU D 52 -21.52 -1.44 16.28
CA LEU D 52 -21.71 -0.93 17.64
C LEU D 52 -21.09 0.46 17.79
N ILE D 53 -19.79 0.58 17.51
CA ILE D 53 -19.11 1.86 17.67
C ILE D 53 -19.65 2.88 16.67
N GLY D 54 -20.05 2.41 15.48
CA GLY D 54 -20.59 3.34 14.49
C GLY D 54 -21.78 4.12 15.00
N LEU D 55 -22.67 3.46 15.75
CA LEU D 55 -23.77 4.18 16.36
C LEU D 55 -23.36 4.90 17.63
N TYR D 56 -22.22 4.56 18.23
CA TYR D 56 -21.69 5.37 19.31
C TYR D 56 -21.20 6.72 18.80
N LYS D 57 -20.61 6.74 17.60
CA LYS D 57 -20.20 8.01 17.01
C LYS D 57 -21.41 8.88 16.72
N GLU D 58 -22.52 8.27 16.27
CA GLU D 58 -23.72 9.03 15.96
C GLU D 58 -24.39 9.56 17.22
N LYS D 59 -24.35 8.79 18.31
CA LYS D 59 -25.11 9.11 19.51
C LYS D 59 -24.28 9.56 20.70
N LYS D 60 -23.00 9.17 20.77
CA LYS D 60 -22.10 9.54 21.86
C LYS D 60 -22.72 9.06 23.17
N ASP D 61 -23.03 9.93 24.12
CA ASP D 61 -23.57 9.50 25.40
C ASP D 61 -25.03 9.08 25.32
N ASP D 62 -25.70 9.30 24.18
CA ASP D 62 -27.09 8.87 24.04
C ASP D 62 -27.21 7.34 24.09
N LEU D 63 -26.12 6.63 23.79
CA LEU D 63 -26.14 5.18 23.87
C LEU D 63 -26.41 4.73 25.29
N THR D 64 -27.32 3.77 25.44
CA THR D 64 -27.72 3.30 26.76
C THR D 64 -26.60 2.49 27.39
N SER D 65 -26.74 2.24 28.70
CA SER D 65 -25.75 1.46 29.43
C SER D 65 -25.66 0.04 28.87
N ALA D 66 -26.79 -0.55 28.50
CA ALA D 66 -26.78 -1.89 27.93
C ALA D 66 -26.00 -1.94 26.63
N SER D 67 -26.17 -0.92 25.78
CA SER D 67 -25.32 -0.82 24.59
C SER D 67 -23.90 -0.45 24.96
N PHE D 68 -23.72 0.38 26.00
CA PHE D 68 -22.38 0.64 26.51
C PHE D 68 -21.76 -0.61 27.11
N ILE D 69 -22.60 -1.49 27.65
CA ILE D 69 -22.12 -2.78 28.15
C ILE D 69 -21.47 -3.58 27.02
N SER D 70 -22.17 -3.67 25.89
CA SER D 70 -21.74 -4.54 24.80
C SER D 70 -20.63 -3.93 23.97
N ILE D 71 -20.33 -2.63 24.12
CA ILE D 71 -19.15 -2.05 23.49
C ILE D 71 -17.90 -2.74 24.01
N ALA D 72 -17.81 -2.88 25.33
CA ALA D 72 -16.64 -3.51 25.94
C ALA D 72 -16.56 -4.99 25.63
N ARG D 73 -17.72 -5.66 25.46
CA ARG D 73 -17.69 -7.06 25.09
C ARG D 73 -17.03 -7.26 23.74
N ALA D 74 -17.33 -6.40 22.77
CA ALA D 74 -16.62 -6.43 21.49
C ALA D 74 -15.16 -6.05 21.67
N TYR D 75 -14.89 -5.04 22.51
CA TYR D 75 -13.52 -4.62 22.73
C TYR D 75 -12.72 -5.68 23.47
N TYR D 76 -13.33 -6.35 24.44
CA TYR D 76 -12.67 -7.48 25.08
C TYR D 76 -12.43 -8.60 24.08
N LEU D 77 -13.40 -8.88 23.23
CA LEU D 77 -13.28 -9.96 22.26
C LEU D 77 -12.37 -9.59 21.09
N VAL D 78 -12.33 -8.32 20.69
CA VAL D 78 -11.48 -7.93 19.57
C VAL D 78 -10.01 -8.10 19.94
N SER D 79 -9.65 -7.87 21.20
CA SER D 79 -8.28 -8.10 21.64
C SER D 79 -7.93 -9.58 21.66
N ILE D 80 -8.92 -10.45 21.86
CA ILE D 80 -8.66 -11.89 21.86
C ILE D 80 -8.10 -12.32 20.51
N THR D 81 -8.58 -11.71 19.42
CA THR D 81 -8.10 -11.99 18.09
C THR D 81 -6.80 -11.26 17.76
N ILE D 82 -6.35 -10.35 18.62
CA ILE D 82 -5.09 -9.65 18.42
C ILE D 82 -4.01 -10.49 19.09
N LEU D 83 -3.51 -11.48 18.37
CA LEU D 83 -2.42 -12.31 18.87
C LEU D 83 -1.11 -11.53 18.82
N PRO D 84 -0.18 -11.83 19.72
CA PRO D 84 1.15 -11.21 19.64
C PRO D 84 1.86 -11.63 18.36
N LYS D 85 2.17 -10.65 17.52
CA LYS D 85 2.90 -10.88 16.29
C LYS D 85 4.41 -10.94 16.50
N GLY D 86 4.87 -10.76 17.73
CA GLY D 86 6.29 -10.85 18.04
C GLY D 86 6.54 -11.26 19.46
N THR D 87 7.70 -10.87 20.00
CA THR D 87 8.02 -11.22 21.39
C THR D 87 7.22 -10.39 22.37
N THR D 88 7.09 -9.09 22.12
CA THR D 88 6.36 -8.21 23.02
C THR D 88 4.85 -8.33 22.80
N ILE D 89 4.10 -7.96 23.83
CA ILE D 89 2.64 -7.91 23.70
C ILE D 89 2.26 -6.76 22.78
N PRO D 90 1.25 -6.93 21.91
CA PRO D 90 0.95 -5.86 20.95
C PRO D 90 0.40 -4.61 21.63
N GLU D 91 0.72 -3.45 21.04
CA GLU D 91 0.12 -2.21 21.50
C GLU D 91 -1.36 -2.14 21.13
N LYS D 92 -1.73 -2.72 19.99
CA LYS D 92 -3.13 -2.73 19.57
C LYS D 92 -3.98 -3.53 20.56
N LYS D 93 -3.49 -4.69 21.00
CA LYS D 93 -4.22 -5.48 21.98
C LYS D 93 -4.33 -4.72 23.31
N LYS D 94 -3.26 -4.01 23.69
CA LYS D 94 -3.31 -3.17 24.88
C LYS D 94 -4.32 -2.06 24.74
N GLU D 95 -4.41 -1.43 23.56
CA GLU D 95 -5.37 -0.35 23.36
C GLU D 95 -6.80 -0.86 23.44
N ALA D 96 -7.08 -2.02 22.84
CA ALA D 96 -8.44 -2.57 22.87
C ALA D 96 -8.87 -2.84 24.31
N LEU D 97 -7.96 -3.36 25.12
CA LEU D 97 -8.24 -3.50 26.55
C LEU D 97 -8.41 -2.14 27.21
N ARG D 98 -7.55 -1.17 26.84
CA ARG D 98 -7.72 0.19 27.37
C ARG D 98 -8.99 0.83 26.82
N LYS D 99 -9.28 0.63 25.53
CA LYS D 99 -10.52 1.15 24.97
C LYS D 99 -11.72 0.49 25.64
N GLY D 100 -11.65 -0.82 25.88
CA GLY D 100 -12.74 -1.51 26.52
C GLY D 100 -12.99 -1.03 27.93
N ILE D 101 -11.92 -0.79 28.70
CA ILE D 101 -12.07 -0.36 30.08
C ILE D 101 -12.61 1.06 30.18
N GLU D 102 -12.59 1.82 29.09
CA GLU D 102 -13.18 3.15 29.09
C GLU D 102 -14.69 3.09 29.04
N PHE D 103 -15.23 2.44 28.01
CA PHE D 103 -16.67 2.42 27.82
C PHE D 103 -17.38 1.69 28.95
N ILE D 104 -16.80 0.58 29.43
CA ILE D 104 -17.42 -0.14 30.53
C ILE D 104 -17.37 0.69 31.81
N ASP D 105 -16.33 1.52 31.97
CA ASP D 105 -16.32 2.49 33.06
C ASP D 105 -17.45 3.50 32.90
N ARG D 106 -17.75 3.89 31.65
CA ARG D 106 -18.85 4.81 31.41
C ARG D 106 -20.19 4.22 31.83
N ALA D 107 -20.31 2.90 31.82
CA ALA D 107 -21.55 2.26 32.26
C ALA D 107 -21.68 2.28 33.77
N ILE D 108 -20.55 2.33 34.50
CA ILE D 108 -20.60 2.30 35.95
C ILE D 108 -21.19 3.59 36.51
N ASN D 109 -20.74 4.73 35.98
CA ASN D 109 -21.21 6.03 36.45
C ASN D 109 -22.48 6.49 35.75
N LYS D 110 -22.98 5.73 34.78
CA LYS D 110 -24.23 6.08 34.10
C LYS D 110 -25.25 4.96 34.26
N ILE D 115 -29.57 -5.01 40.72
CA ILE D 115 -29.67 -4.49 39.36
C ILE D 115 -28.80 -5.33 38.42
N LEU D 116 -29.43 -5.91 37.40
CA LEU D 116 -28.71 -6.76 36.46
C LEU D 116 -27.71 -5.98 35.64
N ASP D 117 -27.93 -4.67 35.47
CA ASP D 117 -26.99 -3.85 34.71
C ASP D 117 -25.65 -3.75 35.42
N SER D 118 -25.68 -3.41 36.72
CA SER D 118 -24.44 -3.26 37.47
C SER D 118 -23.76 -4.60 37.73
N GLN D 119 -24.53 -5.66 37.89
CA GLN D 119 -23.94 -6.99 38.10
C GLN D 119 -23.08 -7.39 36.91
N ARG D 120 -23.62 -7.27 35.70
CA ARG D 120 -22.87 -7.66 34.52
C ARG D 120 -21.87 -6.58 34.10
N ALA D 121 -22.06 -5.34 34.56
CA ALA D 121 -21.09 -4.28 34.26
C ALA D 121 -19.77 -4.55 34.97
N PHE D 122 -19.81 -4.81 36.28
CA PHE D 122 -18.59 -5.13 37.00
C PHE D 122 -18.01 -6.46 36.60
N ARG D 123 -18.83 -7.36 36.04
CA ARG D 123 -18.30 -8.64 35.57
C ARG D 123 -17.36 -8.45 34.39
N ILE D 124 -17.69 -7.54 33.47
CA ILE D 124 -16.84 -7.34 32.31
C ILE D 124 -15.83 -6.20 32.51
N LYS D 125 -16.17 -5.20 33.32
CA LYS D 125 -15.16 -4.20 33.69
C LYS D 125 -13.96 -4.85 34.35
N SER D 126 -14.22 -5.89 35.16
CA SER D 126 -13.17 -6.53 35.92
C SER D 126 -12.32 -7.46 35.06
N VAL D 127 -12.95 -8.24 34.18
CA VAL D 127 -12.19 -9.17 33.34
C VAL D 127 -11.33 -8.40 32.34
N LEU D 128 -11.82 -7.27 31.84
CA LEU D 128 -11.01 -6.44 30.95
C LEU D 128 -9.80 -5.89 31.69
N SER D 129 -9.98 -5.52 32.97
CA SER D 129 -8.85 -5.08 33.77
C SER D 129 -7.99 -6.24 34.22
N ILE D 130 -8.57 -7.44 34.35
CA ILE D 130 -7.77 -8.62 34.69
C ILE D 130 -6.75 -8.89 33.60
N GLU D 131 -7.18 -8.87 32.34
CA GLU D 131 -6.25 -9.07 31.23
C GLU D 131 -5.35 -7.86 31.04
N PHE D 132 -5.87 -6.66 31.31
CA PHE D 132 -5.04 -5.47 31.22
C PHE D 132 -3.90 -5.52 32.24
N ASN D 133 -4.21 -5.91 33.48
CA ASN D 133 -3.17 -6.11 34.47
C ASN D 133 -2.25 -7.26 34.08
N ARG D 134 -2.76 -8.24 33.34
CA ARG D 134 -1.95 -9.38 32.93
C ARG D 134 -0.93 -8.98 31.87
N ILE D 135 -1.42 -8.44 30.74
CA ILE D 135 -0.52 -8.16 29.63
C ILE D 135 0.32 -6.92 29.90
N ASP D 136 -0.18 -5.97 30.70
CA ASP D 136 0.55 -4.74 30.99
C ASP D 136 0.24 -4.33 32.44
N ARG D 137 1.10 -4.77 33.36
CA ARG D 137 0.85 -4.53 34.78
C ARG D 137 1.08 -3.09 35.19
N GLU D 138 1.80 -2.30 34.38
CA GLU D 138 2.15 -0.95 34.80
C GLU D 138 0.96 0.00 34.73
N LYS D 139 0.14 -0.10 33.68
CA LYS D 139 -1.01 0.79 33.56
C LYS D 139 -2.11 0.39 34.55
N CYS D 140 -2.39 -0.91 34.65
CA CYS D 140 -3.37 -1.43 35.60
C CYS D 140 -2.60 -2.04 36.76
N ASP D 141 -2.44 -1.26 37.83
CA ASP D 141 -1.64 -1.69 38.96
C ASP D 141 -2.28 -2.86 39.68
N ASN D 142 -1.45 -3.62 40.41
CA ASN D 142 -1.96 -4.76 41.17
C ASN D 142 -2.93 -4.30 42.26
N ILE D 143 -2.59 -3.22 42.96
CA ILE D 143 -3.49 -2.67 43.97
C ILE D 143 -4.75 -2.12 43.32
N LYS D 144 -4.59 -1.41 42.20
CA LYS D 144 -5.75 -0.90 41.48
C LYS D 144 -6.65 -2.05 41.01
N LEU D 145 -6.04 -3.11 40.48
CA LEU D 145 -6.81 -4.27 40.06
C LEU D 145 -7.43 -4.96 41.27
N LYS D 146 -6.71 -4.98 42.40
CA LYS D 146 -7.24 -5.61 43.61
C LYS D 146 -8.50 -4.90 44.09
N ASN D 147 -8.47 -3.56 44.12
CA ASN D 147 -9.63 -2.81 44.57
C ASN D 147 -10.81 -2.99 43.64
N LEU D 148 -10.55 -3.04 42.33
CA LEU D 148 -11.62 -3.19 41.36
C LEU D 148 -12.40 -4.49 41.58
N LEU D 149 -11.67 -5.62 41.68
CA LEU D 149 -12.33 -6.89 41.91
C LEU D 149 -12.83 -7.03 43.34
N ASN D 150 -12.25 -6.29 44.28
CA ASN D 150 -12.77 -6.28 45.64
C ASN D 150 -14.19 -5.73 45.68
N GLU D 151 -14.46 -4.71 44.87
CA GLU D 151 -15.82 -4.19 44.75
C GLU D 151 -16.74 -5.18 44.03
N ALA D 152 -16.19 -6.10 43.25
CA ALA D 152 -17.02 -7.17 42.68
C ALA D 152 -17.58 -8.08 43.76
N VAL D 153 -16.81 -8.30 44.83
CA VAL D 153 -17.35 -8.97 46.00
C VAL D 153 -18.43 -8.12 46.65
N ASP D 154 -18.19 -6.80 46.74
CA ASP D 154 -19.22 -5.89 47.23
C ASP D 154 -20.43 -5.89 46.32
N LYS D 155 -20.22 -5.97 45.01
CA LYS D 155 -21.31 -6.05 44.05
C LYS D 155 -21.83 -7.47 43.87
N GLY D 156 -21.23 -8.45 44.53
CA GLY D 156 -21.73 -9.82 44.48
C GLY D 156 -21.63 -10.51 43.14
N CYS D 157 -20.48 -10.38 42.47
CA CYS D 157 -20.22 -11.13 41.24
C CYS D 157 -19.71 -12.52 41.63
N THR D 158 -20.63 -13.33 42.16
CA THR D 158 -20.28 -14.65 42.69
C THR D 158 -21.17 -15.74 42.10
N ASP D 159 -21.73 -15.50 40.92
CA ASP D 159 -22.53 -16.51 40.23
C ASP D 159 -21.58 -17.41 39.42
N PHE D 160 -20.84 -18.24 40.15
CA PHE D 160 -19.82 -19.10 39.56
C PHE D 160 -20.40 -20.28 38.80
N ASP D 161 -21.69 -20.58 38.98
CA ASP D 161 -22.26 -21.74 38.32
C ASP D 161 -22.50 -21.50 36.83
N THR D 162 -22.78 -20.26 36.44
CA THR D 162 -23.20 -19.95 35.08
C THR D 162 -22.20 -19.14 34.27
N TYR D 163 -21.39 -18.30 34.92
CA TYR D 163 -20.48 -17.41 34.21
C TYR D 163 -19.04 -17.86 34.43
N GLU D 164 -18.36 -18.20 33.33
CA GLU D 164 -16.95 -18.58 33.41
C GLU D 164 -16.13 -17.42 33.95
N TRP D 165 -16.37 -16.21 33.42
CA TRP D 165 -15.62 -15.04 33.85
C TRP D 165 -15.69 -14.85 35.36
N ASP D 166 -16.79 -15.29 35.98
CA ASP D 166 -16.97 -15.06 37.41
C ASP D 166 -15.93 -15.80 38.24
N ILE D 167 -15.62 -17.05 37.88
CA ILE D 167 -14.59 -17.79 38.61
C ILE D 167 -13.23 -17.13 38.42
N GLN D 168 -13.00 -16.56 37.23
CA GLN D 168 -11.75 -15.83 37.00
C GLN D 168 -11.60 -14.67 37.97
N ILE D 169 -12.70 -14.14 38.49
CA ILE D 169 -12.65 -12.94 39.31
C ILE D 169 -12.22 -13.29 40.73
N ALA D 170 -12.88 -14.27 41.34
CA ALA D 170 -12.50 -14.72 42.67
C ALA D 170 -11.12 -15.36 42.71
N ILE D 171 -10.60 -15.77 41.55
CA ILE D 171 -9.33 -16.47 41.52
C ILE D 171 -8.17 -15.54 41.17
N ARG D 172 -8.39 -14.55 40.32
CA ARG D 172 -7.43 -13.46 40.18
C ARG D 172 -7.30 -12.66 41.47
N LEU D 173 -8.36 -12.64 42.28
CA LEU D 173 -8.33 -11.88 43.54
C LEU D 173 -7.39 -12.53 44.56
N CYS D 174 -7.50 -13.86 44.74
CA CYS D 174 -6.67 -14.51 45.74
C CYS D 174 -5.20 -14.55 45.32
N GLU D 175 -4.91 -14.40 44.04
CA GLU D 175 -3.53 -14.16 43.63
C GLU D 175 -3.01 -12.87 44.25
N LEU D 176 -3.87 -11.85 44.33
CA LEU D 176 -3.49 -10.58 44.95
C LEU D 176 -3.36 -10.71 46.47
N GLY D 177 -4.23 -11.51 47.09
CA GLY D 177 -4.14 -11.72 48.52
C GLY D 177 -5.43 -11.51 49.29
N VAL D 178 -6.56 -11.48 48.60
CA VAL D 178 -7.85 -11.29 49.24
C VAL D 178 -8.30 -12.60 49.89
N ASP D 179 -9.01 -12.48 51.01
CA ASP D 179 -9.36 -13.60 51.88
C ASP D 179 -10.22 -14.61 51.12
N MET D 180 -11.45 -14.24 50.78
CA MET D 180 -12.38 -15.08 50.02
C MET D 180 -12.51 -16.50 50.59
N GLU D 181 -12.51 -16.61 51.93
CA GLU D 181 -12.84 -17.89 52.54
C GLU D 181 -14.31 -18.26 52.31
N GLY D 182 -15.19 -17.27 52.39
CA GLY D 182 -16.61 -17.56 52.21
C GLY D 182 -16.95 -18.02 50.81
N HIS D 183 -16.25 -17.49 49.81
CA HIS D 183 -16.56 -17.75 48.41
C HIS D 183 -15.93 -19.04 47.90
N PHE D 184 -15.14 -19.72 48.72
CA PHE D 184 -14.54 -20.99 48.31
C PHE D 184 -15.60 -22.06 48.09
N ASP D 185 -16.63 -22.08 48.94
CA ASP D 185 -17.65 -23.12 48.88
C ASP D 185 -18.35 -23.15 47.52
N ASN D 186 -18.32 -22.06 46.77
CA ASN D 186 -19.07 -21.98 45.52
C ASN D 186 -18.24 -22.42 44.30
N LEU D 187 -17.07 -21.83 44.11
CA LEU D 187 -16.37 -21.95 42.83
C LEU D 187 -15.70 -23.30 42.61
N ILE D 188 -15.19 -23.94 43.65
CA ILE D 188 -14.52 -25.22 43.45
C ILE D 188 -15.54 -26.29 43.03
N LYS D 189 -16.77 -26.19 43.53
CA LYS D 189 -17.84 -27.08 43.09
C LYS D 189 -18.51 -26.59 41.82
N SER D 190 -18.17 -25.39 41.35
CA SER D 190 -18.74 -24.89 40.10
C SER D 190 -18.28 -25.75 38.94
N ASN D 191 -19.22 -26.07 38.04
CA ASN D 191 -18.92 -26.99 36.95
C ASN D 191 -17.91 -26.40 35.97
N LYS D 192 -18.02 -25.08 35.70
CA LYS D 192 -17.22 -24.44 34.67
C LYS D 192 -15.93 -23.82 35.21
N ALA D 193 -15.37 -24.38 36.28
CA ALA D 193 -14.06 -23.98 36.77
C ALA D 193 -13.04 -25.03 36.34
N ASN D 194 -12.04 -24.59 35.58
CA ASN D 194 -11.05 -25.51 35.07
C ASN D 194 -10.06 -25.91 36.16
N ASP D 195 -9.27 -26.95 35.88
CA ASP D 195 -8.39 -27.53 36.88
C ASP D 195 -7.35 -26.53 37.36
N LEU D 196 -6.77 -25.76 36.43
CA LEU D 196 -5.77 -24.77 36.81
C LEU D 196 -6.37 -23.74 37.76
N GLN D 197 -7.58 -23.26 37.45
CA GLN D 197 -8.27 -22.35 38.35
C GLN D 197 -8.61 -23.04 39.66
N LYS D 198 -9.12 -24.27 39.60
CA LYS D 198 -9.46 -25.00 40.81
C LYS D 198 -8.21 -25.24 41.66
N ALA D 199 -7.08 -25.55 41.02
CA ALA D 199 -5.83 -25.71 41.76
C ALA D 199 -5.39 -24.40 42.41
N LYS D 200 -5.58 -23.28 41.71
CA LYS D 200 -5.25 -21.99 42.30
C LYS D 200 -6.13 -21.71 43.50
N ALA D 201 -7.45 -21.85 43.35
CA ALA D 201 -8.36 -21.56 44.44
C ALA D 201 -8.12 -22.46 45.64
N TYR D 202 -7.51 -23.63 45.43
CA TYR D 202 -7.16 -24.53 46.51
C TYR D 202 -5.84 -24.16 47.19
N TYR D 203 -5.10 -23.19 46.66
CA TYR D 203 -3.76 -22.90 47.20
C TYR D 203 -3.74 -21.66 48.09
N PHE D 204 -4.20 -20.51 47.59
CA PHE D 204 -4.07 -19.28 48.36
C PHE D 204 -5.39 -18.75 48.92
N ILE D 205 -6.55 -19.23 48.47
CA ILE D 205 -7.79 -18.86 49.15
C ILE D 205 -7.79 -19.42 50.57
N LYS D 206 -7.49 -20.70 50.70
CA LYS D 206 -7.12 -21.30 51.97
C LYS D 206 -5.74 -21.92 51.80
N LYS D 207 -4.88 -21.73 52.81
CA LYS D 207 -3.48 -22.08 52.69
C LYS D 207 -3.29 -23.60 52.87
N ASP D 208 -3.85 -24.35 51.92
CA ASP D 208 -3.75 -25.80 51.89
C ASP D 208 -2.97 -26.13 50.61
N ASP D 209 -1.64 -26.26 50.75
CA ASP D 209 -0.82 -26.55 49.59
C ASP D 209 -0.99 -27.99 49.10
N HIS D 210 -1.56 -28.85 49.95
CA HIS D 210 -1.68 -30.26 49.59
C HIS D 210 -2.70 -30.47 48.47
N LYS D 211 -3.87 -29.86 48.58
CA LYS D 211 -4.95 -30.11 47.63
C LYS D 211 -4.70 -29.46 46.27
N ALA D 212 -3.77 -28.52 46.17
CA ALA D 212 -3.44 -27.93 44.88
C ALA D 212 -2.62 -28.88 44.02
N LYS D 213 -2.05 -29.94 44.60
CA LYS D 213 -1.22 -30.86 43.83
C LYS D 213 -2.07 -31.69 42.87
N GLU D 214 -3.19 -32.23 43.35
CA GLU D 214 -3.97 -33.14 42.53
C GLU D 214 -4.68 -32.41 41.40
N HIS D 215 -5.30 -31.27 41.69
CA HIS D 215 -6.06 -30.55 40.66
C HIS D 215 -5.15 -30.01 39.57
N MET D 216 -3.99 -29.46 39.96
CA MET D 216 -3.06 -28.96 38.96
C MET D 216 -2.47 -30.10 38.13
N ASP D 217 -2.36 -31.29 38.72
CA ASP D 217 -1.94 -32.45 37.96
C ASP D 217 -2.92 -32.76 36.83
N LYS D 218 -4.22 -32.61 37.10
CA LYS D 218 -5.21 -32.74 36.03
C LYS D 218 -5.02 -31.65 34.98
N CYS D 219 -4.68 -30.44 35.41
CA CYS D 219 -4.42 -29.36 34.46
C CYS D 219 -3.22 -29.68 33.58
N THR D 220 -2.11 -30.10 34.19
CA THR D 220 -0.92 -30.43 33.42
C THR D 220 -1.15 -31.67 32.56
N ALA D 221 -1.90 -32.64 33.07
CA ALA D 221 -2.25 -33.80 32.26
C ALA D 221 -3.08 -33.40 31.06
N SER D 222 -4.03 -32.48 31.25
CA SER D 222 -4.81 -31.98 30.14
C SER D 222 -4.02 -31.00 29.27
N LEU D 223 -2.88 -30.51 29.77
CA LEU D 223 -2.05 -29.60 28.99
C LEU D 223 -1.30 -30.29 27.87
N LYS D 224 -1.22 -31.62 27.88
CA LYS D 224 -0.52 -32.34 26.83
C LYS D 224 -1.23 -32.28 25.49
N TYR D 225 -2.48 -31.82 25.46
CA TYR D 225 -3.25 -31.75 24.23
C TYR D 225 -3.61 -30.34 23.80
N THR D 226 -3.65 -29.38 24.72
CA THR D 226 -3.87 -27.98 24.35
C THR D 226 -2.56 -27.38 23.87
N PRO D 227 -2.49 -26.85 22.66
CA PRO D 227 -1.22 -26.32 22.15
C PRO D 227 -0.74 -25.13 22.97
N CYS D 228 0.54 -24.79 22.76
CA CYS D 228 1.21 -23.82 23.61
C CYS D 228 0.61 -22.42 23.51
N SER D 229 -0.17 -22.15 22.47
CA SER D 229 -0.80 -20.84 22.33
C SER D 229 -1.99 -20.65 23.27
N HIS D 230 -2.46 -21.71 23.91
CA HIS D 230 -3.63 -21.62 24.78
C HIS D 230 -3.33 -20.73 25.98
N ARG D 231 -4.38 -20.06 26.46
CA ARG D 231 -4.22 -19.19 27.63
C ARG D 231 -3.80 -19.99 28.87
N LEU D 232 -4.24 -21.24 28.96
CA LEU D 232 -3.92 -22.03 30.16
C LEU D 232 -2.44 -22.29 30.29
N TRP D 233 -1.72 -22.36 29.16
CA TRP D 233 -0.27 -22.54 29.22
C TRP D 233 0.40 -21.33 29.86
N ASP D 234 -0.03 -20.13 29.51
CA ASP D 234 0.53 -18.93 30.11
C ASP D 234 0.09 -18.79 31.56
N GLU D 235 -1.15 -19.18 31.87
CA GLU D 235 -1.64 -19.08 33.23
C GLU D 235 -0.99 -20.09 34.16
N THR D 236 -0.77 -21.32 33.68
CA THR D 236 -0.18 -22.35 34.54
C THR D 236 1.27 -22.03 34.86
N VAL D 237 2.02 -21.45 33.92
CA VAL D 237 3.39 -21.04 34.20
C VAL D 237 3.40 -19.85 35.14
N GLY D 238 2.45 -18.92 34.95
CA GLY D 238 2.33 -17.80 35.88
C GLY D 238 1.98 -18.25 37.28
N PHE D 239 1.17 -19.31 37.39
CA PHE D 239 0.90 -19.88 38.71
C PHE D 239 2.17 -20.41 39.36
N ILE D 240 2.98 -21.14 38.59
CA ILE D 240 4.27 -21.60 39.12
C ILE D 240 5.23 -20.42 39.27
N GLU D 241 5.12 -19.43 38.40
CA GLU D 241 5.84 -18.18 38.61
C GLU D 241 5.48 -17.56 39.96
N ARG D 242 4.22 -17.70 40.38
CA ARG D 242 3.84 -17.26 41.72
C ARG D 242 4.39 -18.19 42.78
N LEU D 243 4.32 -19.50 42.55
CA LEU D 243 4.86 -20.47 43.49
C LEU D 243 6.37 -20.34 43.63
N LYS D 244 7.07 -20.19 42.50
CA LYS D 244 8.51 -19.96 42.53
C LYS D 244 8.79 -18.53 42.98
N GLY D 245 9.61 -18.37 44.00
CA GLY D 245 9.81 -17.09 44.64
C GLY D 245 8.94 -16.86 45.85
N ASP D 246 7.86 -17.64 45.99
CA ASP D 246 7.10 -17.69 47.22
C ASP D 246 7.73 -18.64 48.24
N SER D 247 8.75 -19.40 47.84
CA SER D 247 9.37 -20.42 48.67
C SER D 247 8.32 -21.41 49.18
N SER D 248 7.39 -21.77 48.29
CA SER D 248 6.28 -22.64 48.65
C SER D 248 6.66 -24.11 48.68
N THR D 249 7.86 -24.47 48.22
CA THR D 249 8.31 -25.85 48.12
C THR D 249 7.35 -26.71 47.30
N LEU D 250 6.56 -26.07 46.42
CA LEU D 250 5.61 -26.76 45.57
C LEU D 250 5.82 -26.48 44.08
N TRP D 251 6.54 -25.41 43.74
CA TRP D 251 6.81 -25.12 42.33
C TRP D 251 7.76 -26.14 41.73
N ARG D 252 8.66 -26.70 42.53
CA ARG D 252 9.66 -27.63 42.02
C ARG D 252 9.01 -28.84 41.35
N ASP D 253 8.06 -29.46 42.05
CA ASP D 253 7.32 -30.56 41.45
C ASP D 253 6.47 -30.07 40.29
N PHE D 254 5.90 -28.87 40.41
CA PHE D 254 4.92 -28.41 39.44
C PHE D 254 5.58 -28.00 38.13
N ALA D 255 6.70 -27.28 38.20
CA ALA D 255 7.39 -26.84 37.00
C ALA D 255 7.88 -28.02 36.18
N ILE D 256 8.39 -29.05 36.84
CA ILE D 256 8.82 -30.26 36.13
C ILE D 256 7.63 -30.94 35.47
N LYS D 257 6.50 -31.00 36.17
CA LYS D 257 5.34 -31.71 35.67
C LYS D 257 4.79 -31.05 34.40
N THR D 258 4.66 -29.73 34.41
CA THR D 258 4.12 -29.04 33.24
C THR D 258 5.12 -29.01 32.09
N TYR D 259 6.42 -29.03 32.40
CA TYR D 259 7.42 -29.14 31.35
C TYR D 259 7.27 -30.46 30.61
N ARG D 260 6.93 -31.54 31.33
CA ARG D 260 6.65 -32.81 30.68
C ARG D 260 5.50 -32.68 29.71
N SER D 261 4.45 -31.95 30.10
CA SER D 261 3.31 -31.73 29.20
C SER D 261 3.73 -30.92 27.99
N CYS D 262 4.66 -29.97 28.16
CA CYS D 262 5.15 -29.21 27.02
C CYS D 262 5.87 -30.12 26.03
N ARG D 263 6.65 -31.08 26.52
CA ARG D 263 7.37 -31.99 25.65
C ARG D 263 6.41 -32.81 24.80
N VAL D 264 5.35 -33.34 25.41
CA VAL D 264 4.38 -34.14 24.67
C VAL D 264 3.65 -33.27 23.65
N GLN D 265 3.23 -32.07 24.08
CA GLN D 265 2.49 -31.19 23.17
C GLN D 265 3.36 -30.71 22.02
N GLU D 266 4.61 -30.36 22.30
CA GLU D 266 5.46 -29.78 21.27
C GLU D 266 5.87 -30.80 20.21
N LYS D 267 5.93 -32.08 20.56
CA LYS D 267 6.31 -33.10 19.59
C LYS D 267 5.29 -33.24 18.46
N GLU D 268 4.06 -32.78 18.66
CA GLU D 268 3.04 -32.83 17.63
C GLU D 268 3.18 -31.65 16.66
N LEU D 272 9.14 -29.70 10.79
CA LEU D 272 9.84 -28.44 10.53
C LEU D 272 10.67 -28.03 11.74
N ARG D 273 10.41 -28.69 12.87
CA ARG D 273 11.08 -28.38 14.13
C ARG D 273 10.89 -26.91 14.52
N LEU D 274 9.64 -26.48 14.50
CA LEU D 274 9.25 -25.14 14.95
C LEU D 274 8.18 -25.26 16.02
N ARG D 275 8.17 -24.29 16.93
CA ARG D 275 7.23 -24.28 18.05
C ARG D 275 6.57 -22.92 18.14
N TRP D 276 5.34 -22.91 18.67
CA TRP D 276 4.65 -21.65 18.92
C TRP D 276 5.40 -20.85 19.97
N TYR D 277 5.56 -19.56 19.72
CA TYR D 277 6.26 -18.69 20.64
C TYR D 277 5.29 -18.15 21.69
N TRP D 278 5.66 -18.27 22.96
CA TRP D 278 4.99 -17.58 24.04
C TRP D 278 6.05 -17.15 25.04
N SER D 279 5.84 -15.98 25.66
CA SER D 279 6.87 -15.40 26.52
C SER D 279 7.16 -16.28 27.72
N ARG D 280 6.17 -17.02 28.21
CA ARG D 280 6.36 -17.87 29.37
C ARG D 280 7.02 -19.21 29.03
N HIS D 281 7.22 -19.50 27.75
CA HIS D 281 7.84 -20.77 27.36
C HIS D 281 9.27 -20.85 27.87
N ARG D 282 10.04 -19.78 27.70
CA ARG D 282 11.40 -19.76 28.21
C ARG D 282 11.40 -19.82 29.74
N VAL D 283 10.47 -19.11 30.38
CA VAL D 283 10.38 -19.17 31.84
C VAL D 283 9.95 -20.57 32.28
N LEU D 284 9.09 -21.23 31.50
CA LEU D 284 8.72 -22.60 31.81
C LEU D 284 9.94 -23.51 31.84
N TYR D 285 10.79 -23.42 30.82
CA TYR D 285 11.98 -24.26 30.79
C TYR D 285 13.02 -23.81 31.79
N ASP D 286 13.14 -22.51 32.03
CA ASP D 286 14.05 -22.02 33.06
C ASP D 286 13.60 -22.49 34.43
N MET D 287 12.30 -22.43 34.71
CA MET D 287 11.77 -22.84 36.01
C MET D 287 11.83 -24.35 36.17
N ALA D 288 11.55 -25.11 35.11
CA ALA D 288 11.71 -26.56 35.17
C ALA D 288 13.18 -26.93 35.35
N PHE D 289 14.07 -26.24 34.65
CA PHE D 289 15.50 -26.49 34.80
C PHE D 289 15.96 -26.15 36.22
N LEU D 290 15.52 -24.99 36.74
CA LEU D 290 15.91 -24.59 38.08
C LEU D 290 15.35 -25.55 39.12
N ALA D 291 14.13 -26.05 38.91
CA ALA D 291 13.53 -26.99 39.85
C ALA D 291 14.37 -28.26 39.95
N VAL D 292 14.82 -28.79 38.82
CA VAL D 292 15.67 -29.98 38.84
C VAL D 292 17.04 -29.65 39.41
N LYS D 293 17.58 -28.48 39.06
CA LYS D 293 18.90 -28.09 39.56
C LYS D 293 18.89 -27.98 41.09
N GLU D 294 17.83 -27.41 41.66
CA GLU D 294 17.70 -27.39 43.11
C GLU D 294 17.55 -28.80 43.66
N GLN D 295 16.79 -29.66 42.98
CA GLN D 295 16.62 -31.04 43.40
C GLN D 295 17.88 -31.88 43.22
N ALA D 296 18.88 -31.37 42.52
CA ALA D 296 20.14 -32.10 42.33
C ALA D 296 20.96 -32.09 43.61
N VAL D 303 22.86 -41.88 44.64
CA VAL D 303 23.90 -41.49 43.69
C VAL D 303 23.33 -41.39 42.29
N ASN D 304 22.80 -42.51 41.79
CA ASN D 304 22.18 -42.50 40.46
C ASN D 304 20.96 -41.60 40.42
N VAL D 305 20.15 -41.62 41.49
CA VAL D 305 19.03 -40.69 41.59
C VAL D 305 19.54 -39.26 41.67
N LYS D 306 20.64 -39.05 42.39
CA LYS D 306 21.26 -37.72 42.42
C LYS D 306 21.74 -37.32 41.04
N GLN D 307 22.31 -38.27 40.29
CA GLN D 307 22.76 -38.03 38.93
C GLN D 307 21.64 -38.13 37.90
N ALA D 308 20.50 -38.73 38.27
CA ALA D 308 19.35 -38.76 37.37
C ALA D 308 18.81 -37.34 37.14
N LYS D 309 18.79 -36.52 38.20
CA LYS D 309 18.41 -35.12 38.04
C LYS D 309 19.36 -34.41 37.09
N ILE D 310 20.66 -34.67 37.24
CA ILE D 310 21.65 -33.95 36.45
C ILE D 310 21.48 -34.27 34.97
N LYS D 311 21.21 -35.54 34.66
CA LYS D 311 20.86 -35.91 33.29
C LYS D 311 19.58 -35.20 32.85
N LYS D 312 18.59 -35.11 33.74
CA LYS D 312 17.33 -34.45 33.40
C LYS D 312 17.55 -32.99 33.06
N LEU D 313 18.61 -32.37 33.59
CA LEU D 313 18.94 -31.02 33.18
C LEU D 313 19.27 -30.95 31.69
N ALA D 314 19.96 -31.97 31.18
CA ALA D 314 20.27 -32.00 29.76
C ALA D 314 19.02 -32.23 28.91
N GLU D 315 18.12 -33.10 29.36
CA GLU D 315 16.89 -33.33 28.62
C GLU D 315 16.03 -32.06 28.55
N ILE D 316 15.95 -31.33 29.66
CA ILE D 316 15.28 -30.04 29.64
C ILE D 316 15.99 -29.08 28.71
N SER D 317 17.32 -29.04 28.79
CA SER D 317 18.09 -28.15 27.93
C SER D 317 17.95 -28.55 26.46
N ASP D 318 18.05 -29.85 26.18
CA ASP D 318 17.95 -30.31 24.80
C ASP D 318 16.57 -30.01 24.22
N SER D 319 15.53 -30.20 25.01
CA SER D 319 14.17 -29.97 24.52
C SER D 319 13.94 -28.50 24.19
N LEU D 320 14.55 -27.58 24.94
CA LEU D 320 14.42 -26.17 24.62
C LEU D 320 15.02 -25.86 23.25
N LYS D 321 16.17 -26.44 22.95
CA LYS D 321 16.82 -26.23 21.66
C LYS D 321 16.38 -27.23 20.59
N SER D 322 15.53 -28.19 20.95
CA SER D 322 15.08 -29.16 19.96
C SER D 322 14.33 -28.48 18.82
N ARG D 323 13.61 -27.41 19.13
CA ARG D 323 12.96 -26.59 18.12
C ARG D 323 13.11 -25.13 18.51
N PHE D 324 12.89 -24.25 17.54
CA PHE D 324 13.05 -22.82 17.74
C PHE D 324 11.71 -22.13 17.64
N SER D 325 11.47 -21.19 18.56
CA SER D 325 10.24 -20.42 18.55
C SER D 325 10.20 -19.51 17.32
N LEU D 326 9.06 -19.50 16.66
CA LEU D 326 8.85 -18.65 15.49
C LEU D 326 7.81 -17.57 15.84
N ARG D 327 8.19 -16.31 15.65
CA ARG D 327 7.25 -15.23 15.89
C ARG D 327 6.07 -15.35 14.94
N LEU D 328 4.89 -14.94 15.42
CA LEU D 328 3.68 -15.11 14.63
C LEU D 328 3.79 -14.40 13.28
N SER D 329 4.33 -13.18 13.28
CA SER D 329 4.52 -12.46 12.03
C SER D 329 5.40 -13.24 11.06
N ASP D 330 6.36 -14.01 11.58
CA ASP D 330 7.21 -14.82 10.71
C ASP D 330 6.44 -15.97 10.09
N MET D 331 5.61 -16.66 10.87
CA MET D 331 4.84 -17.78 10.34
C MET D 331 3.58 -17.32 9.61
N GLU D 332 3.16 -16.07 9.76
CA GLU D 332 2.07 -15.57 8.92
C GLU D 332 2.47 -15.52 7.46
N LYS D 333 3.76 -15.41 7.17
CA LYS D 333 4.27 -15.30 5.81
C LYS D 333 5.37 -16.36 5.60
N MET D 334 4.99 -17.49 5.03
CA MET D 334 5.96 -18.48 4.58
C MET D 334 5.51 -19.12 3.27
N ASP D 339 4.32 -29.38 -1.68
CA ASP D 339 4.20 -28.47 -0.53
C ASP D 339 3.82 -29.23 0.73
N GLU D 340 4.44 -30.40 0.94
CA GLU D 340 4.12 -31.21 2.11
C GLU D 340 4.44 -30.46 3.40
N SER D 341 5.58 -29.78 3.44
CA SER D 341 5.92 -28.97 4.61
C SER D 341 4.94 -27.81 4.79
N ASN D 342 4.56 -27.17 3.67
CA ASN D 342 3.62 -26.05 3.76
C ASN D 342 2.26 -26.49 4.27
N HIS D 343 1.76 -27.64 3.78
CA HIS D 343 0.48 -28.14 4.25
C HIS D 343 0.54 -28.51 5.73
N GLU D 344 1.61 -29.15 6.16
CA GLU D 344 1.74 -29.54 7.56
C GLU D 344 1.89 -28.32 8.47
N PHE D 345 2.49 -27.25 7.96
CA PHE D 345 2.70 -26.06 8.79
C PHE D 345 1.40 -25.30 9.02
N LYS D 346 0.59 -25.13 7.97
CA LYS D 346 -0.65 -24.38 8.10
C LYS D 346 -1.58 -25.03 9.11
N LYS D 347 -1.53 -26.35 9.24
CA LYS D 347 -2.28 -27.01 10.31
C LYS D 347 -1.77 -26.57 11.67
N PHE D 348 -0.46 -26.47 11.84
CA PHE D 348 0.10 -25.96 13.09
C PHE D 348 -0.28 -24.52 13.33
N LEU D 349 -0.20 -23.68 12.30
CA LEU D 349 -0.58 -22.28 12.45
C LEU D 349 -2.07 -22.14 12.76
N ASP D 350 -2.91 -22.91 12.05
CA ASP D 350 -4.34 -22.84 12.30
C ASP D 350 -4.67 -23.34 13.71
N LYS D 351 -4.12 -24.48 14.10
CA LYS D 351 -4.40 -25.05 15.41
C LYS D 351 -3.95 -24.11 16.52
N CYS D 352 -2.81 -23.44 16.33
CA CYS D 352 -2.28 -22.56 17.37
C CYS D 352 -3.16 -21.32 17.55
N VAL D 353 -3.61 -20.72 16.44
CA VAL D 353 -4.41 -19.50 16.54
C VAL D 353 -5.78 -19.80 17.13
N THR D 354 -6.37 -20.96 16.79
CA THR D 354 -7.66 -21.33 17.37
C THR D 354 -7.58 -21.46 18.88
N ALA D 355 -6.52 -22.10 19.38
CA ALA D 355 -6.42 -22.33 20.82
C ALA D 355 -6.14 -21.04 21.58
N TYR D 356 -5.44 -20.09 20.96
CA TYR D 356 -5.18 -18.83 21.62
C TYR D 356 -6.48 -18.11 21.95
N GLN D 357 -7.42 -18.10 21.01
CA GLN D 357 -8.72 -17.50 21.25
C GLN D 357 -9.69 -18.44 21.96
N ASP D 358 -9.42 -19.75 21.94
CA ASP D 358 -10.34 -20.70 22.55
C ASP D 358 -10.43 -20.52 24.05
N GLY D 359 -9.29 -20.27 24.70
CA GLY D 359 -9.29 -20.15 26.15
C GLY D 359 -10.10 -18.96 26.64
N TYR D 360 -9.98 -17.83 25.97
CA TYR D 360 -10.70 -16.63 26.38
C TYR D 360 -12.21 -16.78 26.18
N VAL D 361 -12.61 -17.41 25.08
CA VAL D 361 -14.02 -17.60 24.79
C VAL D 361 -14.49 -18.97 25.28
N LEU D 391 17.18 -39.21 19.65
CA LEU D 391 18.21 -40.09 20.20
C LEU D 391 18.28 -39.95 21.71
N GLU D 392 18.72 -41.01 22.39
CA GLU D 392 18.82 -41.00 23.83
C GLU D 392 19.93 -40.06 24.30
N LEU D 393 19.76 -39.53 25.51
CA LEU D 393 20.73 -38.56 26.05
C LEU D 393 22.07 -39.21 26.38
N THR D 394 22.13 -40.55 26.42
CA THR D 394 23.38 -41.24 26.73
C THR D 394 23.96 -41.98 25.54
N GLN D 395 23.23 -42.09 24.42
CA GLN D 395 23.70 -42.86 23.27
C GLN D 395 24.76 -42.05 22.53
N VAL D 396 25.98 -42.09 23.08
CA VAL D 396 27.13 -41.40 22.51
C VAL D 396 28.28 -42.39 22.42
N PRO D 397 29.04 -42.41 21.33
CA PRO D 397 30.16 -43.36 21.22
C PRO D 397 31.20 -43.15 22.31
N GLU D 398 31.86 -44.25 22.68
CA GLU D 398 32.90 -44.20 23.69
C GLU D 398 34.05 -43.31 23.22
N GLY D 399 34.69 -42.64 24.18
CA GLY D 399 35.71 -41.67 23.87
C GLY D 399 35.20 -40.28 23.56
N TRP D 400 33.89 -40.08 23.58
CA TRP D 400 33.27 -38.78 23.34
C TRP D 400 32.63 -38.28 24.62
N VAL D 401 32.81 -36.99 24.91
CA VAL D 401 32.14 -36.33 26.01
C VAL D 401 31.23 -35.25 25.43
N VAL D 402 30.04 -35.11 26.00
CA VAL D 402 29.02 -34.21 25.46
C VAL D 402 28.73 -33.14 26.51
N VAL D 403 28.83 -31.88 26.11
CA VAL D 403 28.60 -30.74 26.99
C VAL D 403 27.32 -30.05 26.54
N HIS D 404 26.24 -30.26 27.28
CA HIS D 404 24.98 -29.56 27.03
C HIS D 404 25.01 -28.24 27.77
N PHE D 405 24.78 -27.15 27.05
CA PHE D 405 24.78 -25.81 27.63
C PHE D 405 23.36 -25.34 27.82
N TYR D 406 23.11 -24.69 28.95
CA TYR D 406 21.82 -24.06 29.19
C TYR D 406 22.04 -22.68 29.79
N LEU D 407 21.43 -21.67 29.19
CA LEU D 407 21.45 -20.31 29.71
C LEU D 407 20.12 -20.05 30.41
N ASN D 408 20.19 -19.76 31.71
CA ASN D 408 19.00 -19.45 32.49
C ASN D 408 18.74 -17.95 32.41
N LYS D 409 17.53 -17.59 31.95
CA LYS D 409 17.13 -16.19 31.99
C LYS D 409 16.57 -15.82 33.35
N LEU D 410 16.09 -16.80 34.12
CA LEU D 410 15.56 -16.57 35.45
C LEU D 410 16.64 -15.96 36.34
N GLU D 411 17.70 -16.71 36.58
CA GLU D 411 18.89 -16.20 37.24
C GLU D 411 20.00 -16.07 36.21
N GLY D 412 20.78 -14.99 36.31
CA GLY D 412 21.80 -14.74 35.31
C GLY D 412 22.95 -15.71 35.41
N MET D 413 22.64 -17.00 35.34
CA MET D 413 23.61 -18.07 35.57
C MET D 413 23.39 -19.14 34.52
N GLY D 414 24.25 -19.18 33.51
CA GLY D 414 24.30 -20.32 32.62
C GLY D 414 25.08 -21.45 33.26
N ASN D 415 24.79 -22.68 32.81
CA ASN D 415 25.49 -23.84 33.35
C ASN D 415 25.57 -24.92 32.29
N ALA D 416 26.69 -25.63 32.28
CA ALA D 416 26.98 -26.63 31.26
C ALA D 416 26.83 -28.03 31.86
N ILE D 417 25.96 -28.83 31.25
CA ILE D 417 25.77 -30.22 31.66
C ILE D 417 26.65 -31.09 30.79
N VAL D 418 27.54 -31.86 31.42
CA VAL D 418 28.52 -32.67 30.71
C VAL D 418 28.23 -34.15 30.99
N PHE D 419 28.40 -34.97 29.96
CA PHE D 419 28.21 -36.42 30.07
C PHE D 419 29.46 -37.11 29.54
N ASP D 420 30.25 -37.68 30.45
CA ASP D 420 31.40 -38.49 30.07
C ASP D 420 30.94 -39.93 29.89
N LYS D 421 30.90 -40.39 28.63
CA LYS D 421 30.42 -41.75 28.36
C LYS D 421 31.32 -42.79 29.01
N CYS D 422 32.64 -42.60 28.94
CA CYS D 422 33.57 -43.58 29.49
C CYS D 422 33.36 -43.75 30.99
N ALA D 423 33.18 -42.64 31.71
CA ALA D 423 32.88 -42.71 33.13
C ALA D 423 31.40 -42.91 33.41
N ASN D 424 30.53 -42.71 32.42
CA ASN D 424 29.08 -42.78 32.59
C ASN D 424 28.64 -41.88 33.75
N SER D 425 29.23 -40.69 33.81
CA SER D 425 29.03 -39.77 34.92
C SER D 425 28.40 -38.48 34.42
N TRP D 426 27.40 -38.00 35.15
CA TRP D 426 26.72 -36.75 34.85
C TRP D 426 27.09 -35.71 35.90
N GLN D 427 27.52 -34.54 35.46
CA GLN D 427 27.87 -33.45 36.36
C GLN D 427 27.73 -32.13 35.61
N TYR D 428 27.69 -31.03 36.38
CA TYR D 428 27.51 -29.72 35.78
C TYR D 428 28.24 -28.68 36.61
N LYS D 429 28.54 -27.55 35.96
CA LYS D 429 29.04 -26.37 36.65
C LYS D 429 28.36 -25.14 36.09
N GLU D 430 28.25 -24.11 36.92
CA GLU D 430 27.58 -22.87 36.56
C GLU D 430 28.59 -21.81 36.16
N PHE D 431 28.22 -20.95 35.23
CA PHE D 431 29.08 -19.86 34.80
C PHE D 431 28.27 -18.60 34.60
N GLN D 432 28.93 -17.45 34.75
CA GLN D 432 28.32 -16.15 34.52
C GLN D 432 28.41 -15.82 33.04
N TYR D 433 27.27 -15.82 32.36
CA TYR D 433 27.23 -15.42 30.96
C TYR D 433 26.94 -13.94 30.78
N LYS D 434 26.66 -13.21 31.87
CA LYS D 434 26.33 -11.80 31.74
C LYS D 434 27.53 -10.99 31.25
N GLU D 435 28.70 -11.22 31.84
CA GLU D 435 29.90 -10.52 31.39
C GLU D 435 30.43 -11.09 30.09
N LEU D 436 30.29 -12.41 29.89
CA LEU D 436 30.75 -13.04 28.66
C LEU D 436 29.94 -12.56 27.47
N PHE D 437 28.63 -12.33 27.65
CA PHE D 437 27.80 -11.85 26.55
C PHE D 437 28.23 -10.47 26.09
N GLU D 438 28.59 -9.60 27.03
CA GLU D 438 29.08 -8.26 26.65
C GLU D 438 30.38 -8.36 25.88
N VAL D 439 31.27 -9.26 26.27
CA VAL D 439 32.51 -9.47 25.53
C VAL D 439 32.22 -10.06 24.15
N PHE D 440 31.20 -10.94 24.08
CA PHE D 440 30.79 -11.44 22.77
C PHE D 440 30.23 -10.34 21.89
N LEU D 441 29.40 -9.46 22.46
CA LEU D 441 28.85 -8.36 21.69
C LEU D 441 29.95 -7.42 21.23
N THR D 442 30.96 -7.21 22.07
CA THR D 442 32.11 -6.40 21.66
C THR D 442 32.81 -7.02 20.46
N TRP D 443 32.98 -8.34 20.47
CA TRP D 443 33.54 -9.02 19.31
C TRP D 443 32.60 -8.95 18.12
N GLN D 444 31.30 -9.17 18.35
CA GLN D 444 30.34 -9.16 17.25
C GLN D 444 30.25 -7.78 16.61
N ALA D 445 30.24 -6.72 17.42
CA ALA D 445 30.20 -5.37 16.87
C ALA D 445 31.49 -5.04 16.13
N ASN D 446 32.63 -5.49 16.65
CA ASN D 446 33.90 -5.21 15.99
C ASN D 446 34.09 -6.07 14.76
N TYR D 447 33.66 -7.33 14.81
CA TYR D 447 33.77 -8.19 13.63
C TYR D 447 32.93 -7.67 12.49
N ASN D 448 31.71 -7.22 12.79
CA ASN D 448 30.80 -6.77 11.74
C ASN D 448 31.32 -5.51 11.06
N LEU D 449 32.24 -4.80 11.71
CA LEU D 449 32.81 -3.59 11.11
C LEU D 449 34.12 -3.89 10.42
N TYR D 450 34.95 -4.75 11.01
CA TYR D 450 36.32 -4.91 10.56
C TYR D 450 36.72 -6.33 10.18
N LYS D 451 35.86 -7.32 10.42
CA LYS D 451 36.06 -8.71 10.01
C LYS D 451 37.39 -9.21 10.60
N GLU D 452 38.37 -9.58 9.79
CA GLU D 452 39.61 -10.16 10.30
C GLU D 452 40.39 -9.16 11.15
N ASN D 453 40.16 -7.87 10.96
CA ASN D 453 40.85 -6.86 11.76
C ASN D 453 40.34 -6.82 13.18
N ALA D 454 39.20 -7.46 13.47
CA ALA D 454 38.71 -7.62 14.83
C ALA D 454 39.22 -8.89 15.47
N ALA D 455 40.36 -9.42 15.01
CA ALA D 455 40.92 -10.63 15.60
C ALA D 455 41.29 -10.41 17.06
N GLU D 456 41.81 -9.22 17.38
CA GLU D 456 42.18 -8.93 18.76
C GLU D 456 40.97 -8.97 19.68
N HIS D 457 39.79 -8.66 19.16
CA HIS D 457 38.56 -8.76 19.94
C HIS D 457 38.05 -10.19 20.02
N LEU D 458 38.46 -11.05 19.09
CA LEU D 458 38.12 -12.46 19.19
C LEU D 458 38.94 -13.15 20.26
N VAL D 459 40.22 -12.78 20.39
CA VAL D 459 41.09 -13.40 21.39
C VAL D 459 40.58 -13.12 22.79
N THR D 460 40.25 -11.86 23.07
CA THR D 460 39.73 -11.53 24.39
C THR D 460 38.35 -12.15 24.62
N LEU D 461 37.60 -12.38 23.55
CA LEU D 461 36.36 -13.15 23.68
C LEU D 461 36.67 -14.61 23.99
N CYS D 462 37.59 -15.21 23.23
CA CYS D 462 37.95 -16.60 23.46
C CYS D 462 38.61 -16.78 24.82
N LYS D 463 39.42 -15.79 25.24
CA LYS D 463 39.94 -15.79 26.61
C LYS D 463 38.81 -15.65 27.62
N LYS D 464 37.82 -14.82 27.32
CA LYS D 464 36.67 -14.69 28.21
C LYS D 464 35.88 -16.00 28.27
N ILE D 465 35.80 -16.72 27.16
CA ILE D 465 35.18 -18.04 27.18
C ILE D 465 35.93 -18.94 28.15
N GLY D 466 37.26 -18.93 28.09
CA GLY D 466 38.05 -19.69 29.04
C GLY D 466 37.95 -19.15 30.45
N GLU D 467 37.91 -17.83 30.59
CA GLU D 467 37.92 -17.21 31.92
C GLU D 467 36.63 -17.49 32.67
N THR D 468 35.49 -17.25 32.02
CA THR D 468 34.20 -17.44 32.68
C THR D 468 33.76 -18.90 32.69
N MET D 469 34.43 -19.77 31.95
CA MET D 469 34.06 -21.17 31.83
C MET D 469 35.27 -22.05 32.12
N PRO D 470 35.85 -21.95 33.32
CA PRO D 470 37.11 -22.65 33.59
C PRO D 470 36.94 -24.15 33.73
N PHE D 471 35.70 -24.64 33.89
CA PHE D 471 35.46 -26.08 33.96
C PHE D 471 35.77 -26.78 32.64
N LEU D 472 35.81 -26.02 31.53
CA LEU D 472 36.15 -26.64 30.25
C LEU D 472 37.56 -27.21 30.26
N PHE D 473 38.46 -26.59 31.03
CA PHE D 473 39.84 -27.05 31.13
C PHE D 473 40.09 -27.88 32.38
N CYS D 474 39.14 -27.98 33.29
CA CYS D 474 39.26 -28.87 34.43
C CYS D 474 39.20 -30.31 33.97
N ASP D 475 40.13 -31.14 34.46
CA ASP D 475 40.19 -32.53 34.02
C ASP D 475 38.98 -33.32 34.49
N ASN D 476 38.50 -33.06 35.71
CA ASN D 476 37.34 -33.78 36.22
C ASN D 476 36.09 -33.50 35.39
N PHE D 477 35.87 -32.23 35.04
CA PHE D 477 34.71 -31.87 34.24
C PHE D 477 34.85 -32.37 32.81
N ILE D 478 36.01 -32.13 32.19
CA ILE D 478 36.29 -32.60 30.84
C ILE D 478 37.64 -33.30 30.87
N PRO D 479 37.71 -34.60 30.59
CA PRO D 479 39.00 -35.30 30.59
C PRO D 479 39.93 -34.77 29.50
N ASN D 480 41.22 -35.03 29.69
CA ASN D 480 42.24 -34.42 28.82
C ASN D 480 42.09 -34.86 27.38
N GLY D 481 41.83 -36.14 27.14
CA GLY D 481 41.83 -36.65 25.79
C GLY D 481 40.46 -36.98 25.21
N LYS D 482 39.42 -36.85 26.00
CA LYS D 482 38.08 -37.19 25.54
C LYS D 482 37.60 -36.20 24.49
N ASP D 483 37.03 -36.72 23.41
CA ASP D 483 36.43 -35.87 22.39
C ASP D 483 35.24 -35.13 22.97
N VAL D 484 35.15 -33.83 22.67
CA VAL D 484 34.13 -32.97 23.25
C VAL D 484 33.12 -32.63 22.17
N LEU D 485 31.85 -32.94 22.41
CA LEU D 485 30.76 -32.47 21.58
C LEU D 485 30.05 -31.33 22.30
N PHE D 486 29.90 -30.20 21.62
CA PHE D 486 29.29 -29.02 22.20
C PHE D 486 27.84 -28.93 21.76
N VAL D 487 26.96 -28.68 22.71
CA VAL D 487 25.55 -28.43 22.43
C VAL D 487 25.21 -27.08 23.05
N PRO D 488 25.60 -25.98 22.41
CA PRO D 488 25.48 -24.66 23.05
C PRO D 488 24.04 -24.19 23.08
N HIS D 489 23.83 -23.11 23.82
CA HIS D 489 22.52 -22.52 24.00
C HIS D 489 22.62 -21.01 23.83
N ASP D 490 21.60 -20.43 23.19
CA ASP D 490 21.44 -18.98 23.06
C ASP D 490 22.69 -18.42 22.39
N PHE D 491 23.37 -17.43 22.97
CA PHE D 491 24.51 -16.80 22.31
C PHE D 491 25.75 -17.68 22.31
N LEU D 492 25.76 -18.77 23.06
CA LEU D 492 26.90 -19.68 23.03
C LEU D 492 27.00 -20.43 21.70
N HIS D 493 25.93 -20.41 20.89
CA HIS D 493 26.02 -20.96 19.54
C HIS D 493 27.04 -20.17 18.72
N ARG D 494 27.10 -18.86 18.91
CA ARG D 494 28.04 -18.02 18.20
C ARG D 494 29.44 -18.03 18.80
N LEU D 495 29.58 -18.53 20.02
CA LEU D 495 30.87 -18.54 20.68
C LEU D 495 31.77 -19.60 20.07
N PRO D 496 33.01 -19.29 19.73
CA PRO D 496 33.97 -20.34 19.34
C PRO D 496 34.51 -21.07 20.57
N LEU D 497 33.70 -22.01 21.07
CA LEU D 497 34.05 -22.73 22.28
C LEU D 497 35.32 -23.56 22.09
N HIS D 498 35.53 -24.10 20.88
CA HIS D 498 36.70 -24.93 20.64
C HIS D 498 37.98 -24.14 20.86
N GLY D 499 38.09 -22.97 20.24
CA GLY D 499 39.27 -22.16 20.40
C GLY D 499 39.15 -21.16 21.53
N SER D 500 39.19 -21.64 22.76
CA SER D 500 39.13 -20.79 23.95
C SER D 500 40.41 -20.95 24.75
N ILE D 501 40.99 -19.82 25.16
CA ILE D 501 42.24 -19.82 25.91
C ILE D 501 41.95 -20.01 27.39
N GLU D 502 42.65 -20.96 28.01
CA GLU D 502 42.52 -21.17 29.45
C GLU D 502 43.02 -19.94 30.20
N ASN D 503 42.28 -19.55 31.25
CA ASN D 503 42.60 -18.34 32.00
C ASN D 503 43.83 -18.61 32.86
N LYS D 504 44.99 -18.60 32.22
CA LYS D 504 46.27 -18.78 32.90
C LYS D 504 47.37 -18.28 31.98
N THR D 505 48.56 -18.13 32.54
CA THR D 505 49.70 -17.62 31.78
C THR D 505 50.03 -18.56 30.62
N ASN D 506 50.08 -18.00 29.41
CA ASN D 506 50.34 -18.77 28.19
C ASN D 506 49.36 -19.94 28.07
N GLY D 507 48.09 -19.67 28.40
CA GLY D 507 47.07 -20.70 28.37
C GLY D 507 46.88 -21.32 27.01
N LYS D 508 46.88 -22.65 26.95
CA LYS D 508 46.65 -23.35 25.70
C LYS D 508 45.17 -23.31 25.33
N LEU D 509 44.90 -23.45 24.04
CA LEU D 509 43.53 -23.48 23.56
C LEU D 509 42.82 -24.74 24.04
N PHE D 510 41.51 -24.63 24.23
CA PHE D 510 40.70 -25.81 24.47
C PHE D 510 40.74 -26.74 23.27
N LEU D 511 40.88 -26.18 22.06
CA LEU D 511 40.90 -26.98 20.85
C LEU D 511 42.13 -27.89 20.78
N GLU D 512 43.25 -27.46 21.35
CA GLU D 512 44.48 -28.24 21.24
C GLU D 512 44.31 -29.61 21.89
N ASN D 513 43.71 -29.66 23.08
CA ASN D 513 43.57 -30.92 23.79
C ASN D 513 42.49 -31.80 23.19
N HIS D 514 41.33 -31.24 22.86
CA HIS D 514 40.17 -32.02 22.46
C HIS D 514 39.70 -31.63 21.06
N SER D 515 39.21 -32.62 20.32
CA SER D 515 38.55 -32.38 19.05
C SER D 515 37.09 -32.05 19.32
N CYS D 516 36.65 -30.86 18.90
CA CYS D 516 35.36 -30.31 19.29
C CYS D 516 34.38 -30.38 18.13
N CYS D 517 33.21 -30.92 18.40
CA CYS D 517 32.10 -30.96 17.45
C CYS D 517 30.92 -30.19 18.04
N TYR D 518 30.16 -29.53 17.18
CA TYR D 518 29.05 -28.69 17.62
C TYR D 518 27.73 -29.29 17.16
N LEU D 519 26.71 -29.12 18.00
CA LEU D 519 25.36 -29.55 17.69
C LEU D 519 24.40 -28.45 18.13
N PRO D 520 23.48 -28.02 17.26
CA PRO D 520 22.46 -27.06 17.70
C PRO D 520 21.63 -27.58 18.86
N ALA D 521 21.34 -28.88 18.86
CA ALA D 521 20.68 -29.54 19.98
C ALA D 521 20.99 -31.03 19.91
N TRP D 522 20.89 -31.70 21.05
CA TRP D 522 21.09 -33.14 21.10
C TRP D 522 20.10 -33.88 20.22
N SER D 523 18.92 -33.31 19.97
CA SER D 523 17.95 -33.96 19.11
C SER D 523 18.40 -34.02 17.66
N PHE D 524 19.44 -33.28 17.30
CA PHE D 524 19.97 -33.31 15.94
C PHE D 524 20.98 -34.42 15.72
N ALA D 525 21.36 -35.14 16.77
CA ALA D 525 22.28 -36.25 16.63
C ALA D 525 21.63 -37.40 15.86
N SER D 526 22.40 -38.02 14.97
CA SER D 526 21.89 -39.12 14.16
C SER D 526 22.93 -40.24 14.15
N GLU D 527 22.45 -41.46 13.92
CA GLU D 527 23.33 -42.62 13.87
C GLU D 527 23.17 -43.35 12.54
N SER D 531 27.33 -42.68 2.22
CA SER D 531 27.54 -44.11 2.03
C SER D 531 28.65 -44.35 1.01
N THR D 532 28.61 -43.62 -0.09
CA THR D 532 29.67 -43.73 -1.10
C THR D 532 30.95 -43.11 -0.57
N SER D 533 32.01 -43.92 -0.51
CA SER D 533 33.26 -43.52 0.14
C SER D 533 34.25 -42.87 -0.81
N ASP D 534 33.89 -42.66 -2.08
CA ASP D 534 34.83 -42.06 -3.02
C ASP D 534 34.19 -41.01 -3.92
N GLU D 535 33.02 -40.50 -3.55
CA GLU D 535 32.32 -39.50 -4.35
C GLU D 535 32.36 -38.17 -3.60
N TYR D 536 33.03 -37.18 -4.18
CA TYR D 536 33.21 -35.86 -3.57
C TYR D 536 32.54 -34.83 -4.47
N VAL D 537 31.36 -34.39 -4.09
CA VAL D 537 30.60 -33.41 -4.86
C VAL D 537 30.98 -32.01 -4.38
N LEU D 538 30.99 -31.05 -5.31
CA LEU D 538 31.31 -29.67 -4.99
C LEU D 538 30.32 -28.75 -5.71
N LEU D 539 29.59 -27.96 -4.94
CA LEU D 539 28.78 -26.86 -5.45
C LEU D 539 29.56 -25.56 -5.31
N LYS D 540 29.29 -24.62 -6.22
CA LYS D 540 30.01 -23.35 -6.18
C LYS D 540 29.21 -22.29 -6.90
N ASN D 541 28.87 -21.22 -6.18
CA ASN D 541 28.31 -20.01 -6.77
C ASN D 541 29.16 -18.79 -6.47
N PHE D 542 30.30 -18.98 -5.81
CA PHE D 542 31.20 -17.90 -5.46
C PHE D 542 31.84 -17.32 -6.73
N ASP D 543 32.50 -16.18 -6.57
CA ASP D 543 33.23 -15.58 -7.67
C ASP D 543 34.38 -16.48 -8.09
N GLN D 544 34.70 -16.44 -9.39
CA GLN D 544 35.70 -17.35 -9.94
C GLN D 544 37.07 -17.12 -9.32
N GLY D 545 37.46 -15.85 -9.13
CA GLY D 545 38.81 -15.55 -8.69
C GLY D 545 39.15 -16.08 -7.31
N HIS D 546 38.15 -16.36 -6.48
CA HIS D 546 38.42 -16.83 -5.13
C HIS D 546 38.74 -18.31 -5.05
N PHE D 547 38.16 -19.13 -5.92
CA PHE D 547 38.37 -20.58 -5.91
C PHE D 547 38.68 -21.04 -7.33
N GLU D 548 39.97 -21.17 -7.65
CA GLU D 548 40.41 -21.68 -8.94
C GLU D 548 41.16 -23.00 -8.82
N THR D 549 42.23 -23.06 -8.03
CA THR D 549 42.99 -24.30 -7.93
C THR D 549 42.20 -25.39 -7.21
N LEU D 550 41.36 -25.01 -6.25
CA LEU D 550 40.47 -25.97 -5.61
C LEU D 550 39.30 -26.33 -6.50
N GLN D 551 38.92 -25.45 -7.42
CA GLN D 551 37.73 -25.66 -8.25
C GLN D 551 37.88 -26.87 -9.16
N ASN D 552 39.05 -27.05 -9.77
CA ASN D 552 39.25 -28.07 -10.79
C ASN D 552 40.16 -29.20 -10.31
N ASN D 553 40.02 -29.60 -9.05
CA ASN D 553 40.79 -30.71 -8.54
C ASN D 553 40.22 -32.03 -9.09
N GLN D 554 41.09 -33.03 -9.19
CA GLN D 554 40.71 -34.28 -9.83
C GLN D 554 39.71 -35.10 -9.01
N ILE D 555 39.69 -34.89 -7.68
CA ILE D 555 38.87 -35.74 -6.82
C ILE D 555 37.38 -35.50 -7.03
N TRP D 556 37.00 -34.28 -7.41
CA TRP D 556 35.59 -33.94 -7.52
C TRP D 556 34.87 -34.81 -8.54
N GLY D 557 33.63 -35.17 -8.22
CA GLY D 557 32.84 -36.02 -9.09
C GLY D 557 32.23 -35.28 -10.25
N THR D 558 31.53 -36.04 -11.10
CA THR D 558 30.92 -35.46 -12.29
C THR D 558 29.67 -34.66 -11.94
N GLN D 559 28.86 -35.14 -10.99
CA GLN D 559 27.62 -34.46 -10.65
C GLN D 559 27.87 -33.29 -9.72
N SER D 560 28.74 -32.37 -10.14
CA SER D 560 29.09 -31.21 -9.31
C SER D 560 29.39 -30.05 -10.25
N VAL D 561 28.51 -29.05 -10.27
CA VAL D 561 28.73 -27.87 -11.08
C VAL D 561 29.73 -26.97 -10.34
N LYS D 562 30.88 -26.74 -10.94
CA LYS D 562 32.01 -26.16 -10.23
C LYS D 562 32.21 -24.67 -10.51
N ASP D 563 31.38 -24.06 -11.35
CA ASP D 563 31.51 -22.63 -11.63
C ASP D 563 30.32 -21.83 -11.11
N GLY D 564 29.11 -22.14 -11.56
CA GLY D 564 27.93 -21.51 -11.00
C GLY D 564 26.85 -22.53 -10.66
N ALA D 565 26.57 -22.69 -9.38
CA ALA D 565 25.63 -23.70 -8.91
C ALA D 565 24.24 -23.09 -8.77
N SER D 566 23.23 -23.95 -8.84
CA SER D 566 21.84 -23.54 -8.76
C SER D 566 21.18 -24.18 -7.55
N SER D 567 20.03 -23.62 -7.17
CA SER D 567 19.28 -24.16 -6.04
C SER D 567 18.82 -25.58 -6.31
N ASP D 568 18.33 -25.85 -7.52
CA ASP D 568 17.86 -27.19 -7.86
C ASP D 568 19.01 -28.19 -7.99
N ASP D 569 20.21 -27.73 -8.33
CA ASP D 569 21.32 -28.65 -8.51
C ASP D 569 21.79 -29.18 -7.16
N LEU D 570 21.64 -28.39 -6.10
CA LEU D 570 21.86 -28.91 -4.75
C LEU D 570 20.90 -30.04 -4.44
N GLU D 571 19.63 -29.88 -4.84
CA GLU D 571 18.65 -30.95 -4.68
C GLU D 571 18.98 -32.17 -5.52
N ASN D 572 19.84 -32.02 -6.53
CA ASN D 572 20.12 -33.10 -7.46
C ASN D 572 21.06 -34.16 -6.87
N ILE D 573 21.98 -33.76 -5.98
CA ILE D 573 22.96 -34.71 -5.46
C ILE D 573 22.26 -35.88 -4.81
N ARG D 574 22.70 -37.09 -5.14
CA ARG D 574 22.12 -38.31 -4.62
C ARG D 574 23.25 -39.25 -4.20
N ASN D 575 22.88 -40.47 -3.83
CA ASN D 575 23.78 -41.59 -3.53
C ASN D 575 24.62 -41.37 -2.29
N ASN D 576 24.31 -40.34 -1.47
CA ASN D 576 24.99 -40.09 -0.21
C ASN D 576 26.49 -39.91 -0.40
N PRO D 577 26.93 -38.80 -0.99
CA PRO D 577 28.37 -38.61 -1.21
C PRO D 577 29.14 -38.52 0.09
N ARG D 578 30.46 -38.72 -0.01
CA ARG D 578 31.30 -38.59 1.17
C ARG D 578 31.49 -37.11 1.54
N LEU D 579 31.77 -36.27 0.55
CA LEU D 579 31.99 -34.84 0.77
C LEU D 579 31.11 -34.05 -0.18
N LEU D 580 30.42 -33.05 0.38
CA LEU D 580 29.69 -32.06 -0.39
C LEU D 580 30.21 -30.68 -0.02
N THR D 581 30.59 -29.89 -1.03
CA THR D 581 31.09 -28.53 -0.82
C THR D 581 30.09 -27.56 -1.44
N ILE D 582 29.63 -26.60 -0.65
CA ILE D 582 28.85 -25.48 -1.16
C ILE D 582 29.61 -24.20 -0.85
N LEU D 583 30.08 -23.53 -1.90
CA LEU D 583 30.80 -22.27 -1.77
C LEU D 583 29.96 -21.17 -2.40
N CYS D 584 29.28 -20.41 -1.57
CA CYS D 584 28.40 -19.35 -2.04
C CYS D 584 28.24 -18.32 -0.94
N HIS D 585 27.61 -17.21 -1.27
CA HIS D 585 27.34 -16.15 -0.32
C HIS D 585 26.03 -16.46 0.39
N GLY D 586 26.11 -16.84 1.67
CA GLY D 586 24.91 -17.02 2.45
C GLY D 586 24.27 -15.71 2.83
N GLU D 587 22.95 -15.73 2.97
CA GLU D 587 22.19 -14.56 3.40
C GLU D 587 21.22 -14.98 4.48
N ALA D 588 21.13 -14.19 5.54
CA ALA D 588 20.38 -14.56 6.73
C ALA D 588 19.10 -13.75 6.84
N ASN D 589 17.97 -14.44 6.99
CA ASN D 589 16.71 -13.78 7.31
C ASN D 589 16.69 -13.48 8.81
N MET D 590 16.59 -12.20 9.16
CA MET D 590 16.82 -11.78 10.53
C MET D 590 15.70 -12.18 11.49
N SER D 591 14.59 -12.70 10.99
CA SER D 591 13.48 -13.04 11.87
C SER D 591 13.06 -14.49 11.70
N ASN D 592 13.05 -14.98 10.47
CA ASN D 592 12.58 -16.34 10.18
C ASN D 592 13.76 -17.21 9.74
N PRO D 593 14.18 -18.19 10.54
CA PRO D 593 15.25 -19.10 10.09
C PRO D 593 14.90 -19.85 8.82
N PHE D 594 13.61 -20.15 8.60
CA PHE D 594 13.21 -20.89 7.41
C PHE D 594 13.48 -20.10 6.13
N ARG D 595 13.52 -18.78 6.21
CA ARG D 595 13.72 -17.94 5.03
C ARG D 595 15.19 -17.64 4.75
N SER D 596 16.10 -18.06 5.61
CA SER D 596 17.52 -17.88 5.35
C SER D 596 17.92 -18.76 4.17
N MET D 597 18.61 -18.17 3.19
CA MET D 597 18.92 -18.87 1.95
C MET D 597 20.42 -18.95 1.74
N LEU D 598 20.82 -19.97 0.98
CA LEU D 598 22.15 -20.04 0.38
C LEU D 598 21.99 -19.56 -1.06
N LYS D 599 22.52 -18.38 -1.37
CA LYS D 599 22.34 -17.79 -2.69
C LYS D 599 23.06 -18.64 -3.72
N LEU D 600 22.29 -19.38 -4.52
CA LEU D 600 22.82 -20.25 -5.56
C LEU D 600 22.10 -19.91 -6.86
N ALA D 601 22.85 -19.41 -7.83
CA ALA D 601 22.30 -18.95 -9.11
C ALA D 601 21.22 -17.90 -8.90
N ASN D 602 20.02 -18.16 -9.43
CA ASN D 602 18.92 -17.23 -9.35
C ASN D 602 18.02 -17.60 -8.16
N GLY D 603 17.80 -16.64 -7.29
CA GLY D 603 16.94 -16.84 -6.12
C GLY D 603 17.58 -17.43 -4.89
N GLY D 604 18.27 -18.56 -5.04
CA GLY D 604 18.87 -19.25 -3.92
C GLY D 604 17.91 -20.23 -3.28
N ILE D 605 18.48 -21.13 -2.47
CA ILE D 605 17.73 -22.18 -1.79
C ILE D 605 17.70 -21.88 -0.30
N THR D 606 16.52 -21.94 0.29
CA THR D 606 16.32 -21.53 1.67
C THR D 606 16.47 -22.70 2.63
N TYR D 607 16.41 -22.37 3.93
CA TYR D 607 16.37 -23.40 4.96
C TYR D 607 15.14 -24.28 4.79
N LEU D 608 13.99 -23.68 4.51
CA LEU D 608 12.77 -24.44 4.27
C LEU D 608 12.90 -25.30 3.01
N GLU D 609 13.45 -24.71 1.94
CA GLU D 609 13.61 -25.47 0.70
C GLU D 609 14.60 -26.61 0.87
N ILE D 610 15.71 -26.37 1.56
CA ILE D 610 16.71 -27.42 1.78
C ILE D 610 16.09 -28.57 2.55
N LEU D 611 15.22 -28.28 3.51
CA LEU D 611 14.61 -29.32 4.33
C LEU D 611 13.81 -30.30 3.47
N ASN D 612 13.04 -29.78 2.52
CA ASN D 612 12.16 -30.63 1.73
C ASN D 612 12.80 -31.08 0.41
N SER D 613 13.41 -30.14 -0.32
CA SER D 613 13.91 -30.45 -1.66
C SER D 613 15.14 -31.36 -1.60
N VAL D 614 16.10 -31.03 -0.74
CA VAL D 614 17.36 -31.76 -0.71
C VAL D 614 17.18 -33.07 0.03
N LYS D 615 17.53 -34.17 -0.62
CA LYS D 615 17.34 -35.51 -0.07
C LYS D 615 18.54 -36.43 -0.19
N GLY D 616 19.47 -36.18 -1.11
CA GLY D 616 20.52 -37.15 -1.39
C GLY D 616 21.57 -37.25 -0.30
N LEU D 617 21.96 -36.11 0.27
CA LEU D 617 23.10 -36.06 1.20
C LEU D 617 22.67 -36.61 2.55
N LYS D 618 22.65 -37.94 2.65
CA LYS D 618 22.35 -38.66 3.88
C LYS D 618 23.64 -39.29 4.39
N GLY D 619 24.16 -38.77 5.50
CA GLY D 619 25.43 -39.21 6.00
C GLY D 619 26.63 -38.56 5.36
N SER D 620 26.41 -37.57 4.49
CA SER D 620 27.50 -36.87 3.84
C SER D 620 28.17 -35.89 4.80
N GLN D 621 29.49 -35.74 4.63
CA GLN D 621 30.24 -34.72 5.36
C GLN D 621 30.20 -33.45 4.52
N VAL D 622 29.43 -32.47 4.98
CA VAL D 622 29.18 -31.26 4.21
C VAL D 622 30.18 -30.18 4.63
N ILE D 623 30.66 -29.42 3.65
CA ILE D 623 31.54 -28.29 3.88
C ILE D 623 30.90 -27.07 3.23
N LEU D 624 30.71 -26.01 4.01
CA LEU D 624 30.10 -24.79 3.52
C LEU D 624 31.15 -23.70 3.31
N GLY D 625 30.95 -22.88 2.29
CA GLY D 625 31.77 -21.73 2.03
C GLY D 625 31.17 -20.42 2.48
N ALA D 626 29.98 -20.45 3.09
CA ALA D 626 29.31 -19.26 3.57
C ALA D 626 29.51 -19.14 5.07
N CYS D 627 30.00 -17.98 5.50
CA CYS D 627 30.21 -17.75 6.93
C CYS D 627 28.90 -17.82 7.69
N GLU D 628 28.97 -18.35 8.90
CA GLU D 628 27.74 -18.48 9.70
C GLU D 628 27.15 -17.12 10.03
N THR D 629 28.00 -16.10 10.22
CA THR D 629 27.50 -14.76 10.46
C THR D 629 26.64 -14.25 9.31
N ASP D 630 26.84 -14.74 8.10
CA ASP D 630 25.94 -14.46 7.01
C ASP D 630 24.79 -15.46 6.92
N LEU D 631 24.88 -16.57 7.64
CA LEU D 631 23.81 -17.56 7.63
C LEU D 631 22.81 -17.30 8.75
N VAL D 632 23.28 -16.80 9.89
CA VAL D 632 22.43 -16.42 11.02
C VAL D 632 22.48 -14.91 11.19
N PRO D 633 21.44 -14.29 11.71
CA PRO D 633 21.46 -12.84 11.90
C PRO D 633 22.36 -12.45 13.06
N PRO D 634 22.77 -11.19 13.12
CA PRO D 634 23.51 -10.74 14.30
C PRO D 634 22.64 -10.77 15.54
N LEU D 635 23.30 -10.93 16.69
CA LEU D 635 22.63 -11.12 17.96
C LEU D 635 22.43 -9.78 18.66
N SER D 636 21.17 -9.40 18.86
CA SER D 636 20.81 -8.22 19.63
C SER D 636 20.31 -8.57 21.02
N ASP D 637 20.41 -9.83 21.42
CA ASP D 637 19.94 -10.28 22.72
C ASP D 637 20.59 -11.60 23.05
N VAL D 638 20.47 -12.01 24.32
CA VAL D 638 21.09 -13.25 24.76
C VAL D 638 20.51 -14.45 24.02
N MET D 639 19.18 -14.49 23.88
CA MET D 639 18.53 -15.60 23.20
C MET D 639 18.96 -15.66 21.74
N ASP D 640 19.19 -16.88 21.26
CA ASP D 640 19.57 -17.11 19.86
C ASP D 640 19.07 -18.50 19.49
N GLU D 641 17.92 -18.55 18.81
CA GLU D 641 17.37 -19.80 18.31
C GLU D 641 17.35 -19.84 16.79
N HIS D 642 17.88 -18.82 16.12
CA HIS D 642 17.91 -18.79 14.66
C HIS D 642 18.89 -19.84 14.15
N TYR D 643 18.34 -20.95 13.69
CA TYR D 643 19.16 -22.05 13.20
C TYR D 643 19.70 -21.75 11.80
N SER D 644 20.98 -22.00 11.60
CA SER D 644 21.62 -21.72 10.31
C SER D 644 21.21 -22.75 9.27
N VAL D 645 21.72 -22.58 8.05
CA VAL D 645 21.52 -23.58 7.02
C VAL D 645 22.25 -24.88 7.36
N ALA D 646 23.30 -24.80 8.17
CA ALA D 646 24.09 -25.99 8.49
C ALA D 646 23.24 -27.05 9.18
N THR D 647 22.40 -26.64 10.12
CA THR D 647 21.53 -27.59 10.80
C THR D 647 20.35 -28.04 9.93
N ALA D 648 19.97 -27.26 8.91
CA ALA D 648 19.00 -27.76 7.95
C ALA D 648 19.55 -28.97 7.21
N LEU D 649 20.84 -28.92 6.86
CA LEU D 649 21.50 -30.09 6.31
C LEU D 649 21.53 -31.24 7.33
N LEU D 650 21.75 -30.90 8.60
CA LEU D 650 21.81 -31.92 9.64
C LEU D 650 20.52 -32.73 9.72
N LEU D 651 19.38 -32.06 9.53
CA LEU D 651 18.10 -32.76 9.58
C LEU D 651 17.99 -33.77 8.44
N ILE D 652 18.44 -33.41 7.25
CA ILE D 652 18.45 -34.33 6.10
C ILE D 652 19.80 -35.05 6.13
N GLY D 653 19.87 -36.07 6.98
CA GLY D 653 21.10 -36.82 7.16
C GLY D 653 22.32 -35.95 7.36
N ALA D 654 23.24 -36.00 6.39
CA ALA D 654 24.41 -35.12 6.33
C ALA D 654 25.15 -35.09 7.67
N ALA D 655 25.67 -36.25 8.05
CA ALA D 655 26.43 -36.36 9.30
C ALA D 655 27.66 -35.47 9.26
N GLY D 656 27.63 -34.40 10.05
CA GLY D 656 28.74 -33.45 10.06
C GLY D 656 28.58 -32.37 9.01
N VAL D 657 28.66 -31.11 9.43
CA VAL D 657 28.60 -29.96 8.52
C VAL D 657 29.69 -29.00 8.98
N VAL D 658 30.83 -29.02 8.30
CA VAL D 658 31.94 -28.15 8.65
C VAL D 658 31.80 -26.83 7.90
N GLY D 659 31.80 -25.74 8.62
CA GLY D 659 31.70 -24.42 8.02
C GLY D 659 32.36 -23.39 8.89
N THR D 660 32.69 -22.25 8.29
CA THR D 660 33.33 -21.17 9.02
C THR D 660 32.30 -20.39 9.83
N MET D 661 32.67 -20.04 11.06
CA MET D 661 31.78 -19.28 11.94
C MET D 661 31.74 -17.80 11.62
N TRP D 662 32.67 -17.30 10.81
CA TRP D 662 32.68 -15.89 10.43
C TRP D 662 33.51 -15.74 9.16
N LYS D 663 33.43 -14.55 8.57
CA LYS D 663 34.07 -14.29 7.28
C LYS D 663 35.58 -14.42 7.38
N VAL D 664 36.15 -15.26 6.51
CA VAL D 664 37.59 -15.43 6.40
C VAL D 664 37.95 -15.33 4.93
N ARG D 665 39.24 -15.06 4.68
CA ARG D 665 39.71 -15.00 3.30
C ARG D 665 39.58 -16.36 2.63
N SER D 666 39.32 -16.34 1.32
CA SER D 666 38.99 -17.56 0.60
C SER D 666 40.11 -18.59 0.64
N ASN D 667 41.36 -18.17 0.85
CA ASN D 667 42.46 -19.11 0.94
C ASN D 667 42.31 -20.03 2.14
N LYS D 668 41.81 -19.51 3.27
CA LYS D 668 41.62 -20.33 4.46
C LYS D 668 40.59 -21.43 4.20
N THR D 669 39.48 -21.07 3.55
CA THR D 669 38.50 -22.09 3.16
C THR D 669 39.10 -23.07 2.16
N LYS D 670 39.92 -22.57 1.24
CA LYS D 670 40.59 -23.44 0.27
C LYS D 670 41.42 -24.50 0.97
N SER D 671 42.27 -24.09 1.90
CA SER D 671 43.11 -25.05 2.60
C SER D 671 42.29 -26.04 3.43
N LEU D 672 41.16 -25.59 3.96
CA LEU D 672 40.29 -26.49 4.72
C LEU D 672 39.73 -27.59 3.82
N ILE D 673 39.28 -27.22 2.62
CA ILE D 673 38.72 -28.22 1.71
C ILE D 673 39.81 -29.17 1.22
N GLU D 674 40.95 -28.62 0.80
CA GLU D 674 42.03 -29.46 0.28
C GLU D 674 42.55 -30.42 1.33
N TRP D 675 42.70 -29.95 2.57
CA TRP D 675 43.12 -30.84 3.65
C TRP D 675 42.05 -31.87 3.97
N LYS D 676 40.78 -31.53 3.76
CA LYS D 676 39.73 -32.53 3.90
C LYS D 676 39.71 -33.48 2.72
N LEU D 677 40.18 -33.03 1.55
CA LEU D 677 40.18 -33.88 0.37
C LEU D 677 41.12 -35.07 0.53
N GLU D 678 42.29 -34.83 1.14
CA GLU D 678 43.30 -35.88 1.25
C GLU D 678 42.80 -37.03 2.13
N ASN D 679 42.15 -36.72 3.24
CA ASN D 679 41.63 -37.75 4.13
C ASN D 679 40.47 -37.16 4.92
N ILE D 680 39.26 -37.66 4.67
CA ILE D 680 38.09 -37.14 5.36
C ILE D 680 38.08 -37.57 6.82
N GLU D 681 38.73 -38.69 7.13
CA GLU D 681 38.73 -39.19 8.50
C GLU D 681 39.63 -38.38 9.43
N TYR D 682 40.44 -37.47 8.89
CA TYR D 682 41.25 -36.61 9.74
C TYR D 682 40.35 -35.69 10.56
N LYS D 683 40.68 -35.57 11.84
CA LYS D 683 39.92 -34.68 12.72
C LYS D 683 40.24 -33.23 12.38
N LEU D 684 39.20 -32.39 12.33
CA LEU D 684 39.39 -30.98 12.02
C LEU D 684 40.29 -30.30 13.04
N ASN D 685 40.26 -30.77 14.30
CA ASN D 685 41.03 -30.13 15.35
C ASN D 685 42.51 -30.09 15.00
N GLU D 686 43.05 -31.19 14.46
CA GLU D 686 44.47 -31.23 14.13
C GLU D 686 44.84 -30.16 13.12
N TRP D 687 44.00 -29.97 12.09
CA TRP D 687 44.26 -28.93 11.09
C TRP D 687 44.30 -27.54 11.70
N GLN D 688 43.49 -27.30 12.74
CA GLN D 688 43.45 -25.97 13.34
C GLN D 688 44.75 -25.66 14.07
N LYS D 689 45.35 -26.65 14.74
CA LYS D 689 46.57 -26.43 15.50
C LYS D 689 47.82 -26.67 14.69
N GLU D 690 47.82 -27.65 13.78
CA GLU D 690 49.02 -27.96 13.02
C GLU D 690 49.24 -27.03 11.84
N THR D 691 48.23 -26.24 11.45
CA THR D 691 48.34 -25.34 10.31
C THR D 691 47.79 -23.98 10.71
N GLY D 692 48.69 -23.04 11.00
CA GLY D 692 48.32 -21.66 11.25
C GLY D 692 47.89 -21.34 12.66
N GLY D 693 46.69 -21.78 13.04
CA GLY D 693 46.07 -21.34 14.27
C GLY D 693 46.78 -21.87 15.51
N ALA D 694 46.06 -21.76 16.64
CA ALA D 694 46.50 -22.11 17.98
C ALA D 694 47.61 -21.20 18.49
N ALA D 695 47.84 -20.04 17.85
CA ALA D 695 48.83 -19.08 18.30
C ALA D 695 48.23 -18.00 19.19
N TYR D 696 47.28 -17.23 18.64
CA TYR D 696 46.44 -16.27 19.36
C TYR D 696 47.24 -15.19 20.08
N LYS D 697 48.57 -15.22 19.95
CA LYS D 697 49.44 -14.19 20.52
C LYS D 697 50.21 -13.45 19.44
N ASP D 698 50.91 -14.18 18.57
CA ASP D 698 51.57 -13.59 17.42
C ASP D 698 50.68 -13.73 16.19
N HIS D 699 50.49 -12.62 15.48
CA HIS D 699 49.60 -12.55 14.32
C HIS D 699 48.22 -13.08 14.68
N PRO D 700 47.44 -12.34 15.46
CA PRO D 700 46.11 -12.82 15.89
C PRO D 700 45.17 -13.14 14.73
N PRO D 701 45.22 -12.40 13.60
CA PRO D 701 44.35 -12.78 12.48
C PRO D 701 44.55 -14.20 11.97
N THR D 702 45.77 -14.74 12.09
CA THR D 702 45.95 -16.15 11.76
C THR D 702 45.15 -17.05 12.69
N PHE D 703 45.15 -16.73 13.99
CA PHE D 703 44.28 -17.44 14.93
C PHE D 703 42.82 -17.19 14.63
N TYR D 704 42.49 -15.99 14.15
CA TYR D 704 41.12 -15.67 13.76
C TYR D 704 40.67 -16.55 12.61
N ARG D 705 41.53 -16.74 11.61
CA ARG D 705 41.13 -17.47 10.41
C ARG D 705 40.95 -18.95 10.68
N SER D 706 41.84 -19.54 11.47
CA SER D 706 41.77 -20.98 11.71
C SER D 706 40.58 -21.33 12.59
N ILE D 707 40.53 -20.78 13.80
CA ILE D 707 39.45 -21.07 14.75
C ILE D 707 38.06 -20.81 14.17
N ALA D 708 37.99 -20.07 13.06
CA ALA D 708 36.71 -19.78 12.43
C ALA D 708 35.97 -21.03 11.98
N PHE D 709 36.67 -22.15 11.83
CA PHE D 709 36.06 -23.36 11.30
C PHE D 709 35.58 -24.25 12.43
N ARG D 710 34.28 -24.53 12.47
CA ARG D 710 33.68 -25.41 13.44
C ARG D 710 33.04 -26.59 12.71
N SER D 711 32.88 -27.69 13.43
CA SER D 711 32.26 -28.90 12.89
C SER D 711 30.88 -29.05 13.52
N ILE D 712 29.85 -28.72 12.75
CA ILE D 712 28.47 -28.82 13.20
C ILE D 712 27.94 -30.21 12.88
N GLY D 713 27.40 -30.89 13.88
CA GLY D 713 26.82 -32.20 13.66
C GLY D 713 27.76 -33.33 13.99
N PHE D 714 27.33 -34.22 14.87
CA PHE D 714 28.16 -35.33 15.33
C PHE D 714 27.35 -36.61 15.27
N PRO D 715 27.83 -37.67 14.58
CA PRO D 715 27.15 -38.96 14.46
C PRO D 715 27.50 -39.91 15.58
ZN ZN E . -8.52 -10.60 -2.69
ZN ZN F . 19.23 -3.48 11.41
ZN ZN G . -35.77 1.71 -17.75
MG MG H . 32.90 16.11 35.86
ZN ZN I . 42.33 10.40 29.55
#